data_5BNY
#
_entry.id   5BNY
#
_cell.length_a   69.260
_cell.length_b   137.370
_cell.length_c   198.870
_cell.angle_alpha   90.000
_cell.angle_beta   90.000
_cell.angle_gamma   90.000
#
_symmetry.space_group_name_H-M   'P 21 21 21'
#
loop_
_entity.id
_entity.type
_entity.pdbx_description
1 polymer Hemagglutinin
2 polymer Hemagglutinin
3 branched 2-acetamido-2-deoxy-beta-D-glucopyranose-(1-4)-2-acetamido-2-deoxy-beta-D-glucopyranose
4 branched 2-acetamido-2-deoxy-beta-D-glucopyranose-(1-4)-2-acetamido-2-deoxy-beta-D-glucopyranose-(1-4)-2-acetamido-2-deoxy-beta-D-glucopyranose
5 non-polymer 2-acetamido-2-deoxy-beta-D-glucopyranose
6 water water
#
loop_
_entity_poly.entity_id
_entity_poly.type
_entity_poly.pdbx_seq_one_letter_code
_entity_poly.pdbx_strand_id
1 'polypeptide(L)'
;DKICIGYHANNSTTKVDTILEKNVTVTHSVELLENQKEERFCKISNKAPLDLRDCTLEGWILGNPRCGILLADQSWSYIV
ERPNARNGICYPGTLNEAEELKALIGSGERVERFEMFPKSTWTGVNTESGVSSACPLGNGPSFYRNLLWIIKLKSSEYPV
IRGTFNNTGDKSILYFWGVHHPPVTTEQNALYGSGDRYVRMGTESMNFARSPEIAARPAVNGQRGRIDYFWSILKPGETL
NVESNGNLIAPWYAYRFVNKDSKGAIFRSNLPIENCDATCQTTEGVIRTNKTFQNVSPLWIGECPKYVKSKSLRLATGLR
NVPQ
;
A,C,E
2 'polypeptide(L)'
;GLFGAIAGFIEGGWTGMIDGWYGYHHENSQGSGYAADKESTQKAIDGITNKVNSIIDKMNTQFEAVGHEFSNLERRIDNL
NKRMEDGFLDVWTYNAELLVLLENERTLDLHDANVKNLHEKVRSQLRDNANDLGNGCFEFWHKCNNECMESVKNGTYDYP
KYQKESRLNRQKIESVKLENFDVYQGALVPR
;
B,D,F
#
loop_
_chem_comp.id
_chem_comp.type
_chem_comp.name
_chem_comp.formula
NAG D-saccharide, beta linking 2-acetamido-2-deoxy-beta-D-glucopyranose 'C8 H15 N O6'
#
# COMPACT_ATOMS: atom_id res chain seq x y z
N ASP A 1 -13.23 58.12 -26.39
CA ASP A 1 -12.71 56.85 -26.89
C ASP A 1 -12.02 56.08 -25.77
N LYS A 2 -12.42 54.82 -25.59
CA LYS A 2 -11.84 54.00 -24.53
C LYS A 2 -11.81 52.50 -24.84
N ILE A 3 -10.91 51.80 -24.16
CA ILE A 3 -10.84 50.34 -24.26
C ILE A 3 -10.65 49.73 -22.86
N CYS A 4 -11.35 48.63 -22.61
CA CYS A 4 -11.28 47.96 -21.32
C CYS A 4 -10.83 46.51 -21.45
N ILE A 5 -10.04 46.04 -20.51
CA ILE A 5 -9.67 44.63 -20.45
C ILE A 5 -10.57 43.94 -19.42
N GLY A 6 -11.10 42.77 -19.75
CA GLY A 6 -11.96 42.06 -18.84
C GLY A 6 -12.02 40.57 -19.11
N TYR A 7 -12.91 39.88 -18.40
CA TYR A 7 -12.95 38.43 -18.45
C TYR A 7 -14.37 37.89 -18.52
N HIS A 8 -14.49 36.63 -18.92
CA HIS A 8 -15.78 36.00 -19.18
C HIS A 8 -16.58 35.78 -17.90
N ALA A 9 -17.88 35.94 -18.02
CA ALA A 9 -18.82 35.58 -16.95
C ALA A 9 -20.07 34.99 -17.57
N ASN A 10 -20.77 34.13 -16.84
CA ASN A 10 -22.00 33.54 -17.34
C ASN A 10 -23.00 33.19 -16.25
N ASN A 11 -24.01 32.40 -16.62
CA ASN A 11 -25.10 32.07 -15.73
C ASN A 11 -24.81 30.77 -14.98
N SER A 12 -23.59 30.26 -15.11
CA SER A 12 -23.22 29.03 -14.41
C SER A 12 -23.30 29.22 -12.90
N THR A 13 -23.99 28.29 -12.24
CA THR A 13 -24.03 28.22 -10.79
C THR A 13 -23.23 27.03 -10.25
N THR A 14 -22.51 26.35 -11.13
CA THR A 14 -21.72 25.18 -10.74
C THR A 14 -20.54 25.59 -9.88
N LYS A 15 -20.34 24.89 -8.77
CA LYS A 15 -19.31 25.25 -7.79
C LYS A 15 -18.22 24.19 -7.66
N VAL A 16 -17.03 24.65 -7.28
CA VAL A 16 -15.91 23.77 -6.96
C VAL A 16 -15.30 24.17 -5.61
N ASP A 17 -14.47 23.30 -5.07
CA ASP A 17 -13.77 23.61 -3.82
C ASP A 17 -12.29 23.87 -4.08
N THR A 18 -11.74 24.87 -3.38
CA THR A 18 -10.31 25.14 -3.45
C THR A 18 -9.71 25.02 -2.06
N ILE A 19 -8.39 25.13 -1.99
CA ILE A 19 -7.70 24.99 -0.71
C ILE A 19 -7.99 26.19 0.19
N LEU A 20 -8.15 27.37 -0.39
CA LEU A 20 -8.41 28.58 0.39
C LEU A 20 -9.89 28.85 0.62
N GLU A 21 -10.74 28.33 -0.25
CA GLU A 21 -12.16 28.66 -0.21
C GLU A 21 -13.03 27.51 -0.71
N LYS A 22 -14.14 27.25 -0.04
CA LYS A 22 -15.08 26.23 -0.51
C LYS A 22 -16.23 26.90 -1.25
N ASN A 23 -17.03 26.08 -1.94
CA ASN A 23 -18.22 26.55 -2.66
C ASN A 23 -17.93 27.75 -3.57
N VAL A 24 -16.98 27.59 -4.48
CA VAL A 24 -16.60 28.65 -5.40
C VAL A 24 -17.23 28.45 -6.77
N THR A 25 -18.06 29.40 -7.19
CA THR A 25 -18.73 29.33 -8.48
C THR A 25 -17.74 29.60 -9.62
N VAL A 26 -17.74 28.73 -10.62
CA VAL A 26 -16.83 28.89 -11.76
C VAL A 26 -17.58 28.83 -13.10
N THR A 27 -16.95 29.40 -14.12
CA THR A 27 -17.58 29.48 -15.45
C THR A 27 -17.59 28.13 -16.14
N HIS A 28 -16.52 27.36 -15.97
CA HIS A 28 -16.42 26.04 -16.59
C HIS A 28 -15.71 25.06 -15.66
N SER A 29 -16.22 23.84 -15.62
CA SER A 29 -15.65 22.79 -14.78
C SER A 29 -15.98 21.41 -15.35
N VAL A 30 -15.26 20.40 -14.90
CA VAL A 30 -15.53 19.03 -15.33
C VAL A 30 -15.58 18.10 -14.12
N GLU A 31 -16.61 17.25 -14.08
CA GLU A 31 -16.72 16.27 -13.01
C GLU A 31 -15.92 15.03 -13.37
N LEU A 32 -15.02 14.62 -12.47
CA LEU A 32 -14.16 13.47 -12.72
C LEU A 32 -14.69 12.18 -12.10
N LEU A 33 -15.67 12.30 -11.20
CA LEU A 33 -16.16 11.13 -10.48
C LEU A 33 -17.51 10.64 -10.97
N GLU A 34 -17.61 9.33 -11.18
CA GLU A 34 -18.85 8.73 -11.65
C GLU A 34 -19.57 7.96 -10.54
N ASN A 35 -20.82 8.32 -10.26
CA ASN A 35 -21.60 7.59 -9.26
C ASN A 35 -22.75 6.74 -9.83
N GLN A 36 -22.88 6.68 -11.15
CA GLN A 36 -24.03 5.99 -11.76
C GLN A 36 -23.73 4.59 -12.28
N LYS A 37 -24.68 3.68 -12.07
CA LYS A 37 -24.55 2.28 -12.47
C LYS A 37 -25.86 1.69 -12.99
N GLU A 38 -25.77 0.71 -13.89
CA GLU A 38 -26.91 -0.12 -14.25
C GLU A 38 -26.83 -1.36 -13.38
N GLU A 39 -27.84 -1.62 -12.55
CA GLU A 39 -27.70 -2.72 -11.63
C GLU A 39 -28.07 -3.99 -12.38
N ARG A 40 -27.06 -4.60 -12.98
CA ARG A 40 -27.23 -5.81 -13.79
C ARG A 40 -25.86 -6.28 -14.28
N PHE A 41 -25.80 -7.48 -14.83
CA PHE A 41 -24.56 -8.00 -15.39
C PHE A 41 -24.64 -8.11 -16.90
N CYS A 42 -23.59 -7.66 -17.58
CA CYS A 42 -23.54 -7.72 -19.05
C CYS A 42 -22.35 -8.55 -19.52
N LYS A 43 -22.14 -8.58 -20.83
CA LYS A 43 -21.05 -9.35 -21.40
C LYS A 43 -19.75 -8.53 -21.36
N ILE A 44 -18.66 -9.20 -21.00
CA ILE A 44 -17.33 -8.60 -21.09
C ILE A 44 -16.61 -9.19 -22.29
N SER A 45 -16.20 -8.31 -23.20
CA SER A 45 -15.51 -8.72 -24.43
C SER A 45 -16.41 -9.64 -25.24
N ASN A 46 -17.70 -9.31 -25.26
CA ASN A 46 -18.71 -10.04 -26.02
C ASN A 46 -18.84 -11.51 -25.61
N LYS A 47 -18.44 -11.80 -24.37
CA LYS A 47 -18.57 -13.15 -23.83
C LYS A 47 -19.43 -13.12 -22.58
N ALA A 48 -20.44 -13.98 -22.55
CA ALA A 48 -21.40 -14.01 -21.45
C ALA A 48 -20.81 -14.59 -20.18
N PRO A 49 -21.25 -14.08 -19.02
CA PRO A 49 -20.86 -14.64 -17.72
C PRO A 49 -21.59 -15.94 -17.41
N LEU A 50 -21.10 -16.69 -16.43
CA LEU A 50 -21.74 -17.92 -16.02
C LEU A 50 -22.68 -17.68 -14.86
N ASP A 51 -23.97 -17.92 -15.08
CA ASP A 51 -24.96 -17.81 -14.01
C ASP A 51 -25.06 -19.16 -13.30
N LEU A 52 -24.73 -19.19 -12.02
CA LEU A 52 -24.78 -20.42 -11.25
C LEU A 52 -26.19 -20.67 -10.72
N ARG A 53 -27.04 -19.66 -10.85
CA ARG A 53 -28.47 -19.79 -10.51
C ARG A 53 -28.69 -20.27 -9.07
N ASP A 54 -29.32 -21.42 -8.93
CA ASP A 54 -29.71 -21.91 -7.60
C ASP A 54 -28.65 -22.83 -6.99
N CYS A 55 -27.47 -22.86 -7.61
CA CYS A 55 -26.40 -23.71 -7.11
C CYS A 55 -25.22 -22.87 -6.58
N THR A 56 -24.62 -23.32 -5.49
CA THR A 56 -23.39 -22.70 -4.99
C THR A 56 -22.25 -23.18 -5.87
N LEU A 57 -21.11 -22.50 -5.81
CA LEU A 57 -19.97 -22.87 -6.63
C LEU A 57 -19.56 -24.32 -6.39
N GLU A 58 -19.55 -24.73 -5.13
CA GLU A 58 -19.20 -26.09 -4.77
C GLU A 58 -20.22 -27.08 -5.32
N GLY A 59 -21.50 -26.75 -5.18
CA GLY A 59 -22.57 -27.59 -5.68
C GLY A 59 -22.52 -27.79 -7.18
N TRP A 60 -22.09 -26.75 -7.89
CA TRP A 60 -21.96 -26.82 -9.33
C TRP A 60 -20.79 -27.70 -9.75
N ILE A 61 -19.61 -27.39 -9.21
CA ILE A 61 -18.37 -28.01 -9.67
C ILE A 61 -18.27 -29.46 -9.18
N LEU A 62 -18.94 -29.77 -8.07
CA LEU A 62 -19.02 -31.14 -7.58
C LEU A 62 -20.10 -31.93 -8.31
N GLY A 63 -21.02 -31.21 -8.95
CA GLY A 63 -22.09 -31.84 -9.69
C GLY A 63 -23.28 -32.30 -8.86
N ASN A 64 -23.73 -31.43 -7.97
CA ASN A 64 -24.99 -31.64 -7.25
C ASN A 64 -26.10 -31.96 -8.25
N PRO A 65 -26.85 -33.04 -7.99
CA PRO A 65 -27.85 -33.55 -8.95
C PRO A 65 -28.96 -32.55 -9.30
N ARG A 66 -29.14 -31.51 -8.49
CA ARG A 66 -30.14 -30.49 -8.77
C ARG A 66 -29.54 -29.35 -9.61
N CYS A 67 -28.26 -29.47 -9.91
CA CYS A 67 -27.53 -28.49 -10.69
C CYS A 67 -27.39 -28.92 -12.15
N GLY A 68 -28.18 -29.91 -12.55
CA GLY A 68 -28.07 -30.52 -13.86
C GLY A 68 -28.03 -29.59 -15.05
N ILE A 69 -28.72 -28.46 -14.96
CA ILE A 69 -28.74 -27.50 -16.05
C ILE A 69 -27.34 -26.94 -16.30
N LEU A 70 -26.50 -27.00 -15.27
CA LEU A 70 -25.15 -26.45 -15.36
C LEU A 70 -24.12 -27.54 -15.62
N LEU A 71 -24.56 -28.80 -15.65
CA LEU A 71 -23.59 -29.87 -15.79
C LEU A 71 -23.40 -30.09 -17.28
N ALA A 72 -22.40 -29.39 -17.80
CA ALA A 72 -22.09 -29.37 -19.23
C ALA A 72 -20.81 -28.57 -19.40
N ASP A 73 -20.41 -28.34 -20.64
CA ASP A 73 -19.34 -27.39 -20.91
C ASP A 73 -19.79 -25.97 -20.54
N GLN A 74 -18.87 -25.16 -20.03
CA GLN A 74 -19.17 -23.77 -19.69
C GLN A 74 -18.03 -22.83 -20.12
N SER A 75 -18.39 -21.68 -20.68
CA SER A 75 -17.41 -20.63 -20.97
C SER A 75 -17.88 -19.29 -20.43
N TRP A 76 -17.10 -18.69 -19.54
CA TRP A 76 -17.50 -17.45 -18.89
C TRP A 76 -16.43 -16.36 -18.97
N SER A 77 -16.88 -15.11 -19.02
CA SER A 77 -16.01 -13.96 -18.85
C SER A 77 -15.78 -13.78 -17.35
N TYR A 78 -16.83 -14.02 -16.58
CA TYR A 78 -16.75 -14.04 -15.12
C TYR A 78 -17.88 -14.90 -14.57
N ILE A 79 -17.91 -15.09 -13.25
CA ILE A 79 -18.91 -15.96 -12.64
C ILE A 79 -19.80 -15.23 -11.63
N VAL A 80 -21.10 -15.49 -11.69
CA VAL A 80 -22.03 -14.96 -10.71
C VAL A 80 -22.64 -16.05 -9.83
N GLU A 81 -22.41 -15.96 -8.53
CA GLU A 81 -23.02 -16.88 -7.57
C GLU A 81 -24.09 -16.13 -6.79
N ARG A 82 -25.25 -16.76 -6.60
CA ARG A 82 -26.37 -16.12 -5.91
C ARG A 82 -26.29 -16.40 -4.42
N PRO A 83 -26.53 -15.38 -3.59
CA PRO A 83 -26.29 -15.44 -2.15
C PRO A 83 -26.88 -16.66 -1.43
N ASN A 84 -28.14 -16.94 -1.69
CA ASN A 84 -28.87 -17.98 -0.95
C ASN A 84 -29.21 -19.25 -1.72
N ALA A 85 -28.45 -19.54 -2.78
CA ALA A 85 -28.65 -20.74 -3.57
C ALA A 85 -28.76 -21.98 -2.71
N ARG A 86 -29.79 -22.78 -2.97
CA ARG A 86 -30.13 -23.94 -2.16
C ARG A 86 -29.22 -25.12 -2.44
N ASN A 87 -28.72 -25.23 -3.66
CA ASN A 87 -27.99 -26.44 -4.01
C ASN A 87 -26.50 -26.26 -3.78
N GLY A 88 -26.03 -26.79 -2.65
CA GLY A 88 -24.64 -26.72 -2.24
C GLY A 88 -23.98 -28.08 -2.14
N ILE A 89 -23.22 -28.24 -1.06
CA ILE A 89 -22.69 -29.53 -0.68
C ILE A 89 -23.80 -30.22 0.10
N CYS A 90 -24.50 -31.15 -0.56
CA CYS A 90 -25.69 -31.76 0.00
C CYS A 90 -25.40 -32.81 1.07
N TYR A 91 -24.44 -33.68 0.81
CA TYR A 91 -24.03 -34.65 1.82
C TYR A 91 -23.01 -33.98 2.72
N PRO A 92 -23.32 -33.91 4.03
CA PRO A 92 -22.55 -33.12 4.98
C PRO A 92 -21.08 -33.50 5.03
N GLY A 93 -20.22 -32.49 5.10
CA GLY A 93 -18.78 -32.70 5.11
C GLY A 93 -18.05 -31.44 4.67
N THR A 94 -16.73 -31.46 4.76
CA THR A 94 -15.92 -30.30 4.41
C THR A 94 -15.25 -30.46 3.06
N LEU A 95 -15.32 -29.42 2.24
CA LEU A 95 -14.48 -29.35 1.04
C LEU A 95 -13.13 -28.77 1.43
N ASN A 96 -12.09 -29.58 1.32
CA ASN A 96 -10.75 -29.18 1.72
C ASN A 96 -10.16 -28.14 0.76
N GLU A 97 -9.56 -27.10 1.33
CA GLU A 97 -9.03 -25.98 0.55
C GLU A 97 -10.08 -25.39 -0.37
N ALA A 98 -11.28 -25.17 0.18
CA ALA A 98 -12.40 -24.63 -0.59
C ALA A 98 -12.11 -23.27 -1.20
N GLU A 99 -11.48 -22.40 -0.41
CA GLU A 99 -11.25 -21.02 -0.82
C GLU A 99 -10.21 -20.96 -1.94
N GLU A 100 -9.24 -21.87 -1.89
CA GLU A 100 -8.26 -21.98 -2.96
C GLU A 100 -8.90 -22.51 -4.23
N LEU A 101 -9.90 -23.37 -4.08
CA LEU A 101 -10.64 -23.89 -5.23
C LEU A 101 -11.41 -22.79 -5.94
N LYS A 102 -12.15 -21.99 -5.15
CA LYS A 102 -12.92 -20.88 -5.70
C LYS A 102 -12.00 -19.88 -6.39
N ALA A 103 -10.82 -19.69 -5.82
CA ALA A 103 -9.85 -18.74 -6.37
C ALA A 103 -9.29 -19.24 -7.69
N LEU A 104 -9.07 -20.55 -7.79
CA LEU A 104 -8.57 -21.16 -9.02
C LEU A 104 -9.57 -21.05 -10.15
N ILE A 105 -10.82 -21.42 -9.86
CA ILE A 105 -11.88 -21.40 -10.85
C ILE A 105 -12.15 -19.98 -11.33
N GLY A 106 -12.06 -19.03 -10.40
CA GLY A 106 -12.20 -17.62 -10.73
C GLY A 106 -11.13 -17.17 -11.71
N SER A 107 -9.98 -17.84 -11.68
CA SER A 107 -8.88 -17.54 -12.58
C SER A 107 -9.04 -18.32 -13.86
N GLY A 108 -10.18 -18.98 -14.02
CA GLY A 108 -10.44 -19.81 -15.18
C GLY A 108 -11.38 -19.16 -16.20
N GLU A 109 -11.38 -19.74 -17.40
CA GLU A 109 -12.17 -19.27 -18.52
C GLU A 109 -13.23 -20.28 -18.92
N ARG A 110 -12.80 -21.53 -19.10
CA ARG A 110 -13.67 -22.59 -19.59
C ARG A 110 -13.36 -23.94 -18.94
N VAL A 111 -14.40 -24.74 -18.75
CA VAL A 111 -14.23 -26.13 -18.34
C VAL A 111 -14.91 -27.07 -19.34
N GLU A 112 -14.23 -28.17 -19.64
CA GLU A 112 -14.79 -29.21 -20.49
C GLU A 112 -15.05 -30.45 -19.66
N ARG A 113 -16.32 -30.84 -19.55
CA ARG A 113 -16.69 -31.98 -18.72
C ARG A 113 -16.58 -33.30 -19.47
N PHE A 114 -15.85 -34.24 -18.88
CA PHE A 114 -15.67 -35.56 -19.49
C PHE A 114 -15.65 -36.63 -18.40
N GLU A 115 -15.81 -37.88 -18.80
CA GLU A 115 -15.82 -38.99 -17.84
C GLU A 115 -14.41 -39.50 -17.59
N MET A 116 -13.92 -39.27 -16.37
CA MET A 116 -12.56 -39.67 -16.02
C MET A 116 -12.49 -41.16 -15.73
N PHE A 117 -13.23 -41.60 -14.72
CA PHE A 117 -13.32 -43.02 -14.41
C PHE A 117 -14.76 -43.50 -14.53
N PRO A 118 -15.06 -44.28 -15.59
CA PRO A 118 -16.40 -44.89 -15.71
C PRO A 118 -16.62 -45.92 -14.61
N LYS A 119 -17.87 -46.27 -14.33
CA LYS A 119 -18.20 -47.21 -13.26
C LYS A 119 -17.50 -48.56 -13.44
N SER A 120 -17.17 -48.90 -14.68
CA SER A 120 -16.54 -50.17 -14.98
C SER A 120 -15.07 -50.21 -14.58
N THR A 121 -14.54 -49.05 -14.18
CA THR A 121 -13.16 -48.96 -13.71
C THR A 121 -12.93 -49.80 -12.45
N TRP A 122 -13.90 -49.77 -11.56
CA TRP A 122 -13.79 -50.36 -10.24
C TRP A 122 -14.38 -51.76 -10.21
N THR A 123 -13.55 -52.78 -10.03
CA THR A 123 -13.99 -54.15 -10.13
C THR A 123 -14.07 -54.84 -8.78
N GLY A 124 -15.13 -55.64 -8.59
CA GLY A 124 -15.34 -56.32 -7.33
C GLY A 124 -16.22 -55.53 -6.38
N VAL A 125 -16.83 -54.45 -6.87
CA VAL A 125 -17.62 -53.57 -6.00
C VAL A 125 -18.95 -53.15 -6.64
N ASN A 126 -19.81 -52.56 -5.81
CA ASN A 126 -21.10 -52.05 -6.26
C ASN A 126 -21.04 -50.57 -6.61
N THR A 127 -21.13 -50.26 -7.91
CA THR A 127 -21.11 -48.88 -8.36
C THR A 127 -22.49 -48.22 -8.45
N GLU A 128 -23.56 -49.01 -8.41
CA GLU A 128 -24.91 -48.47 -8.25
C GLU A 128 -25.27 -48.40 -6.77
N SER A 129 -26.48 -47.93 -6.45
CA SER A 129 -26.97 -47.86 -5.08
C SER A 129 -26.06 -46.96 -4.22
N GLY A 130 -25.31 -46.11 -4.90
CA GLY A 130 -24.38 -45.16 -4.29
C GLY A 130 -25.00 -43.80 -4.02
N VAL A 131 -26.26 -43.79 -3.60
CA VAL A 131 -27.03 -42.56 -3.46
C VAL A 131 -27.51 -42.29 -2.04
N SER A 132 -27.96 -41.06 -1.80
CA SER A 132 -28.40 -40.64 -0.48
C SER A 132 -29.55 -39.64 -0.54
N SER A 133 -30.41 -39.67 0.47
CA SER A 133 -31.55 -38.77 0.57
C SER A 133 -31.13 -37.35 0.89
N ALA A 134 -29.88 -37.18 1.30
CA ALA A 134 -29.32 -35.87 1.58
C ALA A 134 -29.05 -35.12 0.28
N CYS A 135 -28.91 -35.87 -0.80
CA CYS A 135 -28.71 -35.29 -2.12
C CYS A 135 -29.83 -35.70 -3.07
N PRO A 136 -31.06 -35.24 -2.81
CA PRO A 136 -32.18 -35.73 -3.62
C PRO A 136 -32.25 -35.15 -5.02
N LEU A 137 -32.64 -35.98 -5.98
CA LEU A 137 -33.06 -35.52 -7.30
C LEU A 137 -34.51 -35.92 -7.51
N GLY A 138 -35.40 -34.93 -7.58
CA GLY A 138 -36.82 -35.19 -7.53
C GLY A 138 -37.15 -35.68 -6.13
N ASN A 139 -37.95 -36.74 -6.05
CA ASN A 139 -38.25 -37.35 -4.76
C ASN A 139 -37.22 -38.40 -4.35
N GLY A 140 -36.69 -39.12 -5.33
CA GLY A 140 -35.76 -40.20 -5.06
C GLY A 140 -34.41 -39.70 -4.58
N PRO A 141 -33.72 -40.52 -3.77
CA PRO A 141 -32.37 -40.18 -3.31
C PRO A 141 -31.40 -40.19 -4.47
N SER A 142 -30.32 -39.41 -4.38
CA SER A 142 -29.34 -39.35 -5.45
C SER A 142 -27.97 -38.99 -4.92
N PHE A 143 -27.07 -38.61 -5.83
CA PHE A 143 -25.71 -38.26 -5.45
C PHE A 143 -25.08 -37.36 -6.51
N TYR A 144 -23.88 -36.85 -6.23
CA TYR A 144 -23.16 -36.00 -7.15
C TYR A 144 -22.89 -36.66 -8.50
N ARG A 145 -22.85 -35.86 -9.56
CA ARG A 145 -22.65 -36.40 -10.90
C ARG A 145 -21.17 -36.48 -11.25
N ASN A 146 -20.33 -35.86 -10.44
CA ASN A 146 -18.89 -35.93 -10.64
C ASN A 146 -18.23 -36.89 -9.66
N LEU A 147 -19.04 -37.53 -8.82
CA LEU A 147 -18.53 -38.43 -7.80
C LEU A 147 -19.28 -39.75 -7.79
N LEU A 148 -18.56 -40.82 -7.45
CA LEU A 148 -19.16 -42.14 -7.37
C LEU A 148 -19.03 -42.71 -5.96
N TRP A 149 -20.15 -42.97 -5.31
CA TRP A 149 -20.12 -43.54 -3.97
C TRP A 149 -20.11 -45.06 -4.12
N ILE A 150 -18.95 -45.64 -3.83
CA ILE A 150 -18.73 -47.07 -4.01
C ILE A 150 -18.95 -47.83 -2.71
N ILE A 151 -19.82 -48.84 -2.76
CA ILE A 151 -20.03 -49.71 -1.61
C ILE A 151 -19.74 -51.17 -1.94
N LYS A 152 -19.50 -51.94 -0.88
CA LYS A 152 -19.21 -53.36 -0.96
C LYS A 152 -20.33 -54.14 -1.65
N LEU A 153 -19.96 -55.21 -2.35
CA LEU A 153 -20.93 -56.19 -2.83
C LEU A 153 -21.57 -56.89 -1.65
N LYS A 154 -22.81 -57.34 -1.82
CA LYS A 154 -23.49 -58.03 -0.75
C LYS A 154 -22.82 -59.38 -0.49
N SER A 155 -22.42 -60.02 -1.57
CA SER A 155 -21.78 -61.33 -1.53
C SER A 155 -20.31 -61.32 -1.12
N SER A 156 -19.52 -60.46 -1.75
CA SER A 156 -18.07 -60.48 -1.55
C SER A 156 -17.55 -59.42 -0.58
N GLU A 157 -16.24 -59.40 -0.40
CA GLU A 157 -15.60 -58.38 0.42
C GLU A 157 -15.40 -57.15 -0.46
N TYR A 158 -14.92 -56.07 0.14
CA TYR A 158 -14.51 -54.90 -0.61
C TYR A 158 -13.05 -55.14 -0.99
N PRO A 159 -12.80 -55.44 -2.27
CA PRO A 159 -11.45 -55.73 -2.74
C PRO A 159 -10.62 -54.46 -2.88
N VAL A 160 -9.31 -54.59 -2.96
CA VAL A 160 -8.50 -53.43 -3.28
C VAL A 160 -8.83 -53.06 -4.72
N ILE A 161 -9.34 -51.84 -4.91
CA ILE A 161 -9.72 -51.39 -6.23
C ILE A 161 -8.75 -50.34 -6.75
N ARG A 162 -8.53 -50.35 -8.05
CA ARG A 162 -7.55 -49.49 -8.68
C ARG A 162 -8.07 -48.82 -9.94
N GLY A 163 -7.55 -47.63 -10.21
CA GLY A 163 -7.88 -46.92 -11.43
C GLY A 163 -6.70 -46.06 -11.85
N THR A 164 -6.60 -45.81 -13.14
CA THR A 164 -5.49 -45.04 -13.67
C THR A 164 -5.95 -44.12 -14.79
N PHE A 165 -5.55 -42.86 -14.73
CA PHE A 165 -5.82 -41.94 -15.82
C PHE A 165 -4.56 -41.19 -16.23
N ASN A 166 -4.18 -41.39 -17.49
CA ASN A 166 -3.06 -40.70 -18.11
C ASN A 166 -3.59 -39.49 -18.86
N ASN A 167 -3.16 -38.30 -18.46
CA ASN A 167 -3.63 -37.08 -19.11
C ASN A 167 -2.72 -36.73 -20.27
N THR A 168 -3.17 -37.06 -21.48
CA THR A 168 -2.38 -36.86 -22.69
C THR A 168 -2.74 -35.59 -23.45
N GLY A 169 -3.70 -34.84 -22.93
CA GLY A 169 -4.09 -33.58 -23.54
C GLY A 169 -3.17 -32.44 -23.16
N ASP A 170 -3.45 -31.25 -23.70
CA ASP A 170 -2.62 -30.08 -23.39
C ASP A 170 -3.21 -29.28 -22.24
N LYS A 171 -4.45 -29.59 -21.87
CA LYS A 171 -5.13 -28.85 -20.82
C LYS A 171 -5.13 -29.61 -19.51
N SER A 172 -4.98 -28.88 -18.41
CA SER A 172 -4.99 -29.47 -17.07
C SER A 172 -6.38 -30.01 -16.74
N ILE A 173 -6.42 -31.02 -15.88
CA ILE A 173 -7.68 -31.63 -15.50
C ILE A 173 -8.02 -31.39 -14.03
N LEU A 174 -9.17 -30.77 -13.81
CA LEU A 174 -9.69 -30.56 -12.46
C LEU A 174 -10.57 -31.74 -12.06
N TYR A 175 -10.19 -32.44 -11.00
CA TYR A 175 -10.94 -33.59 -10.55
C TYR A 175 -11.17 -33.58 -9.05
N PHE A 176 -12.15 -34.37 -8.61
CA PHE A 176 -12.57 -34.39 -7.22
C PHE A 176 -12.67 -35.81 -6.70
N TRP A 177 -12.50 -35.97 -5.39
CA TRP A 177 -12.74 -37.26 -4.74
C TRP A 177 -13.09 -37.04 -3.28
N GLY A 178 -13.32 -38.12 -2.55
CA GLY A 178 -13.72 -38.01 -1.16
C GLY A 178 -13.45 -39.23 -0.32
N VAL A 179 -13.55 -39.06 1.00
CA VAL A 179 -13.44 -40.15 1.95
C VAL A 179 -14.67 -40.16 2.84
N HIS A 180 -15.38 -41.28 2.85
CA HIS A 180 -16.59 -41.39 3.66
C HIS A 180 -16.26 -41.73 5.10
N HIS A 181 -16.87 -40.98 6.03
CA HIS A 181 -16.71 -41.24 7.45
C HIS A 181 -18.03 -41.59 8.12
N PRO A 182 -18.36 -42.90 8.17
CA PRO A 182 -19.56 -43.37 8.86
C PRO A 182 -19.56 -43.00 10.34
N PRO A 183 -20.75 -42.79 10.91
CA PRO A 183 -20.91 -42.40 12.31
C PRO A 183 -20.56 -43.50 13.31
N VAL A 184 -20.82 -44.74 12.95
CA VAL A 184 -20.58 -45.86 13.85
C VAL A 184 -19.86 -47.02 13.17
N THR A 185 -19.18 -47.83 13.97
CA THR A 185 -18.40 -48.96 13.47
C THR A 185 -19.29 -49.96 12.71
N THR A 186 -20.54 -50.06 13.14
CA THR A 186 -21.53 -50.91 12.47
C THR A 186 -21.62 -50.64 10.98
N GLU A 187 -21.84 -49.38 10.62
CA GLU A 187 -22.01 -49.01 9.22
C GLU A 187 -20.70 -49.19 8.44
N GLN A 188 -19.57 -48.94 9.11
CA GLN A 188 -18.27 -49.13 8.49
C GLN A 188 -18.10 -50.58 8.05
N ASN A 189 -18.49 -51.50 8.94
CA ASN A 189 -18.42 -52.92 8.63
C ASN A 189 -19.43 -53.32 7.55
N ALA A 190 -20.59 -52.68 7.56
CA ALA A 190 -21.64 -53.01 6.61
C ALA A 190 -21.35 -52.50 5.21
N LEU A 191 -20.83 -51.28 5.12
CA LEU A 191 -20.56 -50.66 3.82
C LEU A 191 -19.22 -51.02 3.20
N TYR A 192 -18.20 -51.17 4.04
CA TYR A 192 -16.85 -51.37 3.53
C TYR A 192 -16.21 -52.61 4.14
N GLY A 193 -16.10 -52.62 5.46
CA GLY A 193 -15.59 -53.77 6.18
C GLY A 193 -14.75 -53.42 7.39
N SER A 194 -14.35 -54.44 8.14
CA SER A 194 -13.53 -54.26 9.33
C SER A 194 -12.07 -54.13 8.90
N GLY A 195 -11.18 -54.10 9.88
CA GLY A 195 -9.77 -53.96 9.60
C GLY A 195 -9.39 -52.58 9.13
N ASP A 196 -8.14 -52.40 8.76
CA ASP A 196 -7.66 -51.08 8.35
C ASP A 196 -8.05 -50.77 6.91
N ARG A 197 -8.72 -49.65 6.73
CA ARG A 197 -9.15 -49.21 5.41
C ARG A 197 -8.40 -47.94 5.02
N TYR A 198 -8.25 -47.71 3.72
CA TYR A 198 -7.49 -46.57 3.24
C TYR A 198 -7.98 -46.04 1.89
N VAL A 199 -7.75 -44.75 1.67
CA VAL A 199 -7.98 -44.15 0.36
C VAL A 199 -6.71 -43.46 -0.11
N ARG A 200 -6.15 -43.94 -1.22
CA ARG A 200 -4.88 -43.45 -1.69
C ARG A 200 -4.90 -42.97 -3.13
N MET A 201 -4.51 -41.71 -3.29
CA MET A 201 -4.42 -41.05 -4.59
C MET A 201 -2.97 -40.64 -4.82
N GLY A 202 -2.50 -40.80 -6.06
CA GLY A 202 -1.16 -40.34 -6.35
C GLY A 202 -0.92 -39.99 -7.80
N THR A 203 -0.04 -39.00 -7.99
CA THR A 203 0.42 -38.59 -9.31
C THR A 203 1.94 -38.46 -9.25
N GLU A 204 2.52 -37.95 -10.33
CA GLU A 204 3.96 -37.73 -10.34
C GLU A 204 4.34 -36.66 -9.31
N SER A 205 3.45 -35.70 -9.09
CA SER A 205 3.71 -34.61 -8.17
C SER A 205 2.87 -34.62 -6.88
N MET A 206 1.95 -35.58 -6.73
CA MET A 206 1.08 -35.58 -5.56
C MET A 206 1.01 -36.92 -4.81
N ASN A 207 1.02 -36.84 -3.48
CA ASN A 207 0.86 -38.00 -2.64
C ASN A 207 -0.25 -37.79 -1.60
N PHE A 208 -1.31 -38.60 -1.69
CA PHE A 208 -2.47 -38.46 -0.83
C PHE A 208 -2.83 -39.80 -0.22
N ALA A 209 -3.03 -39.83 1.10
CA ALA A 209 -3.53 -41.02 1.77
C ALA A 209 -4.34 -40.64 3.00
N ARG A 210 -5.47 -41.31 3.21
CA ARG A 210 -6.29 -41.09 4.40
C ARG A 210 -6.91 -42.39 4.91
N SER A 211 -7.33 -42.37 6.17
CA SER A 211 -8.07 -43.47 6.75
C SER A 211 -9.42 -42.98 7.25
N PRO A 212 -10.39 -43.89 7.42
CA PRO A 212 -11.71 -43.52 7.94
C PRO A 212 -11.62 -43.09 9.39
N GLU A 213 -12.28 -42.00 9.75
CA GLU A 213 -12.29 -41.59 11.13
C GLU A 213 -13.71 -41.77 11.64
N ILE A 214 -13.99 -42.90 12.27
CA ILE A 214 -15.35 -43.22 12.69
C ILE A 214 -15.74 -42.49 13.97
N ALA A 215 -16.78 -41.66 13.89
CA ALA A 215 -17.19 -40.86 15.04
C ALA A 215 -18.66 -40.48 14.95
N ALA A 216 -19.31 -40.36 16.10
CA ALA A 216 -20.72 -39.99 16.13
C ALA A 216 -20.86 -38.48 16.11
N ARG A 217 -21.54 -37.98 15.08
CA ARG A 217 -21.66 -36.53 14.87
C ARG A 217 -23.12 -36.11 14.85
N PRO A 218 -23.38 -34.82 15.10
CA PRO A 218 -24.76 -34.31 14.98
C PRO A 218 -25.28 -34.48 13.57
N ALA A 219 -26.59 -34.74 13.44
CA ALA A 219 -27.17 -34.98 12.13
C ALA A 219 -27.24 -33.67 11.32
N VAL A 220 -26.79 -33.75 10.07
CA VAL A 220 -26.96 -32.67 9.11
C VAL A 220 -27.59 -33.25 7.86
N ASN A 221 -28.72 -32.67 7.44
CA ASN A 221 -29.51 -33.21 6.34
C ASN A 221 -29.84 -34.68 6.54
N GLY A 222 -30.15 -35.04 7.78
CA GLY A 222 -30.50 -36.40 8.14
C GLY A 222 -29.32 -37.36 8.11
N GLN A 223 -28.11 -36.82 8.14
CA GLN A 223 -26.91 -37.64 8.08
C GLN A 223 -25.95 -37.32 9.23
N ARG A 224 -25.59 -38.36 9.97
CA ARG A 224 -24.62 -38.22 11.05
C ARG A 224 -23.22 -38.53 10.52
N GLY A 225 -23.17 -39.07 9.31
CA GLY A 225 -21.91 -39.34 8.65
C GLY A 225 -21.37 -38.11 7.96
N ARG A 226 -20.13 -38.19 7.47
CA ARG A 226 -19.50 -37.08 6.77
C ARG A 226 -18.73 -37.55 5.55
N ILE A 227 -18.49 -36.64 4.62
CA ILE A 227 -17.57 -36.89 3.52
C ILE A 227 -16.53 -35.78 3.48
N ASP A 228 -15.26 -36.15 3.52
CA ASP A 228 -14.21 -35.16 3.30
C ASP A 228 -13.95 -35.08 1.81
N TYR A 229 -14.31 -33.95 1.21
CA TYR A 229 -14.15 -33.77 -0.22
C TYR A 229 -12.77 -33.19 -0.50
N PHE A 230 -12.17 -33.63 -1.59
CA PHE A 230 -10.88 -33.09 -1.99
C PHE A 230 -10.91 -32.79 -3.48
N TRP A 231 -10.04 -31.88 -3.89
CA TRP A 231 -9.89 -31.53 -5.30
C TRP A 231 -8.42 -31.40 -5.61
N SER A 232 -8.07 -31.60 -6.88
CA SER A 232 -6.70 -31.42 -7.32
C SER A 232 -6.63 -31.20 -8.81
N ILE A 233 -5.43 -30.92 -9.30
CA ILE A 233 -5.21 -30.63 -10.71
C ILE A 233 -4.28 -31.65 -11.32
N LEU A 234 -4.76 -32.39 -12.31
CA LEU A 234 -3.89 -33.31 -13.02
C LEU A 234 -3.24 -32.57 -14.17
N LYS A 235 -1.93 -32.39 -14.06
CA LYS A 235 -1.18 -31.63 -15.05
C LYS A 235 -1.10 -32.43 -16.35
N PRO A 236 -0.95 -31.74 -17.48
CA PRO A 236 -0.80 -32.45 -18.76
C PRO A 236 0.41 -33.37 -18.75
N GLY A 237 0.22 -34.60 -19.20
CA GLY A 237 1.30 -35.57 -19.21
C GLY A 237 1.42 -36.36 -17.91
N GLU A 238 0.73 -35.91 -16.86
CA GLU A 238 0.77 -36.63 -15.60
C GLU A 238 -0.22 -37.78 -15.56
N THR A 239 -0.11 -38.60 -14.52
CA THR A 239 -0.94 -39.78 -14.37
C THR A 239 -1.49 -39.87 -12.96
N LEU A 240 -2.77 -40.21 -12.83
CA LEU A 240 -3.37 -40.38 -11.52
C LEU A 240 -3.61 -41.86 -11.21
N ASN A 241 -3.04 -42.33 -10.11
CA ASN A 241 -3.34 -43.67 -9.63
C ASN A 241 -4.24 -43.60 -8.41
N VAL A 242 -5.36 -44.32 -8.49
CA VAL A 242 -6.29 -44.40 -7.38
C VAL A 242 -6.19 -45.77 -6.77
N GLU A 243 -6.01 -45.82 -5.46
CA GLU A 243 -5.90 -47.08 -4.74
C GLU A 243 -6.69 -47.05 -3.45
N SER A 244 -7.64 -47.97 -3.30
CA SER A 244 -8.45 -48.03 -2.10
C SER A 244 -9.01 -49.42 -1.83
N ASN A 245 -9.09 -49.78 -0.54
CA ASN A 245 -9.77 -51.00 -0.13
C ASN A 245 -11.09 -50.68 0.57
N GLY A 246 -11.48 -49.41 0.56
CA GLY A 246 -12.74 -49.00 1.15
C GLY A 246 -12.88 -47.52 1.46
N ASN A 247 -14.11 -47.09 1.72
CA ASN A 247 -14.43 -45.72 2.13
C ASN A 247 -14.11 -44.68 1.05
N LEU A 248 -13.99 -45.12 -0.18
CA LEU A 248 -13.66 -44.23 -1.28
C LEU A 248 -14.88 -43.60 -1.94
N ILE A 249 -14.88 -42.28 -2.03
CA ILE A 249 -15.79 -41.59 -2.93
C ILE A 249 -14.98 -41.25 -4.18
N ALA A 250 -15.23 -42.00 -5.25
CA ALA A 250 -14.35 -42.00 -6.41
C ALA A 250 -14.62 -40.85 -7.37
N PRO A 251 -13.56 -40.37 -8.04
CA PRO A 251 -13.74 -39.45 -9.17
C PRO A 251 -14.51 -40.14 -10.29
N TRP A 252 -15.52 -39.47 -10.83
CA TRP A 252 -16.27 -40.04 -11.95
C TRP A 252 -16.09 -39.15 -13.18
N TYR A 253 -16.73 -37.99 -13.14
CA TYR A 253 -16.51 -36.97 -14.16
C TYR A 253 -15.57 -35.88 -13.65
N ALA A 254 -14.75 -35.35 -14.55
CA ALA A 254 -13.84 -34.27 -14.22
C ALA A 254 -13.90 -33.20 -15.30
N TYR A 255 -13.08 -32.17 -15.15
CA TYR A 255 -13.09 -31.06 -16.09
C TYR A 255 -11.73 -30.80 -16.72
N ARG A 256 -11.71 -30.63 -18.04
CA ARG A 256 -10.54 -30.10 -18.70
C ARG A 256 -10.54 -28.60 -18.47
N PHE A 257 -9.43 -28.07 -17.98
CA PHE A 257 -9.41 -26.70 -17.47
C PHE A 257 -8.62 -25.75 -18.37
N VAL A 258 -9.15 -24.54 -18.54
CA VAL A 258 -8.49 -23.53 -19.34
C VAL A 258 -8.17 -22.30 -18.50
N ASN A 259 -6.88 -22.05 -18.29
CA ASN A 259 -6.43 -20.92 -17.49
C ASN A 259 -6.66 -19.57 -18.17
N LYS A 260 -7.29 -18.64 -17.46
CA LYS A 260 -7.51 -17.30 -17.98
C LYS A 260 -6.22 -16.48 -17.97
N ASP A 261 -5.96 -15.80 -19.07
CA ASP A 261 -4.69 -15.08 -19.23
C ASP A 261 -4.66 -13.73 -18.50
N SER A 262 -5.77 -13.40 -17.84
CA SER A 262 -5.83 -12.20 -17.01
C SER A 262 -6.66 -12.50 -15.78
N LYS A 263 -6.88 -11.50 -14.93
CA LYS A 263 -7.68 -11.71 -13.72
C LYS A 263 -9.14 -12.01 -14.07
N GLY A 264 -9.67 -13.07 -13.48
CA GLY A 264 -11.08 -13.39 -13.61
C GLY A 264 -11.79 -12.96 -12.35
N ALA A 265 -13.11 -13.02 -12.35
CA ALA A 265 -13.87 -12.58 -11.19
C ALA A 265 -15.02 -13.53 -10.85
N ILE A 266 -15.34 -13.58 -9.57
CA ILE A 266 -16.54 -14.27 -9.10
C ILE A 266 -17.33 -13.30 -8.25
N PHE A 267 -18.50 -12.91 -8.75
CA PHE A 267 -19.31 -11.93 -8.05
C PHE A 267 -20.39 -12.65 -7.26
N ARG A 268 -20.56 -12.27 -5.99
CA ARG A 268 -21.65 -12.85 -5.22
C ARG A 268 -22.76 -11.81 -5.16
N SER A 269 -23.81 -12.02 -5.96
CA SER A 269 -24.82 -11.01 -6.18
C SER A 269 -26.17 -11.56 -6.64
N ASN A 270 -27.22 -10.77 -6.45
CA ASN A 270 -28.56 -11.12 -6.91
C ASN A 270 -28.93 -10.46 -8.23
N LEU A 271 -28.02 -9.63 -8.76
CA LEU A 271 -28.32 -8.86 -9.96
C LEU A 271 -28.53 -9.77 -11.17
N PRO A 272 -29.45 -9.37 -12.06
CA PRO A 272 -29.75 -10.17 -13.25
C PRO A 272 -28.65 -10.14 -14.32
N ILE A 273 -28.42 -11.31 -14.93
CA ILE A 273 -27.53 -11.41 -16.07
C ILE A 273 -28.30 -11.27 -17.37
N GLU A 274 -27.87 -10.34 -18.22
CA GLU A 274 -28.60 -10.05 -19.45
C GLU A 274 -27.71 -10.14 -20.68
N ASN A 275 -28.33 -10.11 -21.86
CA ASN A 275 -27.56 -10.07 -23.09
C ASN A 275 -27.34 -8.60 -23.45
N CYS A 276 -26.20 -8.08 -23.02
CA CYS A 276 -25.86 -6.67 -23.22
C CYS A 276 -24.34 -6.56 -23.18
N ASP A 277 -23.82 -5.38 -23.45
CA ASP A 277 -22.37 -5.22 -23.48
C ASP A 277 -21.86 -4.19 -22.49
N ALA A 278 -20.70 -4.48 -21.90
CA ALA A 278 -20.07 -3.55 -20.98
C ALA A 278 -18.56 -3.59 -21.13
N THR A 279 -17.93 -2.44 -20.96
CA THR A 279 -16.48 -2.36 -20.89
C THR A 279 -16.06 -2.52 -19.43
N CYS A 280 -16.83 -1.87 -18.56
CA CYS A 280 -16.61 -1.93 -17.12
C CYS A 280 -17.79 -2.59 -16.42
N GLN A 281 -17.53 -3.73 -15.78
CA GLN A 281 -18.56 -4.43 -15.05
C GLN A 281 -18.18 -4.58 -13.58
N THR A 282 -18.94 -3.94 -12.70
CA THR A 282 -18.66 -4.06 -11.27
C THR A 282 -19.60 -5.08 -10.66
N THR A 283 -19.37 -5.40 -9.39
CA THR A 283 -20.23 -6.35 -8.69
C THR A 283 -21.56 -5.69 -8.34
N GLU A 284 -21.57 -4.36 -8.34
CA GLU A 284 -22.78 -3.61 -8.04
C GLU A 284 -23.54 -3.20 -9.30
N GLY A 285 -22.91 -3.40 -10.45
CA GLY A 285 -23.55 -3.09 -11.72
C GLY A 285 -22.60 -2.58 -12.79
N VAL A 286 -23.16 -2.23 -13.94
CA VAL A 286 -22.37 -1.74 -15.07
C VAL A 286 -22.12 -0.24 -14.95
N ILE A 287 -20.89 0.18 -15.23
CA ILE A 287 -20.58 1.60 -15.29
C ILE A 287 -20.26 2.02 -16.72
N ARG A 288 -21.03 2.98 -17.24
CA ARG A 288 -20.75 3.53 -18.56
C ARG A 288 -20.35 4.99 -18.45
N THR A 289 -19.06 5.27 -18.61
CA THR A 289 -18.57 6.62 -18.38
C THR A 289 -17.22 6.91 -19.04
N ASN A 290 -16.94 8.19 -19.27
CA ASN A 290 -15.61 8.60 -19.68
C ASN A 290 -14.83 9.18 -18.50
N LYS A 291 -15.45 9.17 -17.32
CA LYS A 291 -14.87 9.77 -16.13
C LYS A 291 -13.70 8.97 -15.56
N THR A 292 -12.88 9.64 -14.76
CA THR A 292 -11.63 9.06 -14.25
C THR A 292 -11.84 8.26 -12.96
N PHE A 293 -12.82 8.66 -12.15
CA PHE A 293 -13.06 8.03 -10.86
C PHE A 293 -14.47 7.49 -10.71
N GLN A 294 -14.65 6.55 -9.78
CA GLN A 294 -16.00 6.09 -9.44
C GLN A 294 -16.13 5.68 -7.98
N ASN A 295 -17.30 5.94 -7.40
CA ASN A 295 -17.57 5.61 -6.01
C ASN A 295 -18.45 4.36 -5.86
N VAL A 296 -18.65 3.65 -6.98
CA VAL A 296 -19.63 2.56 -7.01
C VAL A 296 -19.12 1.29 -6.33
N SER A 297 -18.04 0.70 -6.83
CA SER A 297 -17.53 -0.52 -6.21
C SER A 297 -16.03 -0.74 -6.43
N PRO A 298 -15.35 -1.31 -5.43
CA PRO A 298 -13.95 -1.74 -5.53
C PRO A 298 -13.77 -3.04 -6.31
N LEU A 299 -14.85 -3.79 -6.48
CA LEU A 299 -14.80 -5.11 -7.11
C LEU A 299 -15.34 -5.10 -8.52
N TRP A 300 -14.50 -5.39 -9.51
CA TRP A 300 -14.98 -5.36 -10.89
C TRP A 300 -14.13 -6.22 -11.82
N ILE A 301 -14.66 -6.43 -13.02
CA ILE A 301 -13.93 -7.10 -14.08
C ILE A 301 -13.98 -6.16 -15.28
N GLY A 302 -12.95 -6.18 -16.11
CA GLY A 302 -12.87 -5.32 -17.27
C GLY A 302 -12.09 -4.04 -16.99
N GLU A 303 -12.35 -3.00 -17.78
CA GLU A 303 -11.65 -1.73 -17.60
C GLU A 303 -12.52 -0.69 -16.88
N CYS A 304 -12.23 -0.44 -15.60
CA CYS A 304 -13.03 0.48 -14.80
C CYS A 304 -12.21 1.66 -14.27
N PRO A 305 -12.86 2.81 -14.07
CA PRO A 305 -12.23 3.96 -13.42
C PRO A 305 -11.83 3.67 -11.97
N LYS A 306 -10.82 4.39 -11.49
CA LYS A 306 -10.29 4.22 -10.14
C LYS A 306 -11.37 4.40 -9.07
N TYR A 307 -11.37 3.52 -8.08
CA TYR A 307 -12.36 3.57 -7.00
C TYR A 307 -11.91 4.46 -5.84
N VAL A 308 -12.77 5.38 -5.44
CA VAL A 308 -12.52 6.26 -4.29
C VAL A 308 -13.79 6.43 -3.46
N LYS A 309 -13.65 7.01 -2.27
CA LYS A 309 -14.79 7.22 -1.38
C LYS A 309 -15.51 8.54 -1.67
N SER A 310 -14.91 9.39 -2.50
CA SER A 310 -15.39 10.74 -2.73
C SER A 310 -16.83 10.77 -3.27
N LYS A 311 -17.57 11.81 -2.87
CA LYS A 311 -18.90 12.03 -3.43
C LYS A 311 -18.79 12.81 -4.72
N SER A 312 -17.78 13.67 -4.82
CA SER A 312 -17.55 14.47 -6.02
C SER A 312 -16.09 14.86 -6.18
N LEU A 313 -15.60 14.84 -7.41
CA LEU A 313 -14.28 15.36 -7.68
C LEU A 313 -14.36 16.26 -8.91
N ARG A 314 -14.51 17.56 -8.71
CA ARG A 314 -14.73 18.46 -9.83
C ARG A 314 -13.56 19.43 -10.03
N LEU A 315 -12.93 19.33 -11.19
CA LEU A 315 -11.83 20.23 -11.52
C LEU A 315 -12.35 21.49 -12.20
N ALA A 316 -11.88 22.64 -11.73
CA ALA A 316 -12.15 23.89 -12.42
C ALA A 316 -11.35 23.93 -13.72
N THR A 317 -12.00 24.39 -14.78
CA THR A 317 -11.35 24.62 -16.06
C THR A 317 -11.44 26.11 -16.39
N GLY A 318 -12.66 26.65 -16.34
CA GLY A 318 -12.87 28.08 -16.49
C GLY A 318 -12.46 28.85 -15.25
N LEU A 319 -12.95 30.08 -15.12
CA LEU A 319 -12.53 30.95 -14.02
C LEU A 319 -13.67 31.28 -13.06
N ARG A 320 -13.34 32.01 -12.00
CA ARG A 320 -14.30 32.41 -10.97
C ARG A 320 -15.44 33.21 -11.60
N ASN A 321 -16.68 32.78 -11.41
CA ASN A 321 -17.78 33.44 -12.11
C ASN A 321 -18.25 34.67 -11.36
N VAL A 322 -18.05 35.83 -12.00
CA VAL A 322 -18.35 37.12 -11.40
C VAL A 322 -19.21 37.98 -12.33
N PRO A 323 -20.52 37.71 -12.41
CA PRO A 323 -21.35 38.57 -13.28
C PRO A 323 -21.40 40.01 -12.78
N GLN A 324 -21.65 40.93 -13.70
CA GLN A 324 -21.73 42.36 -13.43
C GLN A 324 -22.54 42.71 -12.19
N GLY B 1 -0.34 32.94 -5.62
CA GLY B 1 -1.35 33.76 -4.98
C GLY B 1 -2.23 34.52 -5.96
N LEU B 2 -3.16 35.31 -5.42
CA LEU B 2 -4.03 36.14 -6.24
C LEU B 2 -3.20 37.17 -7.01
N PHE B 3 -3.54 37.41 -8.26
CA PHE B 3 -2.83 38.41 -9.05
C PHE B 3 -3.59 39.72 -9.13
N GLY B 4 -4.69 39.81 -8.38
CA GLY B 4 -5.36 41.08 -8.14
C GLY B 4 -6.30 41.59 -9.22
N ALA B 5 -6.40 40.86 -10.33
CA ALA B 5 -7.23 41.30 -11.44
C ALA B 5 -8.68 40.82 -11.29
N ILE B 6 -8.88 39.51 -11.42
CA ILE B 6 -10.22 38.92 -11.34
C ILE B 6 -10.83 39.14 -9.96
N ALA B 7 -12.02 39.74 -9.94
CA ALA B 7 -12.69 40.17 -8.70
C ALA B 7 -11.76 41.09 -7.91
N GLY B 8 -10.84 41.73 -8.64
CA GLY B 8 -9.85 42.63 -8.11
C GLY B 8 -10.13 44.03 -8.61
N PHE B 9 -9.09 44.68 -9.13
CA PHE B 9 -9.21 46.03 -9.66
C PHE B 9 -10.12 46.03 -10.90
N ILE B 10 -10.32 44.84 -11.50
CA ILE B 10 -11.43 44.66 -12.41
C ILE B 10 -12.53 43.94 -11.63
N GLU B 11 -13.54 44.69 -11.20
CA GLU B 11 -14.46 44.25 -10.15
C GLU B 11 -15.35 43.07 -10.55
N GLY B 12 -15.67 42.97 -11.84
CA GLY B 12 -16.57 41.92 -12.28
C GLY B 12 -16.29 41.44 -13.69
N GLY B 13 -16.99 40.39 -14.09
CA GLY B 13 -16.81 39.82 -15.41
C GLY B 13 -17.83 40.33 -16.40
N TRP B 14 -17.70 39.91 -17.65
CA TRP B 14 -18.59 40.33 -18.71
C TRP B 14 -19.43 39.16 -19.22
N THR B 15 -20.74 39.23 -19.02
CA THR B 15 -21.64 38.23 -19.58
C THR B 15 -21.78 38.46 -21.08
N GLY B 16 -21.31 39.62 -21.53
CA GLY B 16 -21.41 39.99 -22.93
C GLY B 16 -20.29 39.49 -23.81
N MET B 17 -19.21 38.98 -23.21
CA MET B 17 -18.11 38.43 -24.01
C MET B 17 -18.20 36.92 -24.02
N ILE B 18 -18.71 36.38 -25.12
CA ILE B 18 -19.04 34.96 -25.20
C ILE B 18 -18.09 34.11 -26.04
N ASP B 19 -17.12 34.73 -26.71
CA ASP B 19 -16.24 33.99 -27.61
C ASP B 19 -14.88 33.66 -27.00
N GLY B 20 -14.69 34.02 -25.74
CA GLY B 20 -13.42 33.78 -25.08
C GLY B 20 -13.42 34.06 -23.59
N TRP B 21 -12.35 33.64 -22.91
CA TRP B 21 -12.21 33.84 -21.48
C TRP B 21 -11.76 35.25 -21.14
N TYR B 22 -10.78 35.74 -21.88
CA TYR B 22 -10.21 37.07 -21.64
C TYR B 22 -10.37 37.93 -22.89
N GLY B 23 -10.64 39.22 -22.71
CA GLY B 23 -10.82 40.07 -23.86
C GLY B 23 -11.03 41.56 -23.59
N TYR B 24 -11.59 42.23 -24.60
CA TYR B 24 -11.69 43.68 -24.60
C TYR B 24 -13.12 44.18 -24.79
N HIS B 25 -13.37 45.38 -24.30
CA HIS B 25 -14.54 46.14 -24.69
C HIS B 25 -14.06 47.51 -25.10
N HIS B 26 -14.41 47.92 -26.32
CA HIS B 26 -13.88 49.15 -26.88
C HIS B 26 -14.96 50.18 -27.11
N GLU B 27 -14.59 51.46 -27.09
CA GLU B 27 -15.56 52.48 -27.43
C GLU B 27 -15.00 53.63 -28.28
N ASN B 28 -15.69 53.87 -29.38
CA ASN B 28 -15.41 55.00 -30.26
C ASN B 28 -16.62 55.38 -31.14
N SER B 29 -16.39 56.26 -32.11
CA SER B 29 -17.43 56.74 -33.01
C SER B 29 -18.07 55.65 -33.86
N GLN B 30 -17.33 54.58 -34.11
CA GLN B 30 -17.79 53.49 -34.97
C GLN B 30 -18.66 52.45 -34.25
N GLY B 31 -18.98 52.71 -32.99
CA GLY B 31 -19.86 51.85 -32.22
C GLY B 31 -19.14 51.05 -31.15
N SER B 32 -19.81 50.09 -30.53
CA SER B 32 -19.19 49.38 -29.41
C SER B 32 -19.29 47.86 -29.53
N GLY B 33 -18.67 47.16 -28.59
CA GLY B 33 -18.73 45.71 -28.57
C GLY B 33 -17.71 45.02 -27.69
N TYR B 34 -17.95 43.73 -27.43
CA TYR B 34 -17.00 42.89 -26.72
C TYR B 34 -16.23 42.07 -27.75
N ALA B 35 -14.97 41.82 -27.47
CA ALA B 35 -14.16 40.96 -28.33
C ALA B 35 -13.18 40.17 -27.48
N ALA B 36 -13.11 38.86 -27.72
CA ALA B 36 -12.21 38.00 -26.98
C ALA B 36 -10.78 38.26 -27.40
N ASP B 37 -9.85 38.15 -26.45
CA ASP B 37 -8.43 38.21 -26.78
C ASP B 37 -8.00 36.87 -27.33
N LYS B 38 -7.52 36.90 -28.56
CA LYS B 38 -7.33 35.70 -29.36
C LYS B 38 -6.07 34.92 -28.95
N GLU B 39 -5.03 35.64 -28.55
CA GLU B 39 -3.78 34.99 -28.12
C GLU B 39 -3.90 34.24 -26.80
N SER B 40 -4.29 34.96 -25.75
CA SER B 40 -4.31 34.43 -24.39
C SER B 40 -5.39 33.38 -24.12
N THR B 41 -6.54 33.52 -24.79
CA THR B 41 -7.64 32.58 -24.59
C THR B 41 -7.25 31.17 -25.07
N GLN B 42 -6.71 31.09 -26.28
CA GLN B 42 -6.30 29.80 -26.85
C GLN B 42 -5.20 29.13 -26.03
N LYS B 43 -4.23 29.92 -25.59
CA LYS B 43 -3.10 29.42 -24.84
C LYS B 43 -3.54 28.86 -23.48
N ALA B 44 -4.52 29.52 -22.87
CA ALA B 44 -5.07 29.07 -21.60
C ALA B 44 -5.82 27.76 -21.77
N ILE B 45 -6.61 27.68 -22.85
CA ILE B 45 -7.35 26.47 -23.17
C ILE B 45 -6.40 25.29 -23.39
N ASP B 46 -5.31 25.53 -24.10
CA ASP B 46 -4.32 24.49 -24.37
C ASP B 46 -3.67 23.98 -23.08
N GLY B 47 -3.34 24.89 -22.18
CA GLY B 47 -2.70 24.53 -20.93
C GLY B 47 -3.62 23.76 -20.00
N ILE B 48 -4.83 24.26 -19.83
CA ILE B 48 -5.81 23.63 -18.96
C ILE B 48 -6.24 22.27 -19.52
N THR B 49 -6.42 22.18 -20.83
CA THR B 49 -6.70 20.90 -21.47
C THR B 49 -5.57 19.93 -21.14
N ASN B 50 -4.34 20.44 -21.24
CA ASN B 50 -3.16 19.65 -20.92
C ASN B 50 -3.13 19.25 -19.46
N LYS B 51 -3.47 20.19 -18.57
CA LYS B 51 -3.53 19.90 -17.14
C LYS B 51 -4.56 18.81 -16.83
N VAL B 52 -5.75 18.97 -17.38
CA VAL B 52 -6.83 18.01 -17.14
C VAL B 52 -6.47 16.65 -17.69
N ASN B 53 -5.96 16.62 -18.91
CA ASN B 53 -5.53 15.36 -19.53
C ASN B 53 -4.38 14.71 -18.78
N SER B 54 -3.42 15.52 -18.35
CA SER B 54 -2.27 15.01 -17.61
C SER B 54 -2.68 14.42 -16.26
N ILE B 55 -3.63 15.07 -15.59
CA ILE B 55 -4.13 14.58 -14.32
C ILE B 55 -4.86 13.25 -14.52
N ILE B 56 -5.76 13.22 -15.51
CA ILE B 56 -6.48 12.00 -15.84
C ILE B 56 -5.53 10.86 -16.18
N ASP B 57 -4.48 11.17 -16.94
CA ASP B 57 -3.52 10.16 -17.38
C ASP B 57 -2.68 9.59 -16.24
N LYS B 58 -2.43 10.41 -15.21
CA LYS B 58 -1.64 9.93 -14.08
C LYS B 58 -2.54 9.17 -13.12
N MET B 59 -3.85 9.37 -13.27
CA MET B 59 -4.86 8.66 -12.49
C MET B 59 -5.33 7.41 -13.23
N ASN B 60 -4.64 7.06 -14.31
CA ASN B 60 -5.11 6.07 -15.26
C ASN B 60 -4.71 4.63 -14.90
N THR B 61 -4.31 4.44 -13.65
CA THR B 61 -4.11 3.08 -13.15
C THR B 61 -5.10 2.84 -12.03
N GLN B 62 -5.35 1.56 -11.72
CA GLN B 62 -6.31 1.22 -10.68
C GLN B 62 -5.79 0.10 -9.77
N PHE B 63 -5.92 0.30 -8.46
CA PHE B 63 -5.78 -0.80 -7.53
C PHE B 63 -7.03 -1.65 -7.61
N GLU B 64 -6.87 -2.93 -7.89
CA GLU B 64 -8.03 -3.81 -8.01
C GLU B 64 -8.09 -4.81 -6.88
N ALA B 65 -9.06 -4.63 -6.00
CA ALA B 65 -9.36 -5.60 -4.95
C ALA B 65 -9.93 -6.87 -5.57
N VAL B 66 -9.84 -7.98 -4.84
CA VAL B 66 -10.38 -9.24 -5.33
C VAL B 66 -11.45 -9.76 -4.38
N GLY B 67 -12.29 -10.66 -4.88
CA GLY B 67 -13.37 -11.21 -4.07
C GLY B 67 -13.00 -12.54 -3.47
N HIS B 68 -11.70 -12.75 -3.28
CA HIS B 68 -11.21 -13.99 -2.67
C HIS B 68 -11.78 -14.18 -1.28
N GLU B 69 -11.94 -15.44 -0.89
CA GLU B 69 -12.56 -15.78 0.38
C GLU B 69 -11.55 -16.40 1.35
N PHE B 70 -11.85 -16.29 2.64
CA PHE B 70 -10.98 -16.80 3.67
C PHE B 70 -11.76 -17.58 4.71
N SER B 71 -11.17 -18.66 5.22
CA SER B 71 -11.84 -19.49 6.22
C SER B 71 -11.82 -18.83 7.58
N ASN B 72 -12.45 -19.46 8.57
CA ASN B 72 -12.47 -18.94 9.92
C ASN B 72 -11.11 -19.07 10.61
N LEU B 73 -10.22 -19.85 10.02
CA LEU B 73 -8.86 -19.98 10.54
C LEU B 73 -7.87 -19.11 9.75
N GLU B 74 -8.41 -18.31 8.83
CA GLU B 74 -7.60 -17.40 8.04
C GLU B 74 -7.82 -15.92 8.40
N ARG B 75 -8.34 -15.67 9.60
CA ARG B 75 -8.70 -14.34 10.06
C ARG B 75 -7.55 -13.33 9.92
N ARG B 76 -6.31 -13.78 10.14
CA ARG B 76 -5.18 -12.86 10.09
C ARG B 76 -4.88 -12.36 8.67
N ILE B 77 -4.83 -13.27 7.70
CA ILE B 77 -4.53 -12.87 6.34
C ILE B 77 -5.75 -12.23 5.69
N ASP B 78 -6.93 -12.55 6.22
CA ASP B 78 -8.15 -11.89 5.80
C ASP B 78 -8.06 -10.41 6.16
N ASN B 79 -7.74 -10.15 7.43
CA ASN B 79 -7.62 -8.79 7.94
C ASN B 79 -6.45 -8.07 7.25
N LEU B 80 -5.41 -8.84 6.92
CA LEU B 80 -4.27 -8.30 6.20
C LEU B 80 -4.71 -7.77 4.84
N ASN B 81 -5.50 -8.58 4.14
CA ASN B 81 -6.01 -8.21 2.83
C ASN B 81 -6.91 -6.98 2.91
N LYS B 82 -7.71 -6.91 3.97
CA LYS B 82 -8.63 -5.80 4.16
C LYS B 82 -7.89 -4.49 4.47
N ARG B 83 -6.89 -4.56 5.34
CA ARG B 83 -6.13 -3.38 5.71
C ARG B 83 -5.32 -2.85 4.53
N MET B 84 -4.93 -3.75 3.64
CA MET B 84 -4.24 -3.35 2.43
C MET B 84 -5.19 -2.66 1.46
N GLU B 85 -6.34 -3.29 1.24
CA GLU B 85 -7.33 -2.75 0.32
C GLU B 85 -7.87 -1.42 0.80
N ASP B 86 -8.17 -1.31 2.09
CA ASP B 86 -8.56 -0.02 2.68
C ASP B 86 -7.38 0.94 2.67
N GLY B 87 -6.18 0.39 2.73
CA GLY B 87 -4.96 1.20 2.77
C GLY B 87 -4.80 1.99 1.49
N PHE B 88 -4.89 1.30 0.36
CA PHE B 88 -4.75 1.95 -0.94
C PHE B 88 -5.98 2.80 -1.27
N LEU B 89 -7.14 2.39 -0.77
CA LEU B 89 -8.35 3.17 -0.99
C LEU B 89 -8.21 4.54 -0.35
N ASP B 90 -7.68 4.56 0.87
CA ASP B 90 -7.48 5.80 1.59
C ASP B 90 -6.37 6.66 0.98
N VAL B 91 -5.35 6.00 0.42
CA VAL B 91 -4.24 6.74 -0.20
C VAL B 91 -4.70 7.46 -1.45
N TRP B 92 -5.44 6.75 -2.31
CA TRP B 92 -5.90 7.31 -3.57
C TRP B 92 -7.02 8.33 -3.38
N THR B 93 -7.86 8.12 -2.37
CA THR B 93 -8.89 9.09 -2.02
C THR B 93 -8.23 10.39 -1.59
N TYR B 94 -7.21 10.27 -0.75
CA TYR B 94 -6.43 11.41 -0.30
C TYR B 94 -5.82 12.15 -1.50
N ASN B 95 -5.14 11.40 -2.35
CA ASN B 95 -4.48 11.98 -3.52
C ASN B 95 -5.46 12.71 -4.43
N ALA B 96 -6.57 12.07 -4.75
CA ALA B 96 -7.55 12.64 -5.66
C ALA B 96 -8.18 13.90 -5.08
N GLU B 97 -8.68 13.79 -3.85
CA GLU B 97 -9.39 14.89 -3.21
C GLU B 97 -8.49 16.10 -2.94
N LEU B 98 -7.25 15.84 -2.52
CA LEU B 98 -6.33 16.94 -2.22
C LEU B 98 -5.81 17.58 -3.50
N LEU B 99 -5.60 16.78 -4.54
CA LEU B 99 -5.12 17.31 -5.82
C LEU B 99 -6.12 18.29 -6.39
N VAL B 100 -7.40 17.96 -6.23
CA VAL B 100 -8.47 18.80 -6.75
C VAL B 100 -8.48 20.14 -6.03
N LEU B 101 -8.33 20.11 -4.71
CA LEU B 101 -8.29 21.34 -3.92
C LEU B 101 -7.13 22.23 -4.34
N LEU B 102 -5.93 21.64 -4.39
CA LEU B 102 -4.73 22.39 -4.69
C LEU B 102 -4.72 22.94 -6.12
N GLU B 103 -5.11 22.10 -7.09
CA GLU B 103 -5.06 22.50 -8.50
C GLU B 103 -6.21 23.42 -8.90
N ASN B 104 -7.35 23.33 -8.23
CA ASN B 104 -8.42 24.28 -8.46
C ASN B 104 -7.98 25.68 -8.09
N GLU B 105 -7.22 25.76 -7.01
CA GLU B 105 -6.63 27.03 -6.58
C GLU B 105 -5.72 27.55 -7.68
N ARG B 106 -4.84 26.68 -8.16
CA ARG B 106 -3.88 27.02 -9.20
C ARG B 106 -4.55 27.47 -10.51
N THR B 107 -5.61 26.76 -10.90
CA THR B 107 -6.32 27.05 -12.14
C THR B 107 -6.96 28.43 -12.12
N LEU B 108 -7.63 28.76 -11.01
CA LEU B 108 -8.27 30.05 -10.86
C LEU B 108 -7.24 31.18 -10.83
N ASP B 109 -6.12 30.93 -10.15
CA ASP B 109 -5.04 31.91 -10.11
C ASP B 109 -4.39 32.07 -11.48
N LEU B 110 -4.37 30.99 -12.25
CA LEU B 110 -3.80 31.01 -13.60
C LEU B 110 -4.56 32.01 -14.47
N HIS B 111 -5.88 31.95 -14.40
CA HIS B 111 -6.73 32.88 -15.13
C HIS B 111 -6.49 34.31 -14.67
N ASP B 112 -6.33 34.47 -13.36
CA ASP B 112 -6.08 35.77 -12.75
C ASP B 112 -4.80 36.37 -13.32
N ALA B 113 -3.74 35.56 -13.38
CA ALA B 113 -2.47 35.99 -13.93
C ALA B 113 -2.59 36.34 -15.41
N ASN B 114 -3.41 35.57 -16.12
CA ASN B 114 -3.60 35.79 -17.55
C ASN B 114 -4.31 37.13 -17.81
N VAL B 115 -5.31 37.43 -16.98
CA VAL B 115 -6.02 38.71 -17.08
C VAL B 115 -5.10 39.88 -16.72
N LYS B 116 -4.35 39.74 -15.63
CA LYS B 116 -3.41 40.79 -15.22
C LYS B 116 -2.38 41.04 -16.31
N ASN B 117 -1.82 39.97 -16.84
CA ASN B 117 -0.79 40.08 -17.88
C ASN B 117 -1.37 40.71 -19.14
N LEU B 118 -2.61 40.36 -19.44
CA LEU B 118 -3.28 40.93 -20.59
C LEU B 118 -3.47 42.43 -20.39
N HIS B 119 -3.77 42.83 -19.17
CA HIS B 119 -3.98 44.24 -18.84
C HIS B 119 -2.68 45.04 -18.91
N GLU B 120 -1.60 44.48 -18.38
CA GLU B 120 -0.28 45.12 -18.46
C GLU B 120 0.24 45.16 -19.89
N LYS B 121 -0.11 44.17 -20.68
CA LYS B 121 0.32 44.14 -22.07
C LYS B 121 -0.22 45.38 -22.76
N VAL B 122 -1.49 45.68 -22.51
CA VAL B 122 -2.14 46.86 -23.06
C VAL B 122 -1.62 48.16 -22.44
N ARG B 123 -1.55 48.19 -21.11
CA ARG B 123 -1.08 49.36 -20.38
C ARG B 123 0.31 49.79 -20.83
N SER B 124 1.14 48.81 -21.16
CA SER B 124 2.52 49.07 -21.57
C SER B 124 2.63 49.77 -22.92
N GLN B 125 1.70 49.47 -23.84
CA GLN B 125 1.75 50.08 -25.17
C GLN B 125 1.22 51.50 -25.16
N LEU B 126 0.12 51.71 -24.45
CA LEU B 126 -0.56 53.00 -24.47
C LEU B 126 0.25 54.07 -23.77
N ARG B 127 0.93 53.69 -22.69
CA ARG B 127 1.76 54.61 -21.92
C ARG B 127 0.99 55.88 -21.54
N ASP B 128 1.53 57.03 -21.90
CA ASP B 128 0.90 58.30 -21.56
C ASP B 128 -0.06 58.77 -22.65
N ASN B 129 -0.24 57.96 -23.68
CA ASN B 129 -1.25 58.23 -24.70
C ASN B 129 -2.65 57.90 -24.22
N ALA B 130 -2.74 57.31 -23.03
CA ALA B 130 -4.03 56.93 -22.47
C ALA B 130 -4.11 57.19 -20.98
N ASN B 131 -5.34 57.36 -20.49
CA ASN B 131 -5.59 57.64 -19.09
C ASN B 131 -6.03 56.36 -18.37
N ASP B 132 -5.19 55.86 -17.48
CA ASP B 132 -5.50 54.62 -16.78
C ASP B 132 -6.50 54.89 -15.65
N LEU B 133 -7.71 54.34 -15.79
CA LEU B 133 -8.75 54.58 -14.80
C LEU B 133 -8.58 53.67 -13.59
N GLY B 134 -7.69 52.69 -13.71
CA GLY B 134 -7.38 51.78 -12.61
C GLY B 134 -8.35 50.63 -12.44
N ASN B 135 -9.45 50.67 -13.19
CA ASN B 135 -10.46 49.60 -13.10
C ASN B 135 -10.35 48.62 -14.27
N GLY B 136 -9.32 48.78 -15.09
CA GLY B 136 -9.12 47.93 -16.25
C GLY B 136 -9.47 48.61 -17.56
N CYS B 137 -9.86 49.88 -17.47
CA CYS B 137 -10.23 50.65 -18.66
C CYS B 137 -9.20 51.74 -18.95
N PHE B 138 -9.06 52.09 -20.23
CA PHE B 138 -8.17 53.16 -20.65
C PHE B 138 -8.90 54.16 -21.54
N GLU B 139 -8.92 55.43 -21.12
CA GLU B 139 -9.47 56.50 -21.95
C GLU B 139 -8.39 57.12 -22.84
N PHE B 140 -8.64 57.13 -24.15
CA PHE B 140 -7.66 57.64 -25.11
C PHE B 140 -7.60 59.17 -25.16
N TRP B 141 -6.40 59.71 -25.23
CA TRP B 141 -6.19 61.16 -25.38
C TRP B 141 -6.24 61.59 -26.83
N HIS B 142 -6.53 60.65 -27.72
CA HIS B 142 -6.64 60.93 -29.14
C HIS B 142 -7.80 60.13 -29.69
N LYS B 143 -8.19 60.40 -30.93
CA LYS B 143 -9.27 59.64 -31.54
C LYS B 143 -8.73 58.26 -31.86
N CYS B 144 -9.43 57.22 -31.43
CA CYS B 144 -8.98 55.88 -31.67
C CYS B 144 -10.03 55.11 -32.43
N ASN B 145 -9.81 54.94 -33.73
CA ASN B 145 -10.78 54.26 -34.57
C ASN B 145 -10.73 52.75 -34.38
N ASN B 146 -11.55 52.03 -35.15
CA ASN B 146 -11.60 50.57 -35.06
C ASN B 146 -10.25 49.93 -35.32
N GLU B 147 -9.54 50.42 -36.33
CA GLU B 147 -8.22 49.88 -36.66
C GLU B 147 -7.24 50.20 -35.53
N CYS B 148 -7.41 51.36 -34.91
CA CYS B 148 -6.59 51.74 -33.76
C CYS B 148 -6.84 50.75 -32.62
N MET B 149 -8.11 50.44 -32.38
CA MET B 149 -8.49 49.46 -31.38
C MET B 149 -7.87 48.10 -31.70
N GLU B 150 -7.94 47.70 -32.96
CA GLU B 150 -7.37 46.43 -33.41
C GLU B 150 -5.87 46.36 -33.13
N SER B 151 -5.19 47.48 -33.32
CA SER B 151 -3.74 47.54 -33.13
C SER B 151 -3.38 47.24 -31.68
N VAL B 152 -4.24 47.65 -30.77
CA VAL B 152 -4.05 47.39 -29.35
C VAL B 152 -4.15 45.89 -29.08
N LYS B 153 -5.15 45.27 -29.69
CA LYS B 153 -5.39 43.84 -29.52
C LYS B 153 -4.23 43.02 -30.11
N ASN B 154 -3.73 43.44 -31.27
CA ASN B 154 -2.58 42.79 -31.90
C ASN B 154 -1.30 43.05 -31.11
N GLY B 155 -1.35 44.06 -30.26
CA GLY B 155 -0.20 44.41 -29.44
C GLY B 155 0.79 45.19 -30.27
N THR B 156 0.30 45.70 -31.40
CA THR B 156 1.10 46.44 -32.36
C THR B 156 0.85 47.94 -32.33
N TYR B 157 0.18 48.41 -31.28
CA TYR B 157 -0.19 49.83 -31.13
C TYR B 157 0.99 50.76 -31.36
N ASP B 158 0.78 51.74 -32.23
CA ASP B 158 1.84 52.66 -32.61
C ASP B 158 1.83 53.87 -31.69
N TYR B 159 2.77 53.89 -30.75
CA TYR B 159 2.85 54.95 -29.76
C TYR B 159 3.29 56.30 -30.33
N PRO B 160 4.44 56.35 -31.05
CA PRO B 160 4.88 57.66 -31.51
C PRO B 160 3.96 58.28 -32.57
N LYS B 161 3.17 57.47 -33.26
CA LYS B 161 2.24 57.98 -34.25
C LYS B 161 1.22 58.94 -33.65
N TYR B 162 0.68 58.57 -32.48
CA TYR B 162 -0.34 59.37 -31.81
C TYR B 162 0.23 60.21 -30.67
N GLN B 163 1.54 60.12 -30.45
CA GLN B 163 2.17 60.74 -29.28
C GLN B 163 1.92 62.24 -29.16
N LYS B 164 2.10 62.96 -30.26
CA LYS B 164 1.97 64.41 -30.23
C LYS B 164 0.52 64.84 -30.00
N GLU B 165 -0.41 64.20 -30.70
CA GLU B 165 -1.85 64.53 -30.58
C GLU B 165 -2.38 64.34 -29.17
N SER B 166 -1.89 63.29 -28.50
CA SER B 166 -2.30 62.99 -27.13
C SER B 166 -1.76 64.06 -26.21
N ARG B 167 -0.48 64.39 -26.41
CA ARG B 167 0.21 65.32 -25.53
C ARG B 167 -0.30 66.74 -25.62
N LEU B 168 -0.70 67.13 -26.82
CA LEU B 168 -1.19 68.49 -27.05
C LEU B 168 -2.49 68.72 -26.31
N ASN B 169 -3.21 67.64 -26.01
CA ASN B 169 -4.43 67.87 -25.28
C ASN B 169 -3.95 67.95 -23.84
N ARG B 170 -3.77 69.20 -23.42
CA ARG B 170 -3.48 69.60 -22.05
C ARG B 170 -4.35 70.83 -21.91
N GLN B 171 -5.34 70.79 -21.03
CA GLN B 171 -6.21 71.94 -20.87
C GLN B 171 -5.47 73.07 -20.14
N ASP C 1 22.05 55.78 -24.94
CA ASP C 1 22.39 55.02 -23.74
C ASP C 1 21.17 54.29 -23.20
N LYS C 2 21.30 52.98 -22.99
CA LYS C 2 20.19 52.18 -22.48
C LYS C 2 20.64 50.96 -21.70
N ILE C 3 19.74 50.44 -20.87
CA ILE C 3 19.99 49.20 -20.14
C ILE C 3 18.78 48.28 -20.23
N CYS C 4 19.04 46.99 -20.41
CA CYS C 4 17.98 46.00 -20.53
C CYS C 4 18.13 44.92 -19.48
N ILE C 5 17.01 44.46 -18.94
CA ILE C 5 17.00 43.31 -18.03
C ILE C 5 16.56 42.10 -18.85
N GLY C 6 17.26 40.98 -18.67
CA GLY C 6 16.94 39.80 -19.43
C GLY C 6 17.40 38.52 -18.75
N TYR C 7 17.28 37.41 -19.46
CA TYR C 7 17.52 36.11 -18.87
C TYR C 7 18.36 35.21 -19.78
N HIS C 8 18.93 34.17 -19.17
CA HIS C 8 19.89 33.30 -19.86
C HIS C 8 19.25 32.45 -20.95
N ALA C 9 20.02 32.22 -22.01
CA ALA C 9 19.66 31.26 -23.05
C ALA C 9 20.90 30.53 -23.50
N ASN C 10 20.74 29.30 -23.98
CA ASN C 10 21.86 28.52 -24.48
C ASN C 10 21.45 27.53 -25.56
N ASN C 11 22.35 26.59 -25.83
CA ASN C 11 22.20 25.62 -26.90
C ASN C 11 21.53 24.32 -26.47
N SER C 12 20.99 24.30 -25.27
CA SER C 12 20.26 23.13 -24.77
C SER C 12 19.04 22.79 -25.62
N THR C 13 18.94 21.52 -26.02
CA THR C 13 17.73 21.01 -26.65
C THR C 13 17.01 20.03 -25.72
N THR C 14 17.48 19.92 -24.48
CA THR C 14 16.88 19.00 -23.51
C THR C 14 15.51 19.51 -23.07
N LYS C 15 14.53 18.61 -23.07
CA LYS C 15 13.15 18.99 -22.79
C LYS C 15 12.60 18.36 -21.52
N VAL C 16 11.65 19.05 -20.91
CA VAL C 16 10.92 18.53 -19.76
C VAL C 16 9.42 18.71 -19.97
N ASP C 17 8.62 18.03 -19.17
CA ASP C 17 7.18 18.17 -19.24
C ASP C 17 6.66 18.96 -18.05
N THR C 18 5.67 19.83 -18.30
CA THR C 18 5.03 20.57 -17.24
C THR C 18 3.55 20.22 -17.22
N ILE C 19 2.82 20.71 -16.22
CA ILE C 19 1.42 20.38 -16.12
C ILE C 19 0.62 21.08 -17.22
N LEU C 20 1.03 22.29 -17.60
CA LEU C 20 0.33 23.04 -18.64
C LEU C 20 0.85 22.77 -20.05
N GLU C 21 2.10 22.33 -20.16
CA GLU C 21 2.72 22.20 -21.47
C GLU C 21 3.75 21.07 -21.51
N LYS C 22 3.76 20.33 -22.61
CA LYS C 22 4.69 19.23 -22.81
C LYS C 22 5.86 19.58 -23.73
N ASN C 23 6.96 18.87 -23.54
CA ASN C 23 8.18 19.02 -24.34
C ASN C 23 8.62 20.49 -24.40
N VAL C 24 8.95 21.00 -23.22
CA VAL C 24 9.41 22.37 -23.05
C VAL C 24 10.93 22.39 -22.92
N THR C 25 11.60 23.07 -23.85
CA THR C 25 13.05 23.14 -23.83
C THR C 25 13.51 24.03 -22.69
N VAL C 26 14.44 23.53 -21.89
CA VAL C 26 14.95 24.29 -20.76
C VAL C 26 16.48 24.37 -20.80
N THR C 27 17.01 25.39 -20.14
CA THR C 27 18.45 25.65 -20.16
C THR C 27 19.20 24.64 -19.31
N HIS C 28 18.60 24.25 -18.19
CA HIS C 28 19.22 23.31 -17.28
C HIS C 28 18.18 22.40 -16.66
N SER C 29 18.54 21.12 -16.53
CA SER C 29 17.65 20.12 -15.96
C SER C 29 18.47 18.97 -15.39
N VAL C 30 17.85 18.16 -14.55
CA VAL C 30 18.52 16.98 -14.00
C VAL C 30 17.60 15.76 -14.11
N GLU C 31 18.15 14.67 -14.63
CA GLU C 31 17.41 13.41 -14.77
C GLU C 31 17.45 12.60 -13.48
N LEU C 32 16.27 12.20 -13.00
CA LEU C 32 16.20 11.46 -11.74
C LEU C 32 16.10 9.96 -11.93
N LEU C 33 15.80 9.51 -13.15
CA LEU C 33 15.57 8.09 -13.38
C LEU C 33 16.71 7.40 -14.14
N GLU C 34 17.12 6.24 -13.64
CA GLU C 34 18.17 5.46 -14.28
C GLU C 34 17.63 4.24 -15.02
N ASN C 35 17.89 4.16 -16.32
CA ASN C 35 17.46 3.00 -17.11
C ASN C 35 18.61 2.08 -17.57
N GLN C 36 19.84 2.36 -17.16
CA GLN C 36 20.98 1.57 -17.63
C GLN C 36 21.44 0.51 -16.63
N LYS C 37 21.78 -0.66 -17.15
CA LYS C 37 22.21 -1.77 -16.33
C LYS C 37 23.34 -2.55 -17.00
N GLU C 38 24.19 -3.15 -16.17
CA GLU C 38 25.14 -4.14 -16.64
C GLU C 38 24.51 -5.51 -16.43
N GLU C 39 24.31 -6.27 -17.51
CA GLU C 39 23.60 -7.52 -17.36
C GLU C 39 24.59 -8.59 -16.90
N ARG C 40 24.68 -8.72 -15.57
CA ARG C 40 25.60 -9.63 -14.92
C ARG C 40 25.42 -9.54 -13.41
N PHE C 41 26.04 -10.48 -12.69
CA PHE C 41 26.01 -10.44 -11.23
C PHE C 41 27.39 -10.11 -10.68
N CYS C 42 27.44 -9.21 -9.71
CA CYS C 42 28.72 -8.83 -9.10
C CYS C 42 28.70 -9.11 -7.61
N LYS C 43 29.78 -8.75 -6.92
CA LYS C 43 29.88 -8.97 -5.48
C LYS C 43 29.24 -7.84 -4.69
N ILE C 44 28.51 -8.20 -3.65
CA ILE C 44 27.97 -7.24 -2.70
C ILE C 44 28.75 -7.31 -1.39
N SER C 45 29.32 -6.18 -0.96
CA SER C 45 30.07 -6.10 0.29
C SER C 45 31.27 -7.05 0.29
N ASN C 46 31.97 -7.11 -0.84
CA ASN C 46 33.17 -7.93 -1.01
C ASN C 46 32.87 -9.41 -0.84
N LYS C 47 31.62 -9.80 -1.05
CA LYS C 47 31.22 -11.20 -0.95
C LYS C 47 30.61 -11.72 -2.24
N ALA C 48 31.12 -12.87 -2.68
CA ALA C 48 30.65 -13.47 -3.93
C ALA C 48 29.27 -14.08 -3.73
N PRO C 49 28.42 -14.04 -4.76
CA PRO C 49 27.14 -14.73 -4.67
C PRO C 49 27.30 -16.23 -4.83
N LEU C 50 26.30 -17.00 -4.41
CA LEU C 50 26.34 -18.44 -4.59
C LEU C 50 25.60 -18.85 -5.85
N ASP C 51 26.32 -19.42 -6.81
CA ASP C 51 25.69 -19.94 -8.01
C ASP C 51 25.29 -21.40 -7.76
N LEU C 52 24.00 -21.68 -7.89
CA LEU C 52 23.51 -23.03 -7.67
C LEU C 52 23.77 -23.88 -8.91
N ARG C 53 24.19 -23.23 -9.98
CA ARG C 53 24.63 -23.91 -11.19
C ARG C 53 23.55 -24.84 -11.74
N ASP C 54 23.86 -26.13 -11.80
CA ASP C 54 22.95 -27.10 -12.38
C ASP C 54 22.08 -27.73 -11.30
N CYS C 55 22.11 -27.16 -10.10
CA CYS C 55 21.32 -27.68 -8.99
C CYS C 55 20.25 -26.69 -8.54
N THR C 56 19.08 -27.23 -8.20
CA THR C 56 18.01 -26.46 -7.58
C THR C 56 18.34 -26.25 -6.10
N LEU C 57 17.67 -25.31 -5.45
CA LEU C 57 17.91 -25.04 -4.03
C LEU C 57 17.75 -26.28 -3.16
N GLU C 58 16.69 -27.04 -3.40
CA GLU C 58 16.48 -28.29 -2.66
C GLU C 58 17.58 -29.28 -2.96
N GLY C 59 17.95 -29.39 -4.23
CA GLY C 59 19.00 -30.30 -4.65
C GLY C 59 20.34 -29.97 -3.98
N TRP C 60 20.58 -28.69 -3.76
CA TRP C 60 21.80 -28.27 -3.09
C TRP C 60 21.75 -28.60 -1.61
N ILE C 61 20.69 -28.18 -0.93
CA ILE C 61 20.63 -28.27 0.52
C ILE C 61 20.41 -29.69 1.00
N LEU C 62 19.76 -30.52 0.17
CA LEU C 62 19.58 -31.93 0.48
C LEU C 62 20.80 -32.76 0.10
N GLY C 63 21.64 -32.21 -0.78
CA GLY C 63 22.83 -32.90 -1.21
C GLY C 63 22.60 -33.94 -2.28
N ASN C 64 21.84 -33.58 -3.32
CA ASN C 64 21.70 -34.40 -4.52
C ASN C 64 23.09 -34.82 -4.99
N PRO C 65 23.28 -36.13 -5.23
CA PRO C 65 24.62 -36.66 -5.50
C PRO C 65 25.33 -36.04 -6.71
N ARG C 66 24.59 -35.38 -7.59
CA ARG C 66 25.20 -34.70 -8.73
C ARG C 66 25.56 -33.25 -8.41
N CYS C 67 25.30 -32.85 -7.16
CA CYS C 67 25.58 -31.48 -6.72
C CYS C 67 26.87 -31.34 -5.94
N GLY C 68 27.76 -32.33 -6.07
CA GLY C 68 29.00 -32.40 -5.32
C GLY C 68 29.83 -31.13 -5.39
N ILE C 69 29.69 -30.39 -6.48
CA ILE C 69 30.43 -29.14 -6.67
C ILE C 69 30.05 -28.14 -5.58
N LEU C 70 28.86 -28.32 -5.03
CA LEU C 70 28.31 -27.44 -4.00
C LEU C 70 28.44 -28.02 -2.60
N LEU C 71 29.03 -29.20 -2.47
CA LEU C 71 28.96 -29.88 -1.19
C LEU C 71 30.08 -29.39 -0.29
N ALA C 72 29.72 -28.38 0.50
CA ALA C 72 30.64 -27.67 1.39
C ALA C 72 29.89 -26.67 2.26
N ASP C 73 30.65 -25.91 3.04
CA ASP C 73 30.14 -24.70 3.69
C ASP C 73 29.87 -23.69 2.59
N GLN C 74 28.88 -22.82 2.80
CA GLN C 74 28.62 -21.77 1.83
C GLN C 74 28.41 -20.42 2.50
N SER C 75 29.04 -19.40 1.94
CA SER C 75 28.82 -18.02 2.35
C SER C 75 28.51 -17.19 1.12
N TRP C 76 27.34 -16.56 1.11
CA TRP C 76 26.89 -15.82 -0.06
C TRP C 76 26.46 -14.41 0.31
N SER C 77 26.62 -13.48 -0.62
CA SER C 77 26.01 -12.17 -0.48
C SER C 77 24.55 -12.31 -0.87
N TYR C 78 24.32 -13.11 -1.91
CA TYR C 78 22.98 -13.50 -2.34
C TYR C 78 23.09 -14.81 -3.12
N ILE C 79 21.95 -15.34 -3.54
CA ILE C 79 21.96 -16.63 -4.22
C ILE C 79 21.42 -16.48 -5.65
N VAL C 80 22.10 -17.12 -6.60
CA VAL C 80 21.64 -17.15 -7.96
C VAL C 80 21.21 -18.57 -8.31
N GLU C 81 19.94 -18.74 -8.61
CA GLU C 81 19.42 -20.04 -9.01
C GLU C 81 19.14 -20.03 -10.50
N ARG C 82 19.54 -21.10 -11.19
CA ARG C 82 19.38 -21.17 -12.63
C ARG C 82 18.05 -21.82 -12.99
N PRO C 83 17.34 -21.22 -13.97
CA PRO C 83 15.97 -21.56 -14.35
C PRO C 83 15.73 -23.05 -14.58
N ASN C 84 16.62 -23.67 -15.36
CA ASN C 84 16.43 -25.03 -15.82
C ASN C 84 17.29 -26.11 -15.15
N ALA C 85 17.77 -25.83 -13.94
CA ALA C 85 18.58 -26.78 -13.20
C ALA C 85 17.95 -28.16 -13.16
N ARG C 86 18.73 -29.14 -13.57
CA ARG C 86 18.29 -30.52 -13.71
C ARG C 86 18.31 -31.27 -12.39
N ASN C 87 19.21 -30.90 -11.48
CA ASN C 87 19.38 -31.68 -10.26
C ASN C 87 18.61 -31.08 -9.09
N GLY C 88 17.45 -31.69 -8.83
CA GLY C 88 16.54 -31.30 -7.76
C GLY C 88 16.41 -32.40 -6.74
N ILE C 89 15.15 -32.66 -6.37
CA ILE C 89 14.81 -33.82 -5.55
C ILE C 89 14.71 -35.00 -6.51
N CYS C 90 15.74 -35.84 -6.50
CA CYS C 90 15.87 -36.91 -7.47
C CYS C 90 14.91 -38.07 -7.19
N TYR C 91 14.83 -38.47 -5.92
CA TYR C 91 13.89 -39.49 -5.52
C TYR C 91 12.53 -38.85 -5.22
N PRO C 92 11.48 -39.29 -5.93
CA PRO C 92 10.15 -38.66 -5.93
C PRO C 92 9.51 -38.59 -4.55
N GLY C 93 8.87 -37.46 -4.27
CA GLY C 93 8.21 -37.22 -3.00
C GLY C 93 8.07 -35.74 -2.73
N THR C 94 7.36 -35.39 -1.66
CA THR C 94 7.14 -33.99 -1.34
C THR C 94 8.02 -33.53 -0.17
N LEU C 95 8.68 -32.39 -0.36
CA LEU C 95 9.34 -31.70 0.74
C LEU C 95 8.32 -30.80 1.41
N ASN C 96 8.00 -31.11 2.67
CA ASN C 96 7.00 -30.37 3.40
C ASN C 96 7.46 -28.95 3.72
N GLU C 97 6.59 -27.98 3.49
CA GLU C 97 6.91 -26.56 3.66
C GLU C 97 8.13 -26.12 2.85
N ALA C 98 8.14 -26.48 1.57
CA ALA C 98 9.25 -26.13 0.68
C ALA C 98 9.47 -24.61 0.54
N GLU C 99 8.38 -23.86 0.40
CA GLU C 99 8.49 -22.43 0.14
C GLU C 99 9.00 -21.67 1.36
N GLU C 100 8.61 -22.15 2.55
CA GLU C 100 9.10 -21.58 3.79
C GLU C 100 10.58 -21.87 3.98
N LEU C 101 11.02 -23.01 3.46
CA LEU C 101 12.43 -23.37 3.51
C LEU C 101 13.27 -22.39 2.70
N LYS C 102 12.85 -22.12 1.47
CA LYS C 102 13.55 -21.18 0.61
C LYS C 102 13.60 -19.78 1.22
N ALA C 103 12.54 -19.41 1.92
CA ALA C 103 12.47 -18.10 2.55
C ALA C 103 13.46 -17.98 3.69
N LEU C 104 13.61 -19.07 4.45
CA LEU C 104 14.55 -19.11 5.56
C LEU C 104 15.98 -19.03 5.07
N ILE C 105 16.32 -19.87 4.09
CA ILE C 105 17.67 -19.92 3.54
C ILE C 105 18.00 -18.60 2.83
N GLY C 106 17.00 -18.02 2.16
CA GLY C 106 17.15 -16.73 1.52
C GLY C 106 17.43 -15.63 2.53
N SER C 107 16.95 -15.82 3.75
CA SER C 107 17.15 -14.87 4.84
C SER C 107 18.46 -15.16 5.55
N GLY C 108 19.24 -16.07 4.98
CA GLY C 108 20.49 -16.48 5.58
C GLY C 108 21.69 -15.82 4.95
N GLU C 109 22.80 -15.92 5.67
CA GLU C 109 24.07 -15.32 5.30
C GLU C 109 25.08 -16.44 5.01
N ARG C 110 25.17 -17.37 5.96
CA ARG C 110 26.14 -18.45 5.89
C ARG C 110 25.56 -19.74 6.45
N VAL C 111 25.95 -20.87 5.87
CA VAL C 111 25.67 -22.17 6.46
C VAL C 111 26.96 -22.96 6.62
N GLU C 112 27.09 -23.65 7.75
CA GLU C 112 28.23 -24.51 7.99
C GLU C 112 27.81 -25.97 8.01
N ARG C 113 28.37 -26.76 7.11
CA ARG C 113 27.99 -28.17 6.97
C ARG C 113 28.76 -29.03 7.95
N PHE C 114 28.05 -29.84 8.73
CA PHE C 114 28.68 -30.74 9.68
C PHE C 114 27.93 -32.06 9.76
N GLU C 115 28.57 -33.07 10.34
CA GLU C 115 27.94 -34.38 10.50
C GLU C 115 27.17 -34.44 11.80
N MET C 116 25.85 -34.52 11.69
CA MET C 116 24.97 -34.52 12.85
C MET C 116 24.92 -35.90 13.50
N PHE C 117 24.47 -36.89 12.74
CA PHE C 117 24.45 -38.27 13.21
C PHE C 117 25.35 -39.13 12.35
N PRO C 118 26.51 -39.55 12.90
CA PRO C 118 27.37 -40.48 12.17
C PRO C 118 26.70 -41.83 11.99
N LYS C 119 27.16 -42.63 11.03
CA LYS C 119 26.56 -43.93 10.75
C LYS C 119 26.55 -44.84 11.97
N SER C 120 27.48 -44.61 12.89
CA SER C 120 27.61 -45.44 14.09
C SER C 120 26.50 -45.17 15.11
N THR C 121 25.72 -44.13 14.86
CA THR C 121 24.59 -43.81 15.72
C THR C 121 23.57 -44.93 15.65
N TRP C 122 23.34 -45.45 14.45
CA TRP C 122 22.30 -46.42 14.20
C TRP C 122 22.89 -47.83 14.22
N THR C 123 22.55 -48.61 15.23
CA THR C 123 23.17 -49.93 15.41
C THR C 123 22.18 -51.07 15.17
N GLY C 124 22.67 -52.13 14.54
CA GLY C 124 21.82 -53.27 14.22
C GLY C 124 21.20 -53.20 12.83
N VAL C 125 21.67 -52.25 12.02
CA VAL C 125 21.07 -52.03 10.70
C VAL C 125 22.10 -51.86 9.59
N ASN C 126 21.62 -51.88 8.35
CA ASN C 126 22.47 -51.68 7.18
C ASN C 126 22.50 -50.22 6.77
N THR C 127 23.64 -49.56 7.00
CA THR C 127 23.80 -48.15 6.68
C THR C 127 24.32 -47.94 5.25
N GLU C 128 24.82 -49.02 4.66
CA GLU C 128 25.20 -49.02 3.25
C GLU C 128 24.00 -49.44 2.40
N SER C 129 24.19 -49.51 1.08
CA SER C 129 23.14 -50.01 0.18
C SER C 129 21.84 -49.21 0.25
N GLY C 130 21.94 -47.97 0.72
CA GLY C 130 20.81 -47.06 0.83
C GLY C 130 20.61 -46.19 -0.39
N VAL C 131 20.81 -46.78 -1.57
CA VAL C 131 20.82 -46.03 -2.84
C VAL C 131 19.74 -46.46 -3.82
N SER C 132 19.52 -45.62 -4.82
CA SER C 132 18.49 -45.86 -5.83
C SER C 132 18.91 -45.32 -7.20
N SER C 133 18.40 -45.93 -8.26
CA SER C 133 18.69 -45.50 -9.62
C SER C 133 18.02 -44.16 -9.93
N ALA C 134 17.11 -43.75 -9.06
CA ALA C 134 16.42 -42.48 -9.20
C ALA C 134 17.35 -41.33 -8.85
N CYS C 135 18.39 -41.62 -8.08
CA CYS C 135 19.40 -40.62 -7.73
C CYS C 135 20.78 -41.06 -8.21
N PRO C 136 20.97 -41.13 -9.53
CA PRO C 136 22.23 -41.67 -10.06
C PRO C 136 23.40 -40.71 -9.94
N LEU C 137 24.58 -41.25 -9.68
CA LEU C 137 25.81 -40.51 -9.86
C LEU C 137 26.59 -41.25 -10.93
N GLY C 138 26.74 -40.62 -12.09
CA GLY C 138 27.21 -41.32 -13.27
C GLY C 138 26.10 -42.29 -13.65
N ASN C 139 26.46 -43.53 -13.93
CA ASN C 139 25.46 -44.55 -14.21
C ASN C 139 24.95 -45.25 -12.95
N GLY C 140 25.83 -45.42 -11.96
CA GLY C 140 25.51 -46.13 -10.75
C GLY C 140 24.55 -45.43 -9.81
N PRO C 141 23.79 -46.21 -9.03
CA PRO C 141 22.86 -45.65 -8.04
C PRO C 141 23.58 -44.95 -6.89
N SER C 142 22.92 -43.95 -6.32
CA SER C 142 23.47 -43.18 -5.21
C SER C 142 22.33 -42.58 -4.39
N PHE C 143 22.65 -41.61 -3.53
CA PHE C 143 21.62 -40.97 -2.71
C PHE C 143 22.08 -39.61 -2.22
N TYR C 144 21.18 -38.87 -1.58
CA TYR C 144 21.49 -37.55 -1.03
C TYR C 144 22.65 -37.63 -0.05
N ARG C 145 23.44 -36.56 0.02
CA ARG C 145 24.64 -36.58 0.86
C ARG C 145 24.37 -36.13 2.28
N ASN C 146 23.19 -35.55 2.49
CA ASN C 146 22.80 -35.09 3.83
C ASN C 146 21.81 -36.03 4.50
N LEU C 147 21.50 -37.14 3.83
CA LEU C 147 20.52 -38.08 4.34
C LEU C 147 21.05 -39.51 4.29
N LEU C 148 20.60 -40.32 5.24
CA LEU C 148 21.00 -41.72 5.32
C LEU C 148 19.80 -42.64 5.17
N TRP C 149 19.79 -43.44 4.12
CA TRP C 149 18.72 -44.39 3.90
C TRP C 149 19.07 -45.70 4.59
N ILE C 150 18.39 -45.97 5.70
CA ILE C 150 18.66 -47.13 6.52
C ILE C 150 17.71 -48.27 6.19
N ILE C 151 18.25 -49.42 5.82
CA ILE C 151 17.44 -50.60 5.58
C ILE C 151 17.88 -51.76 6.47
N LYS C 152 16.96 -52.70 6.67
CA LYS C 152 17.20 -53.89 7.49
C LYS C 152 18.35 -54.72 6.95
N LEU C 153 19.09 -55.36 7.86
CA LEU C 153 20.04 -56.40 7.48
C LEU C 153 19.27 -57.60 6.94
N LYS C 154 19.90 -58.36 6.06
CA LYS C 154 19.25 -59.54 5.50
C LYS C 154 19.07 -60.61 6.56
N SER C 155 19.95 -60.63 7.54
CA SER C 155 19.91 -61.62 8.61
C SER C 155 18.84 -61.44 9.70
N SER C 156 18.85 -60.28 10.36
CA SER C 156 17.97 -60.02 11.51
C SER C 156 16.80 -59.11 11.18
N GLU C 157 16.03 -58.75 12.21
CA GLU C 157 14.92 -57.81 12.08
C GLU C 157 15.47 -56.40 12.07
N TYR C 158 14.61 -55.41 11.88
CA TYR C 158 14.99 -54.02 12.01
C TYR C 158 14.83 -53.65 13.49
N PRO C 159 15.96 -53.50 14.21
CA PRO C 159 15.86 -53.19 15.63
C PRO C 159 15.46 -51.74 15.87
N VAL C 160 14.97 -51.43 17.06
CA VAL C 160 14.73 -50.04 17.41
C VAL C 160 16.06 -49.29 17.44
N ILE C 161 16.18 -48.26 16.62
CA ILE C 161 17.40 -47.47 16.57
C ILE C 161 17.14 -46.11 17.21
N ARG C 162 18.15 -45.58 17.88
CA ARG C 162 17.99 -44.32 18.60
C ARG C 162 19.17 -43.40 18.35
N GLY C 163 18.91 -42.10 18.38
CA GLY C 163 19.96 -41.11 18.23
C GLY C 163 19.62 -39.84 18.98
N THR C 164 20.66 -39.12 19.38
CA THR C 164 20.46 -37.91 20.16
C THR C 164 21.45 -36.84 19.74
N PHE C 165 20.94 -35.63 19.52
CA PHE C 165 21.83 -34.51 19.29
C PHE C 165 21.44 -33.32 20.16
N ASN C 166 22.35 -32.93 21.04
CA ASN C 166 22.18 -31.78 21.90
C ASN C 166 22.86 -30.60 21.24
N ASN C 167 22.11 -29.54 20.93
CA ASN C 167 22.74 -28.40 20.28
C ASN C 167 23.23 -27.46 21.38
N THR C 168 24.54 -27.55 21.63
CA THR C 168 25.18 -26.79 22.68
C THR C 168 25.85 -25.56 22.09
N GLY C 169 25.74 -25.42 20.78
CA GLY C 169 26.29 -24.26 20.11
C GLY C 169 25.36 -23.06 20.22
N ASP C 170 25.80 -21.94 19.69
CA ASP C 170 25.03 -20.70 19.74
C ASP C 170 24.23 -20.51 18.46
N LYS C 171 24.53 -21.35 17.48
CA LYS C 171 23.96 -21.21 16.14
C LYS C 171 22.81 -22.21 15.93
N SER C 172 21.76 -21.78 15.26
CA SER C 172 20.64 -22.68 14.98
C SER C 172 21.08 -23.74 13.97
N ILE C 173 20.49 -24.92 14.05
CA ILE C 173 20.85 -26.01 13.15
C ILE C 173 19.71 -26.38 12.22
N LEU C 174 19.96 -26.28 10.92
CA LEU C 174 19.01 -26.72 9.91
C LEU C 174 19.31 -28.17 9.52
N TYR C 175 18.34 -29.04 9.75
CA TYR C 175 18.53 -30.46 9.43
C TYR C 175 17.34 -31.01 8.67
N PHE C 176 17.55 -32.16 8.02
CA PHE C 176 16.52 -32.75 7.17
C PHE C 176 16.36 -34.22 7.50
N TRP C 177 15.17 -34.75 7.24
CA TRP C 177 14.95 -36.18 7.34
C TRP C 177 13.79 -36.57 6.44
N GLY C 178 13.43 -37.85 6.46
CA GLY C 178 12.36 -38.32 5.61
C GLY C 178 11.69 -39.59 6.09
N VAL C 179 10.55 -39.88 5.49
CA VAL C 179 9.83 -41.12 5.74
C VAL C 179 9.62 -41.82 4.40
N HIS C 180 10.11 -43.04 4.28
CA HIS C 180 9.99 -43.77 3.03
C HIS C 180 8.64 -44.47 2.93
N HIS C 181 7.99 -44.32 1.77
CA HIS C 181 6.76 -45.03 1.50
C HIS C 181 6.97 -45.97 0.33
N PRO C 182 7.40 -47.21 0.60
CA PRO C 182 7.55 -48.23 -0.44
C PRO C 182 6.21 -48.52 -1.12
N PRO C 183 6.25 -48.89 -2.41
CA PRO C 183 5.04 -49.13 -3.20
C PRO C 183 4.23 -50.37 -2.81
N VAL C 184 4.89 -51.44 -2.41
CA VAL C 184 4.20 -52.70 -2.10
C VAL C 184 4.67 -53.34 -0.80
N THR C 185 3.82 -54.19 -0.24
CA THR C 185 4.08 -54.87 1.03
C THR C 185 5.37 -55.69 0.96
N THR C 186 5.66 -56.22 -0.23
CA THR C 186 6.90 -56.93 -0.47
C THR C 186 8.13 -56.13 -0.05
N GLU C 187 8.25 -54.91 -0.58
CA GLU C 187 9.38 -54.05 -0.27
C GLU C 187 9.40 -53.62 1.19
N GLN C 188 8.23 -53.35 1.75
CA GLN C 188 8.12 -52.94 3.15
C GLN C 188 8.66 -54.01 4.08
N ASN C 189 8.26 -55.25 3.84
CA ASN C 189 8.72 -56.38 4.64
C ASN C 189 10.19 -56.69 4.38
N ALA C 190 10.62 -56.50 3.13
CA ALA C 190 12.00 -56.79 2.75
C ALA C 190 12.97 -55.72 3.25
N LEU C 191 12.56 -54.46 3.19
CA LEU C 191 13.43 -53.35 3.58
C LEU C 191 13.42 -53.06 5.07
N TYR C 192 12.24 -53.17 5.69
CA TYR C 192 12.10 -52.78 7.08
C TYR C 192 11.46 -53.89 7.92
N GLY C 193 10.25 -54.28 7.53
CA GLY C 193 9.56 -55.39 8.19
C GLY C 193 8.06 -55.24 8.33
N SER C 194 7.44 -56.30 8.83
CA SER C 194 6.00 -56.34 9.04
C SER C 194 5.62 -55.63 10.33
N GLY C 195 4.34 -55.71 10.68
CA GLY C 195 3.85 -55.08 11.89
C GLY C 195 3.82 -53.57 11.74
N ASP C 196 3.49 -52.88 12.82
CA ASP C 196 3.43 -51.42 12.78
C ASP C 196 4.83 -50.84 12.90
N ARG C 197 5.18 -49.99 11.93
CA ARG C 197 6.48 -49.34 11.90
C ARG C 197 6.30 -47.84 12.15
N TYR C 198 7.36 -47.21 12.64
CA TYR C 198 7.27 -45.81 13.01
C TYR C 198 8.57 -45.04 12.80
N VAL C 199 8.42 -43.74 12.57
CA VAL C 199 9.55 -42.83 12.52
C VAL C 199 9.26 -41.72 13.52
N ARG C 200 10.13 -41.57 14.51
CA ARG C 200 9.84 -40.62 15.59
C ARG C 200 10.95 -39.59 15.72
N MET C 201 10.59 -38.33 15.54
CA MET C 201 11.54 -37.22 15.72
C MET C 201 10.98 -36.26 16.76
N GLY C 202 11.82 -35.79 17.67
CA GLY C 202 11.35 -34.83 18.65
C GLY C 202 12.37 -33.95 19.34
N THR C 203 11.93 -32.75 19.67
CA THR C 203 12.72 -31.79 20.44
C THR C 203 11.87 -31.20 21.55
N GLU C 204 12.39 -30.20 22.23
CA GLU C 204 11.62 -29.54 23.27
C GLU C 204 10.38 -28.85 22.69
N SER C 205 10.48 -28.38 21.45
CA SER C 205 9.37 -27.67 20.82
C SER C 205 8.66 -28.42 19.70
N MET C 206 9.14 -29.62 19.34
CA MET C 206 8.53 -30.37 18.25
C MET C 206 8.28 -31.84 18.59
N ASN C 207 7.12 -32.35 18.17
CA ASN C 207 6.82 -33.77 18.31
C ASN C 207 6.37 -34.34 16.97
N PHE C 208 7.14 -35.30 16.46
CA PHE C 208 6.89 -35.87 15.15
C PHE C 208 6.83 -37.37 15.23
N ALA C 209 5.77 -37.95 14.66
CA ALA C 209 5.67 -39.39 14.52
C ALA C 209 4.86 -39.72 13.28
N ARG C 210 5.31 -40.70 12.52
CA ARG C 210 4.60 -41.14 11.34
C ARG C 210 4.69 -42.65 11.16
N SER C 211 3.77 -43.19 10.37
CA SER C 211 3.86 -44.57 9.95
C SER C 211 3.86 -44.59 8.42
N PRO C 212 4.37 -45.67 7.83
CA PRO C 212 4.39 -45.80 6.36
C PRO C 212 3.01 -45.96 5.77
N GLU C 213 2.77 -45.27 4.66
CA GLU C 213 1.53 -45.43 3.91
C GLU C 213 1.87 -46.15 2.62
N ILE C 214 1.67 -47.47 2.59
CA ILE C 214 2.09 -48.26 1.44
C ILE C 214 1.14 -48.07 0.26
N ALA C 215 1.66 -47.58 -0.85
CA ALA C 215 0.84 -47.35 -2.03
C ALA C 215 1.67 -47.34 -3.31
N ALA C 216 1.07 -47.83 -4.38
CA ALA C 216 1.71 -47.80 -5.69
C ALA C 216 1.37 -46.50 -6.38
N ARG C 217 2.39 -45.75 -6.76
CA ARG C 217 2.24 -44.41 -7.34
C ARG C 217 2.75 -44.48 -8.76
N PRO C 218 2.33 -43.52 -9.62
CA PRO C 218 2.89 -43.54 -10.97
C PRO C 218 4.40 -43.41 -10.92
N ALA C 219 5.08 -44.07 -11.85
CA ALA C 219 6.53 -44.13 -11.80
C ALA C 219 7.18 -42.79 -12.10
N VAL C 220 8.10 -42.40 -11.24
CA VAL C 220 8.97 -41.26 -11.47
C VAL C 220 10.40 -41.75 -11.27
N ASN C 221 11.22 -41.59 -12.30
CA ASN C 221 12.58 -42.13 -12.28
C ASN C 221 12.60 -43.61 -11.91
N GLY C 222 11.63 -44.36 -12.43
CA GLY C 222 11.55 -45.78 -12.16
C GLY C 222 11.08 -46.15 -10.77
N GLN C 223 10.41 -45.22 -10.10
CA GLN C 223 10.00 -45.45 -8.71
C GLN C 223 8.50 -45.29 -8.48
N ARG C 224 7.88 -46.34 -7.95
CA ARG C 224 6.47 -46.26 -7.56
C ARG C 224 6.38 -45.85 -6.10
N GLY C 225 7.52 -45.89 -5.42
CA GLY C 225 7.59 -45.47 -4.04
C GLY C 225 7.77 -43.97 -3.90
N ARG C 226 7.65 -43.50 -2.68
CA ARG C 226 7.81 -42.08 -2.38
C ARG C 226 8.61 -41.87 -1.11
N ILE C 227 9.18 -40.68 -0.98
CA ILE C 227 9.79 -40.25 0.26
C ILE C 227 9.18 -38.93 0.69
N ASP C 228 8.66 -38.87 1.90
CA ASP C 228 8.20 -37.60 2.44
C ASP C 228 9.37 -36.92 3.13
N TYR C 229 9.82 -35.81 2.57
CA TYR C 229 10.96 -35.07 3.12
C TYR C 229 10.50 -34.01 4.11
N PHE C 230 11.29 -33.81 5.17
CA PHE C 230 11.01 -32.78 6.14
C PHE C 230 12.27 -31.99 6.47
N TRP C 231 12.06 -30.77 6.94
CA TRP C 231 13.17 -29.94 7.40
C TRP C 231 12.75 -29.27 8.69
N SER C 232 13.71 -28.91 9.52
CA SER C 232 13.40 -28.20 10.75
C SER C 232 14.61 -27.47 11.29
N ILE C 233 14.36 -26.69 12.35
CA ILE C 233 15.41 -25.91 12.98
C ILE C 233 15.55 -26.34 14.43
N LEU C 234 16.73 -26.84 14.77
CA LEU C 234 17.02 -27.19 16.16
C LEU C 234 17.61 -25.95 16.80
N LYS C 235 16.86 -25.37 17.74
CA LYS C 235 17.29 -24.13 18.38
C LYS C 235 18.47 -24.41 19.30
N PRO C 236 19.30 -23.40 19.55
CA PRO C 236 20.42 -23.58 20.50
C PRO C 236 19.90 -23.97 21.88
N GLY C 237 20.53 -24.98 22.47
CA GLY C 237 20.12 -25.49 23.77
C GLY C 237 19.07 -26.58 23.68
N GLU C 238 18.49 -26.72 22.49
CA GLU C 238 17.50 -27.78 22.25
C GLU C 238 18.18 -29.10 21.95
N THR C 239 17.44 -30.19 22.10
CA THR C 239 17.98 -31.53 21.89
C THR C 239 17.02 -32.32 21.00
N LEU C 240 17.57 -33.06 20.05
CA LEU C 240 16.75 -33.89 19.17
C LEU C 240 16.88 -35.37 19.51
N ASN C 241 15.74 -36.00 19.77
CA ASN C 241 15.71 -37.44 19.97
C ASN C 241 15.11 -38.14 18.76
N VAL C 242 15.86 -39.09 18.19
CA VAL C 242 15.37 -39.86 17.05
C VAL C 242 15.10 -41.30 17.46
N GLU C 243 13.91 -41.79 17.13
CA GLU C 243 13.54 -43.16 17.45
C GLU C 243 12.79 -43.81 16.27
N SER C 244 13.28 -44.94 15.78
CA SER C 244 12.59 -45.61 14.68
C SER C 244 12.86 -47.11 14.62
N ASN C 245 11.84 -47.87 14.25
CA ASN C 245 12.01 -49.29 13.98
C ASN C 245 11.91 -49.59 12.48
N GLY C 246 11.86 -48.53 11.66
CA GLY C 246 11.84 -48.70 10.23
C GLY C 246 11.36 -47.50 9.41
N ASN C 247 11.65 -47.55 8.11
CA ASN C 247 11.22 -46.54 7.14
C ASN C 247 11.79 -45.15 7.39
N LEU C 248 12.87 -45.06 8.15
CA LEU C 248 13.46 -43.77 8.47
C LEU C 248 14.49 -43.36 7.43
N ILE C 249 14.33 -42.17 6.87
CA ILE C 249 15.42 -41.55 6.14
C ILE C 249 16.04 -40.57 7.13
N ALA C 250 17.20 -40.96 7.65
CA ALA C 250 17.79 -40.28 8.80
C ALA C 250 18.59 -39.05 8.41
N PRO C 251 18.60 -38.04 9.28
CA PRO C 251 19.53 -36.92 9.10
C PRO C 251 20.97 -37.44 9.20
N TRP C 252 21.82 -37.03 8.26
CA TRP C 252 23.21 -37.45 8.32
C TRP C 252 24.07 -36.20 8.52
N TYR C 253 24.17 -35.38 7.49
CA TYR C 253 24.82 -34.09 7.62
C TYR C 253 23.77 -33.00 7.74
N ALA C 254 24.05 -31.98 8.54
CA ALA C 254 23.14 -30.85 8.70
C ALA C 254 23.92 -29.55 8.64
N TYR C 255 23.21 -28.44 8.81
CA TYR C 255 23.84 -27.13 8.70
C TYR C 255 23.65 -26.27 9.93
N ARG C 256 24.75 -25.72 10.43
CA ARG C 256 24.66 -24.62 11.38
C ARG C 256 24.39 -23.33 10.61
N PHE C 257 23.37 -22.61 11.06
CA PHE C 257 22.77 -21.54 10.27
C PHE C 257 23.10 -20.16 10.85
N VAL C 258 23.41 -19.21 9.96
CA VAL C 258 23.73 -17.86 10.37
C VAL C 258 22.74 -16.86 9.77
N ASN C 259 21.97 -16.21 10.63
CA ASN C 259 20.95 -15.28 10.19
C ASN C 259 21.55 -13.99 9.61
N LYS C 260 21.12 -13.63 8.41
CA LYS C 260 21.56 -12.38 7.79
C LYS C 260 20.85 -11.22 8.49
N ASP C 261 21.60 -10.18 8.82
CA ASP C 261 21.06 -9.07 9.60
C ASP C 261 20.23 -8.10 8.76
N SER C 262 20.11 -8.40 7.46
CA SER C 262 19.26 -7.59 6.58
C SER C 262 18.50 -8.47 5.60
N LYS C 263 17.81 -7.83 4.65
CA LYS C 263 17.05 -8.55 3.64
C LYS C 263 17.96 -9.40 2.78
N GLY C 264 17.61 -10.66 2.59
CA GLY C 264 18.35 -11.51 1.68
C GLY C 264 17.63 -11.66 0.37
N ALA C 265 18.31 -12.22 -0.62
CA ALA C 265 17.71 -12.41 -1.93
C ALA C 265 18.09 -13.74 -2.56
N ILE C 266 17.16 -14.30 -3.34
CA ILE C 266 17.44 -15.45 -4.18
C ILE C 266 16.96 -15.13 -5.59
N PHE C 267 17.91 -15.01 -6.52
CA PHE C 267 17.56 -14.62 -7.89
C PHE C 267 17.46 -15.81 -8.83
N ARG C 268 16.40 -15.84 -9.62
CA ARG C 268 16.23 -16.84 -10.65
C ARG C 268 16.61 -16.20 -11.98
N SER C 269 17.80 -16.53 -12.49
CA SER C 269 18.36 -15.81 -13.62
C SER C 269 19.38 -16.60 -14.43
N ASN C 270 19.57 -16.18 -15.68
CA ASN C 270 20.55 -16.77 -16.58
C ASN C 270 21.84 -15.96 -16.66
N LEU C 271 21.87 -14.81 -16.00
CA LEU C 271 22.99 -13.88 -16.14
C LEU C 271 24.29 -14.45 -15.60
N PRO C 272 25.41 -14.14 -16.28
CA PRO C 272 26.73 -14.60 -15.87
C PRO C 272 27.23 -13.85 -14.62
N ILE C 273 27.90 -14.59 -13.73
CA ILE C 273 28.57 -13.98 -12.59
C ILE C 273 30.02 -13.67 -12.98
N GLU C 274 30.44 -12.42 -12.75
CA GLU C 274 31.75 -11.98 -13.18
C GLU C 274 32.57 -11.46 -12.01
N ASN C 275 33.81 -11.10 -12.27
CA ASN C 275 34.65 -10.54 -11.23
C ASN C 275 34.44 -9.03 -11.24
N CYS C 276 33.50 -8.59 -10.42
CA CYS C 276 33.13 -7.18 -10.36
C CYS C 276 32.51 -6.85 -9.02
N ASP C 277 32.34 -5.57 -8.75
CA ASP C 277 31.74 -5.14 -7.49
C ASP C 277 30.52 -4.27 -7.76
N ALA C 278 29.50 -4.39 -6.91
CA ALA C 278 28.31 -3.57 -7.06
C ALA C 278 27.75 -3.16 -5.71
N THR C 279 27.18 -1.96 -5.67
CA THR C 279 26.43 -1.49 -4.51
C THR C 279 24.97 -1.91 -4.67
N CYS C 280 24.47 -1.77 -5.88
CA CYS C 280 23.10 -2.16 -6.21
C CYS C 280 23.09 -3.30 -7.21
N GLN C 281 22.56 -4.44 -6.79
CA GLN C 281 22.45 -5.61 -7.66
C GLN C 281 21.00 -6.04 -7.81
N THR C 282 20.45 -5.92 -9.01
CA THR C 282 19.10 -6.36 -9.26
C THR C 282 19.11 -7.73 -9.92
N THR C 283 17.93 -8.32 -10.10
CA THR C 283 17.84 -9.63 -10.72
C THR C 283 18.08 -9.51 -12.22
N GLU C 284 17.95 -8.29 -12.74
CA GLU C 284 18.16 -8.03 -14.16
C GLU C 284 19.58 -7.52 -14.44
N GLY C 285 20.31 -7.20 -13.37
CA GLY C 285 21.67 -6.72 -13.52
C GLY C 285 22.09 -5.64 -12.54
N VAL C 286 23.30 -5.12 -12.73
CA VAL C 286 23.86 -4.09 -11.86
C VAL C 286 23.44 -2.66 -12.25
N ILE C 287 23.10 -1.84 -11.27
CA ILE C 287 22.82 -0.41 -11.50
C ILE C 287 23.90 0.47 -10.87
N ARG C 288 24.57 1.29 -11.68
CA ARG C 288 25.54 2.27 -11.17
C ARG C 288 25.12 3.72 -11.49
N THR C 289 24.67 4.46 -10.47
CA THR C 289 24.10 5.80 -10.68
C THR C 289 24.04 6.65 -9.39
N ASN C 290 23.99 7.99 -9.49
CA ASN C 290 23.68 8.78 -8.29
C ASN C 290 22.21 9.19 -8.34
N LYS C 291 21.49 8.70 -9.35
CA LYS C 291 20.08 9.03 -9.58
C LYS C 291 19.15 8.39 -8.54
N THR C 292 17.96 8.97 -8.41
CA THR C 292 17.00 8.60 -7.36
C THR C 292 16.06 7.43 -7.70
N PHE C 293 15.74 7.27 -8.98
CA PHE C 293 14.78 6.26 -9.42
C PHE C 293 15.43 5.32 -10.42
N GLN C 294 14.84 4.15 -10.64
CA GLN C 294 15.36 3.24 -11.66
C GLN C 294 14.28 2.47 -12.40
N ASN C 295 14.58 2.19 -13.67
CA ASN C 295 13.66 1.56 -14.61
C ASN C 295 13.94 0.07 -14.81
N VAL C 296 14.87 -0.47 -14.02
CA VAL C 296 15.39 -1.82 -14.25
C VAL C 296 14.58 -2.96 -13.65
N SER C 297 14.41 -2.97 -12.33
CA SER C 297 13.75 -4.08 -11.64
C SER C 297 13.38 -3.77 -10.20
N PRO C 298 12.22 -4.28 -9.75
CA PRO C 298 11.76 -4.21 -8.36
C PRO C 298 12.49 -5.15 -7.43
N LEU C 299 13.18 -6.14 -8.01
CA LEU C 299 13.86 -7.16 -7.23
C LEU C 299 15.36 -6.93 -7.21
N TRP C 300 15.89 -6.63 -6.02
CA TRP C 300 17.30 -6.30 -5.88
C TRP C 300 17.86 -6.49 -4.46
N ILE C 301 19.19 -6.48 -4.38
CA ILE C 301 19.90 -6.57 -3.12
C ILE C 301 20.90 -5.41 -3.04
N GLY C 302 21.11 -4.87 -1.84
CA GLY C 302 22.01 -3.75 -1.66
C GLY C 302 21.30 -2.41 -1.65
N GLU C 303 22.01 -1.34 -2.02
CA GLU C 303 21.42 -0.01 -2.04
C GLU C 303 21.00 0.39 -3.46
N CYS C 304 19.71 0.35 -3.73
CA CYS C 304 19.21 0.66 -5.05
C CYS C 304 18.24 1.84 -5.06
N PRO C 305 18.21 2.59 -6.17
CA PRO C 305 17.19 3.63 -6.35
C PRO C 305 15.79 3.02 -6.42
N LYS C 306 14.79 3.81 -6.06
CA LYS C 306 13.40 3.37 -6.08
C LYS C 306 12.94 2.90 -7.46
N TYR C 307 12.19 1.81 -7.50
CA TYR C 307 11.68 1.29 -8.77
C TYR C 307 10.36 1.95 -9.13
N VAL C 308 10.29 2.45 -10.36
CA VAL C 308 9.06 3.03 -10.90
C VAL C 308 8.90 2.57 -12.34
N LYS C 309 7.71 2.79 -12.90
CA LYS C 309 7.41 2.35 -14.25
C LYS C 309 7.81 3.39 -15.30
N SER C 310 8.14 4.60 -14.83
CA SER C 310 8.43 5.73 -15.70
C SER C 310 9.59 5.49 -16.66
N LYS C 311 9.49 6.06 -17.85
CA LYS C 311 10.60 6.04 -18.79
C LYS C 311 11.57 7.19 -18.51
N SER C 312 11.05 8.29 -17.98
CA SER C 312 11.86 9.43 -17.63
C SER C 312 11.23 10.27 -16.52
N LEU C 313 12.07 10.76 -15.62
CA LEU C 313 11.61 11.72 -14.64
C LEU C 313 12.63 12.84 -14.60
N ARG C 314 12.36 13.91 -15.35
CA ARG C 314 13.36 14.96 -15.49
C ARG C 314 12.89 16.25 -14.82
N LEU C 315 13.63 16.69 -13.81
CA LEU C 315 13.29 17.94 -13.13
C LEU C 315 13.94 19.11 -13.84
N ALA C 316 13.15 20.15 -14.11
CA ALA C 316 13.70 21.40 -14.59
C ALA C 316 14.44 22.08 -13.46
N THR C 317 15.63 22.61 -13.76
CA THR C 317 16.39 23.40 -12.80
C THR C 317 16.56 24.80 -13.38
N GLY C 318 17.05 24.88 -14.62
CA GLY C 318 17.12 26.16 -15.30
C GLY C 318 15.76 26.62 -15.79
N LEU C 319 15.75 27.55 -16.73
CA LEU C 319 14.51 28.17 -17.20
C LEU C 319 14.21 27.85 -18.66
N ARG C 320 13.06 28.31 -19.14
CA ARG C 320 12.65 28.07 -20.52
C ARG C 320 13.68 28.65 -21.48
N ASN C 321 14.22 27.81 -22.36
CA ASN C 321 15.30 28.22 -23.25
C ASN C 321 14.78 28.88 -24.52
N VAL C 322 15.09 30.17 -24.69
CA VAL C 322 14.60 30.93 -25.84
C VAL C 322 15.74 31.61 -26.59
N PRO C 323 16.48 30.85 -27.41
CA PRO C 323 17.60 31.36 -28.20
C PRO C 323 17.16 32.34 -29.29
N GLN C 324 18.08 33.21 -29.71
CA GLN C 324 17.81 34.17 -30.77
C GLN C 324 18.96 34.21 -31.77
N GLY D 1 1.13 31.12 -11.69
CA GLY D 1 0.86 31.54 -13.05
C GLY D 1 2.03 32.27 -13.69
N LEU D 2 1.89 32.60 -14.97
CA LEU D 2 2.92 33.36 -15.68
C LEU D 2 3.06 34.75 -15.06
N PHE D 3 4.30 35.21 -14.93
CA PHE D 3 4.56 36.54 -14.41
C PHE D 3 4.85 37.51 -15.56
N GLY D 4 4.71 37.02 -16.77
CA GLY D 4 4.70 37.87 -17.96
C GLY D 4 6.04 38.30 -18.53
N ALA D 5 7.12 37.94 -17.85
CA ALA D 5 8.45 38.37 -18.30
C ALA D 5 9.07 37.38 -19.31
N ILE D 6 9.44 36.20 -18.83
CA ILE D 6 10.08 35.19 -19.69
C ILE D 6 9.16 34.73 -20.82
N ALA D 7 9.64 34.84 -22.05
CA ALA D 7 8.86 34.59 -23.26
C ALA D 7 7.61 35.45 -23.24
N GLY D 8 7.71 36.55 -22.50
CA GLY D 8 6.65 37.53 -22.31
C GLY D 8 7.04 38.84 -22.95
N PHE D 9 6.87 39.92 -22.19
CA PHE D 9 7.21 41.26 -22.66
C PHE D 9 8.73 41.38 -22.89
N ILE D 10 9.50 40.48 -22.31
CA ILE D 10 10.87 40.28 -22.73
C ILE D 10 10.85 39.06 -23.65
N GLU D 11 10.92 39.32 -24.95
CA GLU D 11 10.51 38.34 -25.96
C GLU D 11 11.37 37.08 -26.00
N GLY D 12 12.66 37.23 -25.70
CA GLY D 12 13.59 36.12 -25.78
C GLY D 12 14.72 36.19 -24.79
N GLY D 13 15.54 35.14 -24.76
CA GLY D 13 16.68 35.08 -23.86
C GLY D 13 17.98 35.49 -24.52
N TRP D 14 19.04 35.55 -23.73
CA TRP D 14 20.35 35.95 -24.23
C TRP D 14 21.37 34.82 -24.18
N THR D 15 21.83 34.38 -25.34
CA THR D 15 22.91 33.40 -25.41
C THR D 15 24.25 34.05 -25.10
N GLY D 16 24.27 35.38 -25.07
CA GLY D 16 25.49 36.13 -24.82
C GLY D 16 25.80 36.29 -23.35
N MET D 17 24.84 35.99 -22.48
CA MET D 17 25.07 36.03 -21.04
C MET D 17 25.30 34.63 -20.51
N ILE D 18 26.56 34.28 -20.27
CA ILE D 18 26.90 32.89 -19.95
C ILE D 18 27.22 32.65 -18.48
N ASP D 19 27.25 33.73 -17.68
CA ASP D 19 27.66 33.60 -16.28
C ASP D 19 26.51 33.59 -15.28
N GLY D 20 25.27 33.62 -15.75
CA GLY D 20 24.13 33.64 -14.84
C GLY D 20 22.78 33.50 -15.50
N TRP D 21 21.75 33.27 -14.67
CA TRP D 21 20.39 33.09 -15.17
C TRP D 21 19.70 34.42 -15.50
N TYR D 22 19.86 35.41 -14.62
CA TYR D 22 19.22 36.70 -14.81
C TYR D 22 20.30 37.80 -14.86
N GLY D 23 20.09 38.81 -15.70
CA GLY D 23 21.09 39.85 -15.82
C GLY D 23 20.78 41.04 -16.71
N TYR D 24 21.83 41.76 -17.10
CA TYR D 24 21.69 43.05 -17.76
C TYR D 24 22.41 43.11 -19.11
N HIS D 25 21.91 43.98 -19.99
CA HIS D 25 22.64 44.39 -21.18
C HIS D 25 22.65 45.92 -21.29
N HIS D 26 23.84 46.50 -21.37
CA HIS D 26 23.97 47.95 -21.37
C HIS D 26 24.56 48.47 -22.68
N GLU D 27 24.27 49.73 -22.99
CA GLU D 27 24.85 50.39 -24.14
C GLU D 27 25.18 51.82 -23.76
N ASN D 28 26.43 52.24 -24.00
CA ASN D 28 26.83 53.62 -23.78
C ASN D 28 28.05 54.01 -24.63
N SER D 29 28.61 55.17 -24.33
CA SER D 29 29.75 55.68 -25.09
C SER D 29 30.96 54.75 -25.04
N GLN D 30 31.07 53.99 -23.95
CA GLN D 30 32.19 53.07 -23.76
C GLN D 30 31.93 51.68 -24.33
N GLY D 31 30.82 51.53 -25.05
CA GLY D 31 30.50 50.25 -25.65
C GLY D 31 29.37 49.53 -24.96
N SER D 32 29.22 48.25 -25.26
CA SER D 32 28.12 47.47 -24.73
C SER D 32 28.60 46.19 -24.07
N GLY D 33 27.66 45.42 -23.52
CA GLY D 33 28.00 44.14 -22.92
C GLY D 33 26.93 43.54 -22.04
N TYR D 34 27.07 42.25 -21.77
CA TYR D 34 26.18 41.53 -20.87
C TYR D 34 26.82 41.36 -19.49
N ALA D 35 25.98 41.40 -18.46
CA ALA D 35 26.44 41.12 -17.11
C ALA D 35 25.35 40.42 -16.32
N ALA D 36 25.70 39.30 -15.68
CA ALA D 36 24.74 38.58 -14.88
C ALA D 36 24.52 39.31 -13.57
N ASP D 37 23.28 39.32 -13.07
CA ASP D 37 23.05 39.80 -11.73
C ASP D 37 23.33 38.62 -10.81
N LYS D 38 24.38 38.74 -9.99
CA LYS D 38 24.91 37.61 -9.25
C LYS D 38 24.08 37.32 -8.00
N GLU D 39 23.48 38.36 -7.44
CA GLU D 39 22.67 38.23 -6.24
C GLU D 39 21.45 37.36 -6.50
N SER D 40 20.63 37.76 -7.47
CA SER D 40 19.38 37.07 -7.76
C SER D 40 19.63 35.69 -8.36
N THR D 41 20.71 35.55 -9.13
CA THR D 41 21.06 34.28 -9.74
C THR D 41 21.44 33.25 -8.69
N GLN D 42 22.32 33.64 -7.78
CA GLN D 42 22.79 32.76 -6.72
C GLN D 42 21.63 32.32 -5.82
N LYS D 43 20.75 33.26 -5.51
CA LYS D 43 19.61 33.00 -4.66
C LYS D 43 18.69 31.97 -5.32
N ALA D 44 18.57 32.06 -6.64
CA ALA D 44 17.79 31.10 -7.40
C ALA D 44 18.43 29.72 -7.35
N ILE D 45 19.76 29.67 -7.54
CA ILE D 45 20.50 28.42 -7.49
C ILE D 45 20.33 27.73 -6.13
N ASP D 46 20.43 28.53 -5.07
CA ASP D 46 20.27 28.02 -3.72
C ASP D 46 18.89 27.42 -3.51
N GLY D 47 17.88 28.11 -4.04
CA GLY D 47 16.51 27.67 -3.92
C GLY D 47 16.20 26.42 -4.72
N ILE D 48 16.64 26.40 -5.98
CA ILE D 48 16.42 25.24 -6.84
C ILE D 48 17.17 24.01 -6.35
N THR D 49 18.43 24.20 -5.95
CA THR D 49 19.23 23.12 -5.38
C THR D 49 18.54 22.53 -4.16
N ASN D 50 18.03 23.41 -3.31
CA ASN D 50 17.31 22.98 -2.11
C ASN D 50 16.05 22.21 -2.48
N LYS D 51 15.33 22.71 -3.49
CA LYS D 51 14.12 22.04 -3.96
C LYS D 51 14.43 20.63 -4.46
N VAL D 52 15.46 20.54 -5.31
CA VAL D 52 15.86 19.26 -5.89
C VAL D 52 16.33 18.30 -4.79
N ASN D 53 17.15 18.81 -3.88
CA ASN D 53 17.65 18.01 -2.77
C ASN D 53 16.54 17.53 -1.86
N SER D 54 15.59 18.41 -1.57
CA SER D 54 14.45 18.07 -0.71
C SER D 54 13.56 17.02 -1.35
N ILE D 55 13.37 17.12 -2.66
CA ILE D 55 12.56 16.14 -3.39
C ILE D 55 13.24 14.77 -3.34
N ILE D 56 14.53 14.74 -3.65
CA ILE D 56 15.32 13.52 -3.60
C ILE D 56 15.27 12.91 -2.18
N ASP D 57 15.35 13.76 -1.17
CA ASP D 57 15.37 13.31 0.21
C ASP D 57 14.04 12.69 0.68
N LYS D 58 12.92 13.16 0.13
CA LYS D 58 11.62 12.62 0.50
C LYS D 58 11.33 11.35 -0.27
N MET D 59 12.08 11.15 -1.35
CA MET D 59 12.01 9.95 -2.18
C MET D 59 13.02 8.90 -1.71
N ASN D 60 13.62 9.15 -0.55
CA ASN D 60 14.80 8.42 -0.09
C ASN D 60 14.49 7.11 0.65
N THR D 61 13.26 6.63 0.50
CA THR D 61 12.93 5.29 0.96
C THR D 61 12.51 4.46 -0.24
N GLN D 62 12.55 3.14 -0.09
CA GLN D 62 12.15 2.26 -1.17
C GLN D 62 11.26 1.14 -0.67
N PHE D 63 10.15 0.92 -1.35
CA PHE D 63 9.40 -0.31 -1.16
C PHE D 63 10.15 -1.42 -1.86
N GLU D 64 10.46 -2.48 -1.13
CA GLU D 64 11.25 -3.58 -1.68
C GLU D 64 10.43 -4.85 -1.84
N ALA D 65 10.16 -5.23 -3.08
CA ALA D 65 9.54 -6.51 -3.37
C ALA D 65 10.53 -7.63 -3.05
N VAL D 66 9.99 -8.81 -2.77
CA VAL D 66 10.84 -9.97 -2.50
C VAL D 66 10.53 -11.10 -3.48
N GLY D 67 11.45 -12.05 -3.58
CA GLY D 67 11.31 -13.15 -4.52
C GLY D 67 10.76 -14.43 -3.89
N HIS D 68 9.99 -14.28 -2.82
CA HIS D 68 9.38 -15.42 -2.14
C HIS D 68 8.50 -16.20 -3.09
N GLU D 69 8.40 -17.50 -2.85
CA GLU D 69 7.63 -18.38 -3.74
C GLU D 69 6.38 -18.89 -3.06
N PHE D 70 5.39 -19.26 -3.86
CA PHE D 70 4.12 -19.73 -3.34
C PHE D 70 3.68 -20.98 -4.07
N SER D 71 3.08 -21.92 -3.35
CA SER D 71 2.62 -23.17 -3.93
C SER D 71 1.32 -22.95 -4.70
N ASN D 72 0.84 -24.02 -5.34
CA ASN D 72 -0.42 -23.94 -6.08
C ASN D 72 -1.62 -23.85 -5.15
N LEU D 73 -1.40 -24.07 -3.86
CA LEU D 73 -2.45 -23.93 -2.87
C LEU D 73 -2.32 -22.61 -2.11
N GLU D 74 -1.37 -21.79 -2.54
CA GLU D 74 -1.14 -20.47 -1.96
C GLU D 74 -1.51 -19.32 -2.90
N ARG D 75 -2.32 -19.62 -3.90
CA ARG D 75 -2.69 -18.64 -4.93
C ARG D 75 -3.26 -17.34 -4.35
N ARG D 76 -3.99 -17.42 -3.26
CA ARG D 76 -4.60 -16.22 -2.68
C ARG D 76 -3.58 -15.26 -2.09
N ILE D 77 -2.64 -15.77 -1.29
CA ILE D 77 -1.65 -14.89 -0.67
C ILE D 77 -0.59 -14.49 -1.70
N ASP D 78 -0.44 -15.30 -2.74
CA ASP D 78 0.40 -14.95 -3.87
C ASP D 78 -0.18 -13.73 -4.56
N ASN D 79 -1.47 -13.83 -4.90
CA ASN D 79 -2.17 -12.76 -5.59
C ASN D 79 -2.23 -11.51 -4.71
N LEU D 80 -2.35 -11.73 -3.40
CA LEU D 80 -2.34 -10.65 -2.43
C LEU D 80 -1.01 -9.91 -2.46
N ASN D 81 0.08 -10.67 -2.46
CA ASN D 81 1.43 -10.10 -2.47
C ASN D 81 1.68 -9.30 -3.74
N LYS D 82 1.17 -9.80 -4.86
CA LYS D 82 1.35 -9.14 -6.16
C LYS D 82 0.56 -7.83 -6.21
N ARG D 83 -0.66 -7.85 -5.72
CA ARG D 83 -1.51 -6.67 -5.74
C ARG D 83 -0.94 -5.60 -4.82
N MET D 84 -0.24 -6.04 -3.77
CA MET D 84 0.43 -5.11 -2.87
C MET D 84 1.65 -4.50 -3.56
N GLU D 85 2.44 -5.36 -4.19
CA GLU D 85 3.66 -4.91 -4.87
C GLU D 85 3.32 -3.95 -6.01
N ASP D 86 2.31 -4.30 -6.80
CA ASP D 86 1.82 -3.40 -7.85
C ASP D 86 1.16 -2.17 -7.25
N GLY D 87 0.62 -2.32 -6.05
CA GLY D 87 -0.08 -1.24 -5.39
C GLY D 87 0.83 -0.08 -5.05
N PHE D 88 1.94 -0.38 -4.39
CA PHE D 88 2.90 0.65 -4.01
C PHE D 88 3.67 1.15 -5.22
N LEU D 89 3.84 0.29 -6.21
CA LEU D 89 4.51 0.68 -7.45
C LEU D 89 3.72 1.77 -8.15
N ASP D 90 2.40 1.60 -8.20
CA ASP D 90 1.52 2.58 -8.84
C ASP D 90 1.44 3.88 -8.05
N VAL D 91 1.50 3.80 -6.72
CA VAL D 91 1.43 4.99 -5.89
C VAL D 91 2.67 5.85 -6.08
N TRP D 92 3.83 5.19 -6.04
CA TRP D 92 5.10 5.89 -6.15
C TRP D 92 5.36 6.36 -7.58
N THR D 93 4.87 5.60 -8.56
CA THR D 93 4.94 6.03 -9.95
C THR D 93 4.13 7.31 -10.14
N TYR D 94 2.92 7.30 -9.59
CA TYR D 94 2.04 8.46 -9.60
C TYR D 94 2.68 9.66 -8.92
N ASN D 95 3.14 9.44 -7.69
CA ASN D 95 3.75 10.51 -6.91
C ASN D 95 4.92 11.15 -7.63
N ALA D 96 5.82 10.32 -8.16
CA ALA D 96 7.01 10.81 -8.83
C ALA D 96 6.66 11.54 -10.12
N GLU D 97 5.85 10.91 -10.95
CA GLU D 97 5.52 11.47 -12.26
C GLU D 97 4.72 12.77 -12.14
N LEU D 98 3.80 12.83 -11.19
CA LEU D 98 2.97 14.01 -11.02
C LEU D 98 3.72 15.15 -10.34
N LEU D 99 4.59 14.80 -9.40
CA LEU D 99 5.38 15.82 -8.69
C LEU D 99 6.29 16.54 -9.67
N VAL D 100 6.83 15.78 -10.63
CA VAL D 100 7.72 16.34 -11.63
C VAL D 100 6.98 17.33 -12.53
N LEU D 101 5.77 16.95 -12.95
CA LEU D 101 4.96 17.81 -13.80
C LEU D 101 4.65 19.13 -13.10
N LEU D 102 4.13 19.04 -11.88
CA LEU D 102 3.70 20.21 -11.13
C LEU D 102 4.87 21.10 -10.77
N GLU D 103 5.95 20.51 -10.29
CA GLU D 103 7.08 21.28 -9.81
C GLU D 103 7.94 21.85 -10.94
N ASN D 104 7.93 21.20 -12.10
CA ASN D 104 8.58 21.77 -13.28
C ASN D 104 7.89 23.09 -13.64
N GLU D 105 6.56 23.10 -13.52
CA GLU D 105 5.78 24.30 -13.74
C GLU D 105 6.18 25.39 -12.75
N ARG D 106 6.21 25.03 -11.47
CA ARG D 106 6.56 25.97 -10.41
C ARG D 106 7.96 26.54 -10.61
N THR D 107 8.89 25.68 -11.00
CA THR D 107 10.28 26.08 -11.21
C THR D 107 10.39 27.09 -12.35
N LEU D 108 9.71 26.82 -13.46
CA LEU D 108 9.73 27.73 -14.60
C LEU D 108 9.06 29.06 -14.26
N ASP D 109 7.97 29.01 -13.51
CA ASP D 109 7.29 30.23 -13.09
C ASP D 109 8.15 31.01 -12.10
N LEU D 110 8.94 30.28 -11.31
CA LEU D 110 9.82 30.91 -10.33
C LEU D 110 10.84 31.80 -11.03
N HIS D 111 11.44 31.28 -12.10
CA HIS D 111 12.38 32.05 -12.90
C HIS D 111 11.70 33.27 -13.51
N ASP D 112 10.47 33.09 -13.96
CA ASP D 112 9.69 34.20 -14.53
C ASP D 112 9.50 35.32 -13.51
N ALA D 113 9.11 34.95 -12.29
CA ALA D 113 8.90 35.91 -11.22
C ALA D 113 10.20 36.64 -10.84
N ASN D 114 11.30 35.91 -10.86
CA ASN D 114 12.60 36.48 -10.51
C ASN D 114 13.04 37.52 -11.53
N VAL D 115 12.80 37.23 -12.81
CA VAL D 115 13.08 38.18 -13.87
C VAL D 115 12.18 39.41 -13.73
N LYS D 116 10.90 39.18 -13.48
CA LYS D 116 9.95 40.27 -13.30
C LYS D 116 10.33 41.18 -12.14
N ASN D 117 10.67 40.57 -11.01
CA ASN D 117 11.02 41.34 -9.82
C ASN D 117 12.29 42.14 -10.08
N LEU D 118 13.22 41.53 -10.81
CA LEU D 118 14.47 42.20 -11.18
C LEU D 118 14.19 43.39 -12.08
N HIS D 119 13.22 43.24 -12.97
CA HIS D 119 12.88 44.31 -13.90
C HIS D 119 12.24 45.51 -13.19
N GLU D 120 11.34 45.24 -12.24
CA GLU D 120 10.73 46.30 -11.44
C GLU D 120 11.72 46.96 -10.50
N LYS D 121 12.69 46.19 -10.02
CA LYS D 121 13.68 46.73 -9.11
C LYS D 121 14.45 47.85 -9.81
N VAL D 122 14.82 47.60 -11.06
CA VAL D 122 15.51 48.60 -11.88
C VAL D 122 14.59 49.76 -12.23
N ARG D 123 13.37 49.44 -12.66
CA ARG D 123 12.39 50.45 -13.02
C ARG D 123 12.16 51.45 -11.88
N SER D 124 12.19 50.94 -10.66
CA SER D 124 11.95 51.76 -9.48
C SER D 124 13.06 52.77 -9.22
N GLN D 125 14.30 52.43 -9.55
CA GLN D 125 15.41 53.34 -9.30
C GLN D 125 15.45 54.45 -10.34
N LEU D 126 15.26 54.09 -11.61
CA LEU D 126 15.37 55.03 -12.70
C LEU D 126 14.24 56.06 -12.73
N ARG D 127 13.05 55.61 -12.35
CA ARG D 127 11.85 56.46 -12.38
C ARG D 127 11.68 57.12 -13.75
N ASP D 128 11.57 58.44 -13.76
CA ASP D 128 11.38 59.17 -15.00
C ASP D 128 12.70 59.65 -15.62
N ASN D 129 13.83 59.26 -15.02
CA ASN D 129 15.14 59.53 -15.61
C ASN D 129 15.41 58.61 -16.78
N ALA D 130 14.52 57.65 -17.01
CA ALA D 130 14.66 56.72 -18.11
C ALA D 130 13.30 56.44 -18.74
N ASN D 131 13.33 56.05 -20.02
CA ASN D 131 12.11 55.78 -20.78
C ASN D 131 11.82 54.28 -20.88
N ASP D 132 10.71 53.85 -20.28
CA ASP D 132 10.38 52.42 -20.28
C ASP D 132 9.83 52.01 -21.64
N LEU D 133 10.58 51.15 -22.33
CA LEU D 133 10.24 50.73 -23.68
C LEU D 133 9.22 49.59 -23.70
N GLY D 134 8.95 48.99 -22.55
CA GLY D 134 7.98 47.91 -22.44
C GLY D 134 8.53 46.53 -22.82
N ASN D 135 9.74 46.50 -23.35
CA ASN D 135 10.37 45.24 -23.73
C ASN D 135 11.41 44.76 -22.71
N GLY D 136 11.54 45.48 -21.60
CA GLY D 136 12.52 45.12 -20.60
C GLY D 136 13.74 46.03 -20.66
N CYS D 137 13.69 46.98 -21.59
CA CYS D 137 14.79 47.91 -21.78
C CYS D 137 14.42 49.31 -21.32
N PHE D 138 15.42 50.07 -20.90
CA PHE D 138 15.20 51.44 -20.47
C PHE D 138 16.13 52.39 -21.20
N GLU D 139 15.57 53.38 -21.88
CA GLU D 139 16.39 54.43 -22.50
C GLU D 139 16.62 55.55 -21.50
N PHE D 140 17.88 55.86 -21.25
CA PHE D 140 18.23 56.88 -20.28
C PHE D 140 18.02 58.28 -20.87
N TRP D 141 17.46 59.18 -20.05
CA TRP D 141 17.28 60.57 -20.45
C TRP D 141 18.56 61.37 -20.20
N HIS D 142 19.59 60.66 -19.74
CA HIS D 142 20.89 61.25 -19.48
C HIS D 142 21.98 60.29 -19.91
N LYS D 143 23.22 60.76 -19.96
CA LYS D 143 24.32 59.89 -20.31
C LYS D 143 24.64 59.00 -19.11
N CYS D 144 24.71 57.70 -19.33
CA CYS D 144 24.97 56.77 -18.24
C CYS D 144 26.23 55.98 -18.58
N ASN D 145 27.33 56.34 -17.93
CA ASN D 145 28.62 55.70 -18.18
C ASN D 145 28.68 54.33 -17.52
N ASN D 146 29.85 53.68 -17.63
CA ASN D 146 30.04 52.37 -17.05
C ASN D 146 29.77 52.35 -15.55
N GLU D 147 30.26 53.35 -14.83
CA GLU D 147 30.03 53.44 -13.39
C GLU D 147 28.55 53.68 -13.10
N CYS D 148 27.91 54.48 -13.95
CA CYS D 148 26.49 54.75 -13.81
C CYS D 148 25.72 53.45 -14.00
N MET D 149 26.11 52.68 -15.01
CA MET D 149 25.51 51.38 -15.25
C MET D 149 25.69 50.45 -14.05
N GLU D 150 26.89 50.46 -13.48
CA GLU D 150 27.18 49.62 -12.31
C GLU D 150 26.24 49.96 -11.18
N SER D 151 25.98 51.25 -10.97
CA SER D 151 25.14 51.70 -9.87
C SER D 151 23.71 51.21 -10.05
N VAL D 152 23.25 51.13 -11.30
CA VAL D 152 21.92 50.61 -11.59
C VAL D 152 21.86 49.13 -11.28
N LYS D 153 22.87 48.39 -11.74
CA LYS D 153 22.92 46.95 -11.52
C LYS D 153 23.16 46.64 -10.05
N ASN D 154 24.08 47.37 -9.44
CA ASN D 154 24.44 47.17 -8.04
C ASN D 154 23.33 47.72 -7.13
N GLY D 155 22.41 48.49 -7.70
CA GLY D 155 21.25 49.04 -7.02
C GLY D 155 21.46 50.31 -6.21
N THR D 156 22.55 51.00 -6.50
CA THR D 156 22.90 52.24 -5.80
C THR D 156 22.69 53.50 -6.64
N TYR D 157 21.96 53.38 -7.75
CA TYR D 157 21.73 54.49 -8.68
C TYR D 157 21.23 55.75 -7.99
N ASP D 158 21.90 56.86 -8.26
CA ASP D 158 21.58 58.13 -7.64
C ASP D 158 20.62 58.90 -8.54
N TYR D 159 19.35 58.91 -8.18
CA TYR D 159 18.32 59.51 -9.03
C TYR D 159 18.39 61.05 -9.15
N PRO D 160 18.43 61.78 -8.02
CA PRO D 160 18.39 63.24 -8.17
C PRO D 160 19.66 63.78 -8.82
N LYS D 161 20.70 62.96 -8.77
CA LYS D 161 21.99 63.30 -9.35
C LYS D 161 21.86 63.54 -10.86
N TYR D 162 21.05 62.72 -11.52
CA TYR D 162 20.85 62.84 -12.96
C TYR D 162 19.54 63.52 -13.37
N GLN D 163 18.71 63.89 -12.41
CA GLN D 163 17.36 64.38 -12.71
C GLN D 163 17.31 65.59 -13.64
N LYS D 164 18.15 66.60 -13.40
CA LYS D 164 18.07 67.85 -14.15
C LYS D 164 18.47 67.64 -15.61
N GLU D 165 19.55 66.88 -15.82
CA GLU D 165 20.00 66.58 -17.17
C GLU D 165 18.91 65.84 -17.92
N SER D 166 18.17 65.00 -17.19
CA SER D 166 17.10 64.21 -17.78
C SER D 166 15.92 65.07 -18.20
N ARG D 167 15.52 65.99 -17.32
CA ARG D 167 14.35 66.82 -17.57
C ARG D 167 14.58 67.81 -18.70
N LEU D 168 15.81 68.31 -18.81
CA LEU D 168 16.14 69.26 -19.86
C LEU D 168 16.14 68.61 -21.23
N ASN D 169 16.39 67.30 -21.26
CA ASN D 169 16.33 66.54 -22.50
C ASN D 169 14.89 66.16 -22.85
N ARG D 170 14.04 66.13 -21.83
CA ARG D 170 12.61 65.95 -22.03
C ARG D 170 11.96 67.30 -22.34
N GLN D 171 12.60 68.36 -21.90
CA GLN D 171 12.10 69.70 -22.16
C GLN D 171 12.37 70.09 -23.62
N LYS D 172 13.59 69.83 -24.08
CA LYS D 172 13.98 70.20 -25.44
C LYS D 172 13.25 69.37 -26.52
N ILE D 173 12.87 68.15 -26.19
CA ILE D 173 12.16 67.29 -27.13
C ILE D 173 10.66 67.58 -27.13
N ASP E 1 3.10 64.96 4.04
CA ASP E 1 2.05 63.95 4.12
C ASP E 1 2.40 62.69 3.34
N LYS E 2 2.30 61.54 3.99
CA LYS E 2 2.61 60.30 3.32
C LYS E 2 1.82 59.13 3.89
N ILE E 3 1.66 58.09 3.08
CA ILE E 3 1.04 56.85 3.52
C ILE E 3 1.88 55.68 3.02
N CYS E 4 2.08 54.69 3.89
CA CYS E 4 2.89 53.54 3.53
C CYS E 4 2.11 52.25 3.70
N ILE E 5 2.31 51.32 2.76
CA ILE E 5 1.73 50.00 2.88
C ILE E 5 2.79 49.02 3.38
N GLY E 6 2.43 48.18 4.35
CA GLY E 6 3.38 47.25 4.92
C GLY E 6 2.72 46.05 5.58
N TYR E 7 3.52 45.26 6.28
CA TYR E 7 3.06 43.99 6.81
C TYR E 7 3.53 43.74 8.25
N HIS E 8 2.87 42.79 8.89
CA HIS E 8 3.06 42.50 10.32
C HIS E 8 4.42 41.89 10.62
N ALA E 9 4.95 42.22 11.79
CA ALA E 9 6.15 41.58 12.34
C ALA E 9 5.97 41.41 13.85
N ASN E 10 6.64 40.41 14.43
CA ASN E 10 6.55 40.19 15.87
C ASN E 10 7.83 39.63 16.47
N ASN E 11 7.76 39.13 17.70
CA ASN E 11 8.99 38.71 18.38
C ASN E 11 9.26 37.21 18.19
N SER E 12 8.50 36.58 17.31
CA SER E 12 8.64 35.15 17.02
C SER E 12 9.99 34.69 16.48
N THR E 13 10.52 33.63 17.09
CA THR E 13 11.69 32.92 16.58
C THR E 13 11.32 31.55 16.01
N THR E 14 10.02 31.24 15.92
CA THR E 14 9.56 29.95 15.41
C THR E 14 9.81 29.82 13.92
N LYS E 15 10.38 28.69 13.52
CA LYS E 15 10.77 28.47 12.13
C LYS E 15 10.00 27.33 11.47
N VAL E 16 9.83 27.45 10.15
CA VAL E 16 9.24 26.38 9.35
C VAL E 16 10.15 26.10 8.16
N ASP E 17 9.91 24.99 7.49
CA ASP E 17 10.69 24.64 6.31
C ASP E 17 9.86 24.84 5.04
N THR E 18 10.51 25.35 4.00
CA THR E 18 9.87 25.51 2.69
C THR E 18 10.68 24.74 1.66
N ILE E 19 10.12 24.57 0.48
CA ILE E 19 10.79 23.79 -0.55
C ILE E 19 12.04 24.50 -1.06
N LEU E 20 12.02 25.83 -1.07
CA LEU E 20 13.17 26.61 -1.55
C LEU E 20 14.14 26.97 -0.43
N GLU E 21 13.65 26.97 0.80
CA GLU E 21 14.45 27.47 1.93
C GLU E 21 14.10 26.77 3.23
N LYS E 22 15.14 26.45 4.02
CA LYS E 22 14.97 25.85 5.33
C LYS E 22 15.16 26.88 6.43
N ASN E 23 14.57 26.60 7.61
CA ASN E 23 14.66 27.49 8.76
C ASN E 23 14.20 28.91 8.49
N VAL E 24 12.94 29.05 8.11
CA VAL E 24 12.40 30.38 7.85
C VAL E 24 11.57 30.84 9.03
N THR E 25 11.97 31.94 9.66
CA THR E 25 11.23 32.46 10.79
C THR E 25 9.94 33.07 10.28
N VAL E 26 8.82 32.67 10.89
CA VAL E 26 7.51 33.17 10.47
C VAL E 26 6.76 33.73 11.67
N THR E 27 5.79 34.60 11.39
CA THR E 27 5.05 35.28 12.45
C THR E 27 4.09 34.35 13.17
N HIS E 28 3.46 33.45 12.42
CA HIS E 28 2.51 32.51 12.99
C HIS E 28 2.60 31.15 12.31
N SER E 29 2.49 30.09 13.09
CA SER E 29 2.55 28.73 12.58
C SER E 29 1.84 27.76 13.51
N VAL E 30 1.54 26.56 12.99
CA VAL E 30 0.90 25.53 13.80
C VAL E 30 1.61 24.19 13.66
N GLU E 31 1.86 23.53 14.79
CA GLU E 31 2.46 22.20 14.79
C GLU E 31 1.38 21.14 14.63
N LEU E 32 1.57 20.25 13.66
CA LEU E 32 0.58 19.21 13.39
C LEU E 32 0.90 17.86 14.02
N LEU E 33 2.13 17.69 14.50
CA LEU E 33 2.58 16.39 15.02
C LEU E 33 2.69 16.34 16.54
N GLU E 34 2.18 15.26 17.13
CA GLU E 34 2.25 15.10 18.58
C GLU E 34 3.31 14.07 18.97
N ASN E 35 4.28 14.49 19.78
CA ASN E 35 5.32 13.59 20.27
C ASN E 35 5.17 13.22 21.75
N GLN E 36 4.08 13.65 22.38
CA GLN E 36 3.92 13.45 23.81
C GLN E 36 3.04 12.25 24.14
N LYS E 37 3.46 11.51 25.16
CA LYS E 37 2.73 10.33 25.61
C LYS E 37 2.80 10.22 27.13
N GLU E 38 1.74 9.69 27.74
CA GLU E 38 1.78 9.28 29.14
C GLU E 38 2.12 7.81 29.17
N GLU E 39 3.23 7.43 29.79
CA GLU E 39 3.61 6.04 29.71
C GLU E 39 2.81 5.28 30.76
N ARG E 40 1.66 4.78 30.33
CA ARG E 40 0.73 4.05 31.19
C ARG E 40 -0.46 3.57 30.35
N PHE E 41 -1.27 2.71 30.94
CA PHE E 41 -2.50 2.25 30.28
C PHE E 41 -3.72 2.78 31.02
N CYS E 42 -4.69 3.29 30.26
CA CYS E 42 -5.92 3.81 30.84
C CYS E 42 -7.13 3.08 30.28
N LYS E 43 -8.32 3.52 30.66
CA LYS E 43 -9.54 2.89 30.18
C LYS E 43 -9.95 3.45 28.83
N ILE E 44 -10.40 2.57 27.94
CA ILE E 44 -10.99 2.97 26.68
C ILE E 44 -12.50 2.77 26.76
N SER E 45 -13.25 3.85 26.54
CA SER E 45 -14.71 3.83 26.60
C SER E 45 -15.18 3.43 27.99
N ASN E 46 -14.47 3.91 29.01
CA ASN E 46 -14.82 3.68 30.41
C ASN E 46 -14.84 2.20 30.79
N LYS E 47 -14.11 1.38 30.03
CA LYS E 47 -14.00 -0.04 30.32
C LYS E 47 -12.53 -0.38 30.54
N ALA E 48 -12.24 -1.06 31.64
CA ALA E 48 -10.86 -1.36 32.02
C ALA E 48 -10.24 -2.42 31.12
N PRO E 49 -8.92 -2.30 30.87
CA PRO E 49 -8.19 -3.34 30.13
C PRO E 49 -7.91 -4.54 31.02
N LEU E 50 -7.59 -5.67 30.40
CA LEU E 50 -7.24 -6.88 31.15
C LEU E 50 -5.73 -7.05 31.28
N ASP E 51 -5.24 -7.02 32.51
CA ASP E 51 -3.83 -7.27 32.76
C ASP E 51 -3.61 -8.76 32.94
N LEU E 52 -2.80 -9.36 32.07
CA LEU E 52 -2.53 -10.79 32.14
C LEU E 52 -1.47 -11.13 33.16
N ARG E 53 -0.81 -10.10 33.68
CA ARG E 53 0.12 -10.23 34.80
C ARG E 53 1.22 -11.26 34.52
N ASP E 54 1.27 -12.31 35.31
CA ASP E 54 2.33 -13.32 35.20
C ASP E 54 1.94 -14.48 34.30
N CYS E 55 0.82 -14.35 33.59
CA CYS E 55 0.37 -15.41 32.68
C CYS E 55 0.41 -14.98 31.21
N THR E 56 0.78 -15.91 30.35
CA THR E 56 0.72 -15.72 28.91
C THR E 56 -0.72 -15.87 28.45
N LEU E 57 -1.03 -15.40 27.24
CA LEU E 57 -2.37 -15.50 26.70
C LEU E 57 -2.84 -16.96 26.67
N GLU E 58 -1.98 -17.86 26.21
CA GLU E 58 -2.29 -19.29 26.17
C GLU E 58 -2.53 -19.82 27.58
N GLY E 59 -1.68 -19.40 28.52
CA GLY E 59 -1.82 -19.81 29.90
C GLY E 59 -3.15 -19.40 30.50
N TRP E 60 -3.68 -18.26 30.08
CA TRP E 60 -4.97 -17.78 30.58
C TRP E 60 -6.18 -18.57 30.07
N ILE E 61 -6.34 -18.69 28.76
CA ILE E 61 -7.57 -19.28 28.22
C ILE E 61 -7.60 -20.79 28.40
N LEU E 62 -6.42 -21.39 28.53
CA LEU E 62 -6.34 -22.82 28.79
C LEU E 62 -6.59 -23.09 30.27
N GLY E 63 -6.41 -22.05 31.09
CA GLY E 63 -6.67 -22.18 32.52
C GLY E 63 -5.55 -22.84 33.30
N ASN E 64 -4.31 -22.43 33.03
CA ASN E 64 -3.16 -22.83 33.85
C ASN E 64 -3.48 -22.56 35.31
N PRO E 65 -3.27 -23.56 36.18
CA PRO E 65 -3.67 -23.44 37.58
C PRO E 65 -3.00 -22.27 38.33
N ARG E 66 -1.91 -21.72 37.77
CA ARG E 66 -1.27 -20.57 38.39
C ARG E 66 -1.85 -19.27 37.84
N CYS E 67 -2.79 -19.41 36.91
CA CYS E 67 -3.48 -18.26 36.31
C CYS E 67 -4.85 -18.05 36.93
N GLY E 68 -5.06 -18.67 38.09
CA GLY E 68 -6.35 -18.66 38.76
C GLY E 68 -6.94 -17.28 38.95
N ILE E 69 -6.07 -16.28 39.09
CA ILE E 69 -6.52 -14.91 39.26
C ILE E 69 -7.29 -14.44 38.04
N LEU E 70 -7.02 -15.07 36.89
CA LEU E 70 -7.64 -14.66 35.64
C LEU E 70 -8.81 -15.54 35.19
N LEU E 71 -9.07 -16.63 35.91
CA LEU E 71 -10.08 -17.57 35.43
C LEU E 71 -11.45 -17.19 35.95
N ALA E 72 -12.18 -16.43 35.15
CA ALA E 72 -13.49 -15.88 35.52
C ALA E 72 -14.09 -15.20 34.30
N ASP E 73 -15.24 -14.54 34.49
CA ASP E 73 -15.74 -13.68 33.43
C ASP E 73 -14.79 -12.51 33.25
N GLN E 74 -14.60 -12.09 32.01
CA GLN E 74 -13.78 -10.92 31.70
C GLN E 74 -14.43 -10.07 30.62
N SER E 75 -14.43 -8.77 30.83
CA SER E 75 -14.82 -7.83 29.77
C SER E 75 -13.73 -6.77 29.70
N TRP E 76 -13.10 -6.65 28.55
CA TRP E 76 -11.95 -5.75 28.41
C TRP E 76 -12.10 -4.79 27.25
N SER E 77 -11.50 -3.62 27.40
CA SER E 77 -11.37 -2.68 26.29
C SER E 77 -10.23 -3.12 25.38
N TYR E 78 -9.17 -3.60 26.01
CA TYR E 78 -8.05 -4.21 25.32
C TYR E 78 -7.31 -5.12 26.30
N ILE E 79 -6.29 -5.81 25.80
CA ILE E 79 -5.54 -6.75 26.64
C ILE E 79 -4.08 -6.34 26.75
N VAL E 80 -3.54 -6.40 27.97
CA VAL E 80 -2.13 -6.16 28.18
C VAL E 80 -1.42 -7.45 28.59
N GLU E 81 -0.48 -7.88 27.76
CA GLU E 81 0.34 -9.06 28.07
C GLU E 81 1.75 -8.63 28.44
N ARG E 82 2.29 -9.21 29.50
CA ARG E 82 3.62 -8.84 29.99
C ARG E 82 4.66 -9.74 29.33
N PRO E 83 5.76 -9.14 28.86
CA PRO E 83 6.76 -9.80 28.01
C PRO E 83 7.25 -11.16 28.52
N ASN E 84 7.62 -11.22 29.80
CA ASN E 84 8.26 -12.40 30.37
C ASN E 84 7.40 -13.25 31.31
N ALA E 85 6.08 -13.14 31.20
CA ALA E 85 5.19 -13.93 32.03
C ALA E 85 5.57 -15.41 31.97
N ARG E 86 5.74 -16.00 33.15
CA ARG E 86 6.23 -17.36 33.26
C ARG E 86 5.15 -18.42 33.04
N ASN E 87 3.90 -18.11 33.34
CA ASN E 87 2.90 -19.17 33.30
C ASN E 87 2.24 -19.22 31.93
N GLY E 88 2.71 -20.19 31.15
CA GLY E 88 2.27 -20.44 29.78
C GLY E 88 1.55 -21.77 29.67
N ILE E 89 1.96 -22.51 28.65
CA ILE E 89 1.52 -23.88 28.48
C ILE E 89 2.45 -24.69 29.39
N CYS E 90 1.94 -25.10 30.54
CA CYS E 90 2.77 -25.70 31.58
C CYS E 90 3.17 -27.12 31.24
N TYR E 91 2.21 -27.92 30.77
CA TYR E 91 2.53 -29.25 30.30
C TYR E 91 2.92 -29.14 28.82
N PRO E 92 4.13 -29.60 28.49
CA PRO E 92 4.75 -29.39 27.18
C PRO E 92 3.90 -29.89 26.02
N GLY E 93 3.87 -29.14 24.93
CA GLY E 93 3.09 -29.49 23.76
C GLY E 93 2.78 -28.28 22.91
N THR E 94 2.17 -28.53 21.75
CA THR E 94 1.84 -27.46 20.82
C THR E 94 0.37 -27.10 20.90
N LEU E 95 0.08 -25.79 20.95
CA LEU E 95 -1.28 -25.33 20.76
C LEU E 95 -1.54 -25.18 19.27
N ASN E 96 -2.45 -25.99 18.74
CA ASN E 96 -2.73 -25.97 17.32
C ASN E 96 -3.46 -24.69 16.92
N GLU E 97 -2.98 -24.06 15.85
CA GLU E 97 -3.51 -22.78 15.36
C GLU E 97 -3.51 -21.73 16.48
N ALA E 98 -2.39 -21.63 17.20
CA ALA E 98 -2.25 -20.71 18.32
C ALA E 98 -2.44 -19.25 17.93
N GLU E 99 -1.86 -18.85 16.80
CA GLU E 99 -1.85 -17.45 16.41
C GLU E 99 -3.23 -16.96 15.99
N GLU E 100 -4.02 -17.84 15.38
CA GLU E 100 -5.39 -17.52 15.01
C GLU E 100 -6.27 -17.36 16.24
N LEU E 101 -5.96 -18.12 17.28
CA LEU E 101 -6.67 -18.02 18.54
C LEU E 101 -6.39 -16.66 19.17
N LYS E 102 -5.13 -16.25 19.19
CA LYS E 102 -4.75 -14.94 19.71
C LYS E 102 -5.45 -13.83 18.95
N ALA E 103 -5.60 -14.04 17.64
CA ALA E 103 -6.26 -13.06 16.79
C ALA E 103 -7.76 -13.00 17.09
N LEU E 104 -8.33 -14.17 17.38
CA LEU E 104 -9.75 -14.27 17.72
C LEU E 104 -10.05 -13.56 19.04
N ILE E 105 -9.25 -13.85 20.06
CA ILE E 105 -9.44 -13.27 21.39
C ILE E 105 -9.23 -11.76 21.36
N GLY E 106 -8.26 -11.32 20.58
CA GLY E 106 -7.99 -9.90 20.41
C GLY E 106 -9.17 -9.17 19.81
N SER E 107 -9.96 -9.88 19.00
CA SER E 107 -11.13 -9.30 18.38
C SER E 107 -12.36 -9.43 19.27
N GLY E 108 -12.16 -9.90 20.49
CA GLY E 108 -13.26 -10.09 21.42
C GLY E 108 -13.34 -9.01 22.48
N GLU E 109 -14.49 -8.91 23.13
CA GLU E 109 -14.73 -7.91 24.16
C GLU E 109 -14.97 -8.61 25.51
N ARG E 110 -15.81 -9.63 25.52
CA ARG E 110 -16.14 -10.30 26.77
C ARG E 110 -16.20 -11.82 26.61
N VAL E 111 -15.77 -12.53 27.66
CA VAL E 111 -15.96 -13.97 27.77
C VAL E 111 -16.64 -14.34 29.08
N GLU E 112 -17.55 -15.31 29.02
CA GLU E 112 -18.20 -15.82 30.23
C GLU E 112 -17.73 -17.24 30.50
N ARG E 113 -17.10 -17.45 31.66
CA ARG E 113 -16.56 -18.76 31.99
C ARG E 113 -17.63 -19.65 32.62
N PHE E 114 -17.81 -20.83 32.06
CA PHE E 114 -18.78 -21.78 32.58
C PHE E 114 -18.29 -23.21 32.48
N GLU E 115 -18.92 -24.11 33.22
CA GLU E 115 -18.55 -25.52 33.17
C GLU E 115 -19.33 -26.21 32.05
N MET E 116 -18.60 -26.63 31.01
CA MET E 116 -19.19 -27.25 29.84
C MET E 116 -19.54 -28.71 30.11
N PHE E 117 -18.52 -29.49 30.46
CA PHE E 117 -18.69 -30.89 30.82
C PHE E 117 -18.25 -31.12 32.27
N PRO E 118 -19.21 -31.39 33.17
CA PRO E 118 -18.81 -31.74 34.53
C PRO E 118 -18.03 -33.05 34.56
N LYS E 119 -17.26 -33.29 35.63
CA LYS E 119 -16.42 -34.47 35.73
C LYS E 119 -17.20 -35.78 35.60
N SER E 120 -18.48 -35.74 35.96
CA SER E 120 -19.33 -36.93 35.95
C SER E 120 -19.70 -37.37 34.55
N THR E 121 -19.34 -36.57 33.55
CA THR E 121 -19.60 -36.92 32.16
C THR E 121 -18.89 -38.21 31.81
N TRP E 122 -17.66 -38.35 32.27
CA TRP E 122 -16.83 -39.49 31.91
C TRP E 122 -16.81 -40.56 33.00
N THR E 123 -17.49 -41.67 32.71
CA THR E 123 -17.68 -42.77 33.66
C THR E 123 -17.02 -44.06 33.18
N GLY E 124 -16.48 -44.83 34.12
CA GLY E 124 -15.78 -46.06 33.80
C GLY E 124 -14.29 -45.81 33.66
N VAL E 125 -13.90 -44.61 34.03
CA VAL E 125 -12.52 -44.15 33.94
C VAL E 125 -12.20 -43.36 35.21
N ASN E 126 -10.93 -43.07 35.40
CA ASN E 126 -10.53 -42.23 36.52
C ASN E 126 -10.43 -40.81 36.02
N THR E 127 -11.41 -40.00 36.42
CA THR E 127 -11.44 -38.60 36.03
C THR E 127 -10.64 -37.80 37.07
N GLU E 128 -10.35 -38.42 38.20
CA GLU E 128 -9.41 -37.86 39.16
C GLU E 128 -8.00 -38.35 38.79
N SER E 129 -7.00 -37.94 39.56
CA SER E 129 -5.61 -38.37 39.41
C SER E 129 -5.00 -37.98 38.06
N GLY E 130 -5.62 -36.99 37.39
CA GLY E 130 -5.16 -36.45 36.13
C GLY E 130 -4.28 -35.21 36.26
N VAL E 131 -3.40 -35.20 37.26
CA VAL E 131 -2.63 -34.01 37.56
C VAL E 131 -1.15 -34.26 37.34
N SER E 132 -0.39 -33.17 37.25
CA SER E 132 1.03 -33.26 36.98
C SER E 132 1.82 -32.16 37.68
N SER E 133 3.07 -32.47 38.01
CA SER E 133 3.95 -31.52 38.68
C SER E 133 4.39 -30.41 37.74
N ALA E 134 4.16 -30.61 36.44
CA ALA E 134 4.49 -29.59 35.45
C ALA E 134 3.47 -28.46 35.48
N CYS E 135 2.27 -28.76 35.97
CA CYS E 135 1.21 -27.76 36.11
C CYS E 135 0.77 -27.61 37.56
N PRO E 136 1.64 -27.10 38.42
CA PRO E 136 1.33 -27.06 39.86
C PRO E 136 0.27 -26.01 40.22
N LEU E 137 -0.55 -26.35 41.21
CA LEU E 137 -1.44 -25.38 41.84
C LEU E 137 -0.98 -25.22 43.28
N GLY E 138 -0.46 -24.05 43.60
CA GLY E 138 0.25 -23.87 44.85
C GLY E 138 1.51 -24.70 44.72
N ASN E 139 1.83 -25.48 45.76
CA ASN E 139 2.97 -26.38 45.68
C ASN E 139 2.62 -27.73 45.07
N GLY E 140 1.40 -28.20 45.31
CA GLY E 140 0.96 -29.50 44.84
C GLY E 140 0.76 -29.58 43.35
N PRO E 141 0.92 -30.78 42.77
CA PRO E 141 0.68 -30.95 41.33
C PRO E 141 -0.79 -30.76 40.96
N SER E 142 -1.03 -30.29 39.74
CA SER E 142 -2.38 -30.02 39.26
C SER E 142 -2.45 -30.09 37.74
N PHE E 143 -3.52 -29.52 37.18
CA PHE E 143 -3.72 -29.53 35.74
C PHE E 143 -4.60 -28.33 35.35
N TYR E 144 -4.70 -28.06 34.05
CA TYR E 144 -5.48 -26.93 33.55
C TYR E 144 -6.91 -26.96 34.05
N ARG E 145 -7.49 -25.77 34.25
CA ARG E 145 -8.80 -25.71 34.85
C ARG E 145 -9.89 -25.77 33.79
N ASN E 146 -9.50 -25.63 32.53
CA ASN E 146 -10.44 -25.74 31.42
C ASN E 146 -10.32 -27.09 30.71
N LEU E 147 -9.45 -27.95 31.22
CA LEU E 147 -9.19 -29.26 30.62
C LEU E 147 -9.23 -30.37 31.66
N LEU E 148 -9.66 -31.55 31.24
CA LEU E 148 -9.71 -32.72 32.12
C LEU E 148 -8.85 -33.86 31.58
N TRP E 149 -7.83 -34.25 32.35
CA TRP E 149 -6.97 -35.36 31.96
C TRP E 149 -7.52 -36.68 32.48
N ILE E 150 -8.03 -37.50 31.57
CA ILE E 150 -8.64 -38.78 31.93
C ILE E 150 -7.65 -39.92 31.79
N ILE E 151 -7.45 -40.69 32.86
CA ILE E 151 -6.61 -41.88 32.77
C ILE E 151 -7.42 -43.14 33.13
N LYS E 152 -6.99 -44.28 32.58
CA LYS E 152 -7.66 -45.56 32.77
C LYS E 152 -7.71 -46.07 34.21
N LEU E 153 -8.82 -46.71 34.57
CA LEU E 153 -8.85 -47.53 35.77
C LEU E 153 -8.05 -48.79 35.48
N LYS E 154 -7.27 -49.29 36.43
CA LYS E 154 -6.59 -50.56 36.22
C LYS E 154 -7.56 -51.73 36.41
N SER E 155 -8.70 -51.45 37.05
CA SER E 155 -9.70 -52.48 37.29
C SER E 155 -10.37 -52.89 35.99
N SER E 156 -10.90 -51.91 35.27
CA SER E 156 -11.55 -52.20 33.99
C SER E 156 -10.64 -51.74 32.87
N GLU E 157 -11.09 -51.88 31.64
CA GLU E 157 -10.36 -51.35 30.50
C GLU E 157 -10.73 -49.88 30.35
N TYR E 158 -10.13 -49.19 29.39
CA TYR E 158 -10.55 -47.83 29.11
C TYR E 158 -11.74 -47.96 28.17
N PRO E 159 -12.95 -47.66 28.69
CA PRO E 159 -14.14 -47.83 27.86
C PRO E 159 -14.27 -46.72 26.83
N VAL E 160 -15.08 -46.94 25.80
CA VAL E 160 -15.38 -45.86 24.89
C VAL E 160 -16.23 -44.87 25.67
N ILE E 161 -15.74 -43.65 25.80
CA ILE E 161 -16.45 -42.63 26.56
C ILE E 161 -17.05 -41.59 25.64
N ARG E 162 -18.23 -41.08 26.02
CA ARG E 162 -18.93 -40.13 25.19
C ARG E 162 -19.47 -38.96 26.00
N GLY E 163 -19.57 -37.82 25.36
CA GLY E 163 -20.12 -36.63 25.96
C GLY E 163 -20.79 -35.79 24.90
N THR E 164 -21.76 -34.99 25.32
CA THR E 164 -22.53 -34.17 24.39
C THR E 164 -22.82 -32.80 24.97
N PHE E 165 -22.58 -31.76 24.17
CA PHE E 165 -23.00 -30.43 24.57
C PHE E 165 -23.75 -29.77 23.43
N ASN E 166 -25.01 -29.45 23.71
CA ASN E 166 -25.90 -28.79 22.77
C ASN E 166 -25.85 -27.31 23.10
N ASN E 167 -25.38 -26.46 22.19
CA ASN E 167 -25.30 -25.04 22.51
C ASN E 167 -26.61 -24.38 22.12
N THR E 168 -27.44 -24.14 23.12
CA THR E 168 -28.76 -23.59 22.92
C THR E 168 -28.80 -22.08 23.18
N GLY E 169 -27.66 -21.53 23.57
CA GLY E 169 -27.55 -20.11 23.82
C GLY E 169 -27.38 -19.30 22.55
N ASP E 170 -27.30 -17.99 22.70
CA ASP E 170 -27.14 -17.09 21.55
C ASP E 170 -25.68 -16.79 21.34
N LYS E 171 -24.86 -17.19 22.31
CA LYS E 171 -23.45 -16.85 22.31
C LYS E 171 -22.60 -18.03 21.84
N SER E 172 -21.59 -17.75 21.03
CA SER E 172 -20.67 -18.80 20.58
C SER E 172 -19.84 -19.28 21.75
N ILE E 173 -19.41 -20.54 21.70
CA ILE E 173 -18.62 -21.10 22.78
C ILE E 173 -17.20 -21.45 22.34
N LEU E 174 -16.22 -20.85 23.02
CA LEU E 174 -14.82 -21.17 22.80
C LEU E 174 -14.43 -22.28 23.76
N TYR E 175 -14.03 -23.43 23.23
CA TYR E 175 -13.67 -24.56 24.07
C TYR E 175 -12.37 -25.20 23.62
N PHE E 176 -11.78 -25.99 24.51
CA PHE E 176 -10.47 -26.59 24.27
C PHE E 176 -10.48 -28.08 24.57
N TRP E 177 -9.58 -28.81 23.92
CA TRP E 177 -9.35 -30.21 24.25
C TRP E 177 -7.93 -30.57 23.84
N GLY E 178 -7.55 -31.82 24.06
CA GLY E 178 -6.20 -32.24 23.77
C GLY E 178 -6.02 -33.73 23.55
N VAL E 179 -4.86 -34.10 23.03
CA VAL E 179 -4.47 -35.49 22.88
C VAL E 179 -3.13 -35.72 23.57
N HIS E 180 -3.11 -36.67 24.51
CA HIS E 180 -1.89 -36.95 25.24
C HIS E 180 -0.98 -37.89 24.46
N HIS E 181 0.29 -37.53 24.36
CA HIS E 181 1.30 -38.37 23.71
C HIS E 181 2.39 -38.79 24.69
N PRO E 182 2.19 -39.96 25.34
CA PRO E 182 3.18 -40.52 26.27
C PRO E 182 4.53 -40.77 25.60
N PRO E 183 5.63 -40.67 26.38
CA PRO E 183 6.98 -40.87 25.86
C PRO E 183 7.30 -42.30 25.46
N VAL E 184 6.78 -43.28 26.18
CA VAL E 184 7.04 -44.69 25.86
C VAL E 184 5.76 -45.52 25.92
N THR E 185 5.78 -46.63 25.18
CA THR E 185 4.62 -47.52 25.06
C THR E 185 4.15 -48.07 26.41
N THR E 186 5.09 -48.27 27.32
CA THR E 186 4.77 -48.71 28.68
C THR E 186 3.68 -47.83 29.28
N GLU E 187 3.92 -46.53 29.27
CA GLU E 187 2.98 -45.56 29.84
C GLU E 187 1.68 -45.50 29.05
N GLN E 188 1.77 -45.66 27.73
CA GLN E 188 0.58 -45.67 26.88
C GLN E 188 -0.36 -46.81 27.25
N ASN E 189 0.20 -48.00 27.43
CA ASN E 189 -0.58 -49.16 27.84
C ASN E 189 -1.08 -49.04 29.28
N ALA E 190 -0.27 -48.41 30.13
CA ALA E 190 -0.61 -48.26 31.53
C ALA E 190 -1.69 -47.21 31.75
N LEU E 191 -1.61 -46.10 31.01
CA LEU E 191 -2.56 -45.00 31.17
C LEU E 191 -3.85 -45.18 30.36
N TYR E 192 -3.74 -45.81 29.20
CA TYR E 192 -4.88 -45.91 28.30
C TYR E 192 -5.15 -47.34 27.86
N GLY E 193 -4.17 -47.98 27.24
CA GLY E 193 -4.31 -49.38 26.84
C GLY E 193 -3.62 -49.74 25.55
N SER E 194 -3.65 -51.02 25.20
CA SER E 194 -3.02 -51.48 23.98
C SER E 194 -3.93 -51.21 22.79
N GLY E 195 -3.50 -51.66 21.62
CA GLY E 195 -4.26 -51.48 20.40
C GLY E 195 -4.28 -50.02 19.95
N ASP E 196 -5.03 -49.75 18.89
CA ASP E 196 -5.15 -48.40 18.37
C ASP E 196 -6.18 -47.62 19.18
N ARG E 197 -5.77 -46.48 19.70
CA ARG E 197 -6.65 -45.62 20.48
C ARG E 197 -6.92 -44.33 19.74
N TYR E 198 -8.04 -43.67 20.05
CA TYR E 198 -8.41 -42.49 19.28
C TYR E 198 -9.15 -41.44 20.11
N VAL E 199 -9.05 -40.20 19.66
CA VAL E 199 -9.84 -39.11 20.22
C VAL E 199 -10.61 -38.45 19.09
N ARG E 200 -11.94 -38.51 19.16
CA ARG E 200 -12.77 -37.98 18.08
C ARG E 200 -13.84 -37.00 18.56
N MET E 201 -13.78 -35.82 17.97
CA MET E 201 -14.70 -34.72 18.24
C MET E 201 -15.46 -34.36 16.97
N GLY E 202 -16.75 -34.05 17.09
CA GLY E 202 -17.48 -33.60 15.93
C GLY E 202 -18.68 -32.72 16.23
N THR E 203 -18.94 -31.80 15.31
CA THR E 203 -20.09 -30.91 15.36
C THR E 203 -20.76 -30.88 13.99
N GLU E 204 -21.73 -29.98 13.82
CA GLU E 204 -22.37 -29.85 12.52
C GLU E 204 -21.37 -29.35 11.48
N SER E 205 -20.41 -28.53 11.90
CA SER E 205 -19.43 -27.97 10.97
C SER E 205 -17.99 -28.49 11.14
N MET E 206 -17.73 -29.31 12.14
CA MET E 206 -16.36 -29.79 12.37
C MET E 206 -16.26 -31.30 12.58
N ASN E 207 -15.24 -31.91 11.99
CA ASN E 207 -14.94 -33.31 12.21
C ASN E 207 -13.47 -33.49 12.59
N PHE E 208 -13.23 -34.05 13.77
CA PHE E 208 -11.88 -34.15 14.32
C PHE E 208 -11.51 -35.58 14.71
N ALA E 209 -10.32 -36.02 14.30
CA ALA E 209 -9.80 -37.29 14.76
C ALA E 209 -8.28 -37.31 14.84
N ARG E 210 -7.75 -37.89 15.92
CA ARG E 210 -6.31 -38.09 16.10
C ARG E 210 -6.08 -39.41 16.83
N SER E 211 -4.86 -39.93 16.70
CA SER E 211 -4.42 -41.10 17.46
C SER E 211 -3.15 -40.72 18.23
N PRO E 212 -2.80 -41.51 19.27
CA PRO E 212 -1.57 -41.20 20.01
C PRO E 212 -0.33 -41.38 19.17
N GLU E 213 0.59 -40.42 19.26
CA GLU E 213 1.86 -40.55 18.58
C GLU E 213 2.94 -40.73 19.64
N ILE E 214 3.30 -41.98 19.91
CA ILE E 214 4.25 -42.31 20.98
C ILE E 214 5.67 -42.01 20.55
N ALA E 215 6.38 -41.21 21.34
CA ALA E 215 7.73 -40.84 20.96
C ALA E 215 8.58 -40.45 22.18
N ALA E 216 9.88 -40.75 22.13
CA ALA E 216 10.77 -40.40 23.23
C ALA E 216 11.30 -38.99 23.04
N ARG E 217 10.96 -38.10 23.97
CA ARG E 217 11.28 -36.68 23.81
C ARG E 217 12.13 -36.13 24.96
N PRO E 218 12.83 -35.02 24.72
CA PRO E 218 13.55 -34.34 25.81
C PRO E 218 12.60 -33.84 26.89
N ALA E 219 13.05 -33.84 28.15
CA ALA E 219 12.19 -33.43 29.26
C ALA E 219 11.94 -31.91 29.26
N VAL E 220 10.67 -31.53 29.38
CA VAL E 220 10.30 -30.14 29.60
C VAL E 220 9.38 -30.08 30.80
N ASN E 221 9.74 -29.26 31.79
CA ASN E 221 9.01 -29.20 33.06
C ASN E 221 8.86 -30.58 33.68
N GLY E 222 9.92 -31.38 33.58
CA GLY E 222 9.96 -32.73 34.12
C GLY E 222 9.12 -33.72 33.35
N GLN E 223 8.70 -33.34 32.14
CA GLN E 223 7.86 -34.22 31.34
C GLN E 223 8.40 -34.44 29.94
N ARG E 224 8.61 -35.71 29.58
CA ARG E 224 9.03 -36.06 28.22
C ARG E 224 7.83 -36.38 27.34
N GLY E 225 6.66 -36.50 27.96
CA GLY E 225 5.43 -36.71 27.21
C GLY E 225 4.94 -35.38 26.67
N ARG E 226 3.94 -35.42 25.80
CA ARG E 226 3.42 -34.20 25.20
C ARG E 226 1.90 -34.21 25.16
N ILE E 227 1.33 -33.01 25.06
CA ILE E 227 -0.08 -32.86 24.78
C ILE E 227 -0.27 -31.92 23.59
N ASP E 228 -0.98 -32.39 22.58
CA ASP E 228 -1.37 -31.50 21.49
C ASP E 228 -2.69 -30.85 21.86
N TYR E 229 -2.64 -29.54 22.09
CA TYR E 229 -3.83 -28.79 22.49
C TYR E 229 -4.58 -28.29 21.27
N PHE E 230 -5.90 -28.28 21.35
CA PHE E 230 -6.74 -27.79 20.28
C PHE E 230 -7.82 -26.88 20.83
N TRP E 231 -8.32 -26.00 19.98
CA TRP E 231 -9.42 -25.12 20.34
C TRP E 231 -10.42 -25.04 19.20
N SER E 232 -11.66 -24.70 19.51
CA SER E 232 -12.67 -24.53 18.48
C SER E 232 -13.82 -23.65 18.96
N ILE E 233 -14.73 -23.35 18.06
CA ILE E 233 -15.88 -22.50 18.36
C ILE E 233 -17.15 -23.28 18.10
N LEU E 234 -17.94 -23.48 19.16
CA LEU E 234 -19.22 -24.12 18.99
C LEU E 234 -20.27 -23.04 18.74
N LYS E 235 -20.77 -23.01 17.51
CA LYS E 235 -21.72 -21.98 17.10
C LYS E 235 -23.06 -22.19 17.78
N PRO E 236 -23.84 -21.10 17.93
CA PRO E 236 -25.17 -21.24 18.54
C PRO E 236 -26.05 -22.21 17.75
N GLY E 237 -26.72 -23.12 18.47
CA GLY E 237 -27.56 -24.12 17.85
C GLY E 237 -26.80 -25.38 17.47
N GLU E 238 -25.47 -25.29 17.49
CA GLU E 238 -24.63 -26.44 17.19
C GLU E 238 -24.48 -27.37 18.40
N THR E 239 -24.05 -28.60 18.14
CA THR E 239 -23.90 -29.60 19.18
C THR E 239 -22.53 -30.25 19.05
N LEU E 240 -21.86 -30.47 20.18
CA LEU E 240 -20.57 -31.14 20.18
C LEU E 240 -20.68 -32.56 20.70
N ASN E 241 -20.25 -33.52 19.89
CA ASN E 241 -20.18 -34.91 20.32
C ASN E 241 -18.73 -35.30 20.57
N VAL E 242 -18.45 -35.80 21.77
CA VAL E 242 -17.11 -36.25 22.09
C VAL E 242 -17.07 -37.78 22.19
N GLU E 243 -16.15 -38.39 21.48
CA GLU E 243 -16.00 -39.85 21.53
C GLU E 243 -14.52 -40.24 21.55
N SER E 244 -14.12 -41.01 22.55
CA SER E 244 -12.72 -41.43 22.67
C SER E 244 -12.57 -42.75 23.44
N ASN E 245 -11.60 -43.55 23.02
CA ASN E 245 -11.26 -44.77 23.73
C ASN E 245 -9.94 -44.66 24.49
N GLY E 246 -9.36 -43.46 24.52
CA GLY E 246 -8.14 -43.21 25.25
C GLY E 246 -7.41 -41.94 24.83
N ASN E 247 -6.48 -41.50 25.67
CA ASN E 247 -5.62 -40.35 25.37
C ASN E 247 -6.39 -39.04 25.24
N LEU E 248 -7.60 -38.99 25.79
CA LEU E 248 -8.42 -37.80 25.68
C LEU E 248 -8.16 -36.79 26.79
N ILE E 249 -7.83 -35.56 26.40
CA ILE E 249 -7.90 -34.45 27.33
C ILE E 249 -9.20 -33.72 27.03
N ALA E 250 -10.19 -33.89 27.90
CA ALA E 250 -11.54 -33.45 27.62
C ALA E 250 -11.75 -31.99 27.96
N PRO E 251 -12.64 -31.31 27.22
CA PRO E 251 -13.09 -29.97 27.62
C PRO E 251 -13.79 -30.03 28.97
N TRP E 252 -13.43 -29.11 29.87
CA TRP E 252 -14.05 -29.05 31.18
C TRP E 252 -14.84 -27.76 31.36
N TYR E 253 -14.11 -26.65 31.54
CA TYR E 253 -14.71 -25.32 31.52
C TYR E 253 -14.42 -24.66 30.19
N ALA E 254 -15.38 -23.88 29.71
CA ALA E 254 -15.21 -23.16 28.45
C ALA E 254 -15.67 -21.72 28.59
N TYR E 255 -15.61 -20.97 27.50
CA TYR E 255 -16.01 -19.57 27.52
C TYR E 255 -17.10 -19.32 26.51
N ARG E 256 -18.16 -18.65 26.94
CA ARG E 256 -19.13 -18.11 26.00
C ARG E 256 -18.52 -16.83 25.46
N PHE E 257 -18.46 -16.71 24.13
CA PHE E 257 -17.63 -15.67 23.53
C PHE E 257 -18.46 -14.55 22.90
N VAL E 258 -18.03 -13.31 23.12
CA VAL E 258 -18.71 -12.15 22.57
C VAL E 258 -17.78 -11.34 21.67
N ASN E 259 -18.11 -11.30 20.38
CA ASN E 259 -17.31 -10.59 19.39
C ASN E 259 -17.38 -9.07 19.54
N LYS E 260 -16.22 -8.43 19.57
CA LYS E 260 -16.15 -6.97 19.64
C LYS E 260 -16.54 -6.36 18.31
N ASP E 261 -17.39 -5.32 18.36
CA ASP E 261 -17.94 -4.72 17.15
C ASP E 261 -16.97 -3.77 16.45
N SER E 262 -15.78 -3.63 17.02
CA SER E 262 -14.72 -2.84 16.40
C SER E 262 -13.37 -3.51 16.60
N LYS E 263 -12.31 -2.84 16.18
CA LYS E 263 -10.97 -3.39 16.34
C LYS E 263 -10.59 -3.53 17.81
N GLY E 264 -10.13 -4.71 18.20
CA GLY E 264 -9.62 -4.92 19.54
C GLY E 264 -8.12 -4.90 19.50
N ALA E 265 -7.48 -4.90 20.66
CA ALA E 265 -6.02 -4.85 20.71
C ALA E 265 -5.42 -5.77 21.77
N ILE E 266 -4.23 -6.26 21.49
CA ILE E 266 -3.41 -6.96 22.47
C ILE E 266 -2.02 -6.33 22.48
N PHE E 267 -1.69 -5.68 23.59
CA PHE E 267 -0.42 -4.96 23.70
C PHE E 267 0.64 -5.75 24.46
N ARG E 268 1.85 -5.74 23.93
CA ARG E 268 2.99 -6.35 24.61
C ARG E 268 3.75 -5.25 25.32
N SER E 269 3.58 -5.17 26.64
CA SER E 269 4.09 -4.01 27.36
C SER E 269 4.35 -4.22 28.84
N ASN E 270 5.26 -3.41 29.38
CA ASN E 270 5.57 -3.40 30.80
C ASN E 270 4.90 -2.24 31.54
N LEU E 271 4.21 -1.39 30.80
CA LEU E 271 3.65 -0.15 31.36
C LEU E 271 2.56 -0.43 32.40
N PRO E 272 2.48 0.42 33.43
CA PRO E 272 1.46 0.23 34.46
C PRO E 272 0.06 0.57 33.97
N ILE E 273 -0.92 -0.22 34.40
CA ILE E 273 -2.32 0.11 34.17
C ILE E 273 -2.75 0.91 35.38
N GLU E 274 -3.31 2.09 35.14
CA GLU E 274 -3.65 2.98 36.25
C GLU E 274 -5.12 3.38 36.24
N ASN E 275 -5.53 4.13 37.24
CA ASN E 275 -6.91 4.57 37.30
C ASN E 275 -7.05 5.88 36.55
N CYS E 276 -7.38 5.76 35.27
CA CYS E 276 -7.47 6.91 34.38
C CYS E 276 -8.33 6.62 33.16
N ASP E 277 -8.58 7.65 32.36
CA ASP E 277 -9.38 7.52 31.14
C ASP E 277 -8.62 8.01 29.92
N ALA E 278 -8.82 7.35 28.78
CA ALA E 278 -8.17 7.80 27.55
C ALA E 278 -9.06 7.61 26.31
N THR E 279 -8.92 8.53 25.36
CA THR E 279 -9.54 8.38 24.05
C THR E 279 -8.60 7.63 23.11
N CYS E 280 -7.32 7.98 23.18
CA CYS E 280 -6.29 7.33 22.37
C CYS E 280 -5.27 6.60 23.23
N GLN E 281 -5.20 5.28 23.08
CA GLN E 281 -4.25 4.48 23.83
C GLN E 281 -3.31 3.72 22.89
N THR E 282 -2.03 4.06 22.93
CA THR E 282 -1.06 3.36 22.10
C THR E 282 -0.37 2.31 22.95
N THR E 283 0.45 1.48 22.32
CA THR E 283 1.18 0.45 23.05
C THR E 283 2.32 1.09 23.82
N GLU E 284 2.68 2.31 23.43
CA GLU E 284 3.76 3.03 24.09
C GLU E 284 3.24 4.00 25.15
N GLY E 285 1.92 4.20 25.17
CA GLY E 285 1.31 5.07 26.16
C GLY E 285 0.11 5.87 25.66
N VAL E 286 -0.41 6.75 26.52
CA VAL E 286 -1.59 7.54 26.21
C VAL E 286 -1.26 8.81 25.43
N ILE E 287 -2.02 9.11 24.40
CA ILE E 287 -1.88 10.38 23.68
C ILE E 287 -3.09 11.28 23.89
N ARG E 288 -2.85 12.46 24.45
CA ARG E 288 -3.90 13.47 24.57
C ARG E 288 -3.53 14.68 23.73
N THR E 289 -4.20 14.83 22.60
CA THR E 289 -3.83 15.88 21.65
C THR E 289 -4.97 16.18 20.69
N ASN E 290 -4.94 17.38 20.13
CA ASN E 290 -5.82 17.73 19.02
C ASN E 290 -5.08 17.64 17.70
N LYS E 291 -3.80 17.29 17.75
CA LYS E 291 -2.96 17.31 16.56
C LYS E 291 -3.29 16.17 15.61
N THR E 292 -2.87 16.34 14.36
CA THR E 292 -3.26 15.43 13.28
C THR E 292 -2.34 14.22 13.19
N PHE E 293 -1.09 14.39 13.59
CA PHE E 293 -0.10 13.32 13.47
C PHE E 293 0.55 12.97 14.80
N GLN E 294 1.12 11.77 14.87
CA GLN E 294 1.92 11.37 16.03
C GLN E 294 3.03 10.41 15.64
N ASN E 295 4.17 10.55 16.31
CA ASN E 295 5.34 9.72 16.04
C ASN E 295 5.55 8.66 17.12
N VAL E 296 4.56 8.48 17.98
CA VAL E 296 4.72 7.63 19.16
C VAL E 296 4.65 6.15 18.80
N SER E 297 3.52 5.69 18.27
CA SER E 297 3.41 4.27 17.92
C SER E 297 2.40 4.02 16.80
N PRO E 298 2.69 3.03 15.95
CA PRO E 298 1.73 2.55 14.95
C PRO E 298 0.64 1.67 15.59
N LEU E 299 0.89 1.21 16.81
CA LEU E 299 -0.03 0.28 17.46
C LEU E 299 -0.87 0.95 18.55
N TRP E 300 -2.17 1.00 18.31
CA TRP E 300 -3.14 1.67 19.17
C TRP E 300 -4.56 1.16 18.94
N ILE E 301 -5.49 1.53 19.82
CA ILE E 301 -6.88 1.05 19.74
C ILE E 301 -7.94 2.15 19.59
N GLY E 302 -7.94 3.15 20.47
CA GLY E 302 -8.94 4.20 20.43
C GLY E 302 -8.80 5.13 19.23
N GLU E 303 -9.25 6.37 19.35
CA GLU E 303 -9.17 7.30 18.22
C GLU E 303 -7.86 8.08 18.29
N CYS E 304 -6.93 7.72 17.41
CA CYS E 304 -5.59 8.31 17.43
C CYS E 304 -5.21 9.06 16.15
N PRO E 305 -4.33 10.06 16.28
CA PRO E 305 -3.75 10.73 15.11
C PRO E 305 -2.90 9.78 14.26
N LYS E 306 -2.79 10.07 12.97
CA LYS E 306 -2.01 9.26 12.04
C LYS E 306 -0.55 9.15 12.44
N TYR E 307 0.00 7.94 12.32
CA TYR E 307 1.40 7.69 12.68
C TYR E 307 2.35 7.99 11.51
N VAL E 308 3.39 8.78 11.79
CA VAL E 308 4.42 9.08 10.79
C VAL E 308 5.79 9.05 11.46
N LYS E 309 6.85 9.06 10.64
CA LYS E 309 8.22 9.00 11.15
C LYS E 309 8.77 10.38 11.48
N SER E 310 8.06 11.42 11.06
CA SER E 310 8.53 12.80 11.17
C SER E 310 8.84 13.23 12.60
N LYS E 311 9.83 14.11 12.74
CA LYS E 311 10.13 14.69 14.05
C LYS E 311 9.21 15.87 14.30
N SER E 312 8.85 16.56 13.22
CA SER E 312 7.97 17.72 13.31
C SER E 312 7.24 17.95 11.99
N LEU E 313 5.99 18.37 12.07
CA LEU E 313 5.29 18.80 10.87
C LEU E 313 4.63 20.13 11.18
N ARG E 314 5.31 21.21 10.83
CA ARG E 314 4.84 22.54 11.19
C ARG E 314 4.41 23.35 9.97
N LEU E 315 3.13 23.72 9.93
CA LEU E 315 2.61 24.53 8.84
C LEU E 315 2.74 26.01 9.14
N ALA E 316 3.24 26.77 8.17
CA ALA E 316 3.22 28.22 8.28
C ALA E 316 1.78 28.71 8.13
N THR E 317 1.38 29.64 8.98
CA THR E 317 0.08 30.29 8.88
C THR E 317 0.28 31.78 8.66
N GLY E 318 1.09 32.40 9.51
CA GLY E 318 1.46 33.80 9.31
C GLY E 318 2.47 33.94 8.19
N LEU E 319 3.18 35.07 8.16
CA LEU E 319 4.08 35.35 7.04
C LEU E 319 5.53 35.39 7.48
N ARG E 320 6.43 35.56 6.51
CA ARG E 320 7.86 35.61 6.78
C ARG E 320 8.14 36.76 7.75
N ASN E 321 8.77 36.45 8.88
CA ASN E 321 8.96 37.44 9.93
C ASN E 321 10.21 38.27 9.69
N VAL E 322 10.01 39.56 9.43
CA VAL E 322 11.11 40.45 9.09
C VAL E 322 11.10 41.72 9.96
N PRO E 323 11.53 41.61 11.23
CA PRO E 323 11.54 42.80 12.07
C PRO E 323 12.58 43.82 11.61
N GLN E 324 12.32 45.10 11.86
CA GLN E 324 13.28 46.15 11.51
C GLN E 324 14.14 46.52 12.72
N GLY F 1 7.98 32.19 -7.34
CA GLY F 1 6.62 32.68 -7.18
C GLY F 1 6.55 33.86 -6.23
N LEU F 2 7.71 34.42 -5.89
CA LEU F 2 7.78 35.60 -5.04
C LEU F 2 7.09 36.77 -5.74
N PHE F 3 6.34 37.57 -4.99
CA PHE F 3 5.67 38.72 -5.58
C PHE F 3 6.42 40.02 -5.32
N GLY F 4 7.60 39.91 -4.71
CA GLY F 4 8.51 41.03 -4.63
C GLY F 4 8.29 42.06 -3.53
N ALA F 5 7.24 41.89 -2.73
CA ALA F 5 6.92 42.87 -1.69
C ALA F 5 7.61 42.56 -0.37
N ILE F 6 7.19 41.48 0.29
CA ILE F 6 7.75 41.09 1.58
C ILE F 6 9.23 40.73 1.43
N ALA F 7 10.07 41.40 2.23
CA ALA F 7 11.53 41.32 2.14
C ALA F 7 11.97 41.67 0.72
N GLY F 8 11.11 42.44 0.05
CA GLY F 8 11.31 42.91 -1.30
C GLY F 8 11.48 44.41 -1.29
N PHE F 9 10.76 45.07 -2.19
CA PHE F 9 10.79 46.53 -2.27
C PHE F 9 10.21 47.17 -1.02
N ILE F 10 9.45 46.40 -0.26
CA ILE F 10 9.15 46.79 1.11
C ILE F 10 10.08 45.98 2.00
N GLU F 11 11.14 46.64 2.46
CA GLU F 11 12.31 45.98 3.01
C GLU F 11 12.09 45.25 4.33
N GLY F 12 11.16 45.75 5.14
CA GLY F 12 10.93 45.14 6.45
C GLY F 12 9.49 45.23 6.91
N GLY F 13 9.22 44.56 8.03
CA GLY F 13 7.88 44.54 8.59
C GLY F 13 7.70 45.54 9.72
N TRP F 14 6.46 45.62 10.21
CA TRP F 14 6.12 46.53 11.29
C TRP F 14 5.72 45.77 12.55
N THR F 15 6.53 45.89 13.60
CA THR F 15 6.16 45.33 14.89
C THR F 15 5.10 46.20 15.55
N GLY F 16 4.90 47.39 14.98
CA GLY F 16 3.95 48.34 15.52
C GLY F 16 2.54 48.11 15.01
N MET F 17 2.38 47.29 13.99
CA MET F 17 1.04 46.97 13.54
C MET F 17 0.65 45.59 14.04
N ILE F 18 -0.12 45.57 15.12
CA ILE F 18 -0.40 44.33 15.83
C ILE F 18 -1.82 43.79 15.62
N ASP F 19 -2.65 44.53 14.91
CA ASP F 19 -4.06 44.15 14.77
C ASP F 19 -4.37 43.47 13.44
N GLY F 20 -3.34 43.24 12.62
CA GLY F 20 -3.53 42.61 11.33
C GLY F 20 -2.23 42.26 10.63
N TRP F 21 -2.34 41.47 9.56
CA TRP F 21 -1.17 41.03 8.80
C TRP F 21 -0.67 42.11 7.85
N TYR F 22 -1.60 42.74 7.14
CA TYR F 22 -1.27 43.75 6.15
C TYR F 22 -1.95 45.07 6.52
N GLY F 23 -1.29 46.19 6.26
CA GLY F 23 -1.87 47.46 6.63
C GLY F 23 -1.13 48.71 6.21
N TYR F 24 -1.44 49.81 6.87
CA TYR F 24 -0.98 51.13 6.48
C TYR F 24 -0.23 51.84 7.59
N HIS F 25 0.68 52.72 7.21
CA HIS F 25 1.25 53.69 8.14
C HIS F 25 1.18 55.06 7.48
N HIS F 26 0.54 56.02 8.14
CA HIS F 26 0.31 57.32 7.53
C HIS F 26 1.02 58.43 8.31
N GLU F 27 1.28 59.54 7.62
CA GLU F 27 1.88 60.71 8.26
C GLU F 27 1.23 62.01 7.77
N ASN F 28 0.78 62.84 8.70
CA ASN F 28 0.29 64.18 8.36
C ASN F 28 0.38 65.14 9.55
N SER F 29 -0.26 66.31 9.39
CA SER F 29 -0.24 67.34 10.43
C SER F 29 -0.86 66.83 11.73
N GLN F 30 -1.77 65.88 11.60
CA GLN F 30 -2.47 65.32 12.74
C GLN F 30 -1.69 64.19 13.40
N GLY F 31 -0.48 63.91 12.92
CA GLY F 31 0.33 62.87 13.50
C GLY F 31 0.43 61.62 12.64
N SER F 32 0.93 60.55 13.24
CA SER F 32 1.15 59.29 12.52
C SER F 32 0.49 58.13 13.24
N GLY F 33 0.58 56.94 12.64
CA GLY F 33 0.05 55.74 13.27
C GLY F 33 -0.05 54.56 12.34
N TYR F 34 -0.18 53.37 12.91
CA TYR F 34 -0.37 52.15 12.14
C TYR F 34 -1.85 51.77 12.11
N ALA F 35 -2.30 51.23 10.98
CA ALA F 35 -3.64 50.70 10.90
C ALA F 35 -3.66 49.48 10.00
N ALA F 36 -4.22 48.39 10.50
CA ALA F 36 -4.32 47.18 9.71
C ALA F 36 -5.42 47.32 8.69
N ASP F 37 -5.22 46.78 7.50
CA ASP F 37 -6.33 46.68 6.57
C ASP F 37 -7.10 45.43 6.96
N LYS F 38 -8.32 45.62 7.43
CA LYS F 38 -9.05 44.50 8.03
C LYS F 38 -9.64 43.63 6.95
N GLU F 39 -9.94 44.24 5.80
CA GLU F 39 -10.53 43.52 4.68
C GLU F 39 -9.58 42.45 4.16
N SER F 40 -8.38 42.85 3.74
CA SER F 40 -7.44 41.91 3.16
C SER F 40 -6.91 40.95 4.22
N THR F 41 -6.77 41.45 5.45
CA THR F 41 -6.28 40.63 6.55
C THR F 41 -7.29 39.53 6.89
N GLN F 42 -8.54 39.91 7.06
CA GLN F 42 -9.59 38.96 7.42
C GLN F 42 -9.76 37.89 6.34
N LYS F 43 -9.68 38.32 5.08
CA LYS F 43 -9.82 37.40 3.96
C LYS F 43 -8.70 36.37 3.96
N ALA F 44 -7.50 36.81 4.29
CA ALA F 44 -6.34 35.94 4.36
C ALA F 44 -6.50 34.95 5.51
N ILE F 45 -6.97 35.46 6.65
CA ILE F 45 -7.18 34.63 7.83
C ILE F 45 -8.17 33.51 7.52
N ASP F 46 -9.25 33.85 6.81
CA ASP F 46 -10.23 32.86 6.41
C ASP F 46 -9.62 31.80 5.50
N GLY F 47 -8.79 32.24 4.56
CA GLY F 47 -8.16 31.35 3.61
C GLY F 47 -7.15 30.40 4.23
N ILE F 48 -6.28 30.94 5.07
CA ILE F 48 -5.26 30.12 5.74
C ILE F 48 -5.90 29.14 6.71
N THR F 49 -6.90 29.61 7.45
CA THR F 49 -7.66 28.76 8.36
C THR F 49 -8.27 27.60 7.57
N ASN F 50 -8.82 27.93 6.41
CA ASN F 50 -9.42 26.95 5.52
C ASN F 50 -8.41 25.94 5.00
N LYS F 51 -7.23 26.43 4.60
CA LYS F 51 -6.17 25.58 4.10
C LYS F 51 -5.74 24.56 5.16
N VAL F 52 -5.52 25.04 6.38
CA VAL F 52 -5.09 24.17 7.47
C VAL F 52 -6.17 23.15 7.79
N ASN F 53 -7.41 23.61 7.88
CA ASN F 53 -8.54 22.72 8.16
C ASN F 53 -8.74 21.67 7.07
N SER F 54 -8.60 22.07 5.82
CA SER F 54 -8.74 21.15 4.70
C SER F 54 -7.63 20.10 4.70
N ILE F 55 -6.42 20.52 5.05
CA ILE F 55 -5.29 19.60 5.14
C ILE F 55 -5.51 18.57 6.24
N ILE F 56 -5.87 19.06 7.42
CA ILE F 56 -6.19 18.21 8.57
C ILE F 56 -7.29 17.23 8.19
N ASP F 57 -8.27 17.72 7.44
CA ASP F 57 -9.45 16.95 7.06
C ASP F 57 -9.10 15.81 6.09
N LYS F 58 -8.11 16.03 5.23
CA LYS F 58 -7.71 15.00 4.26
C LYS F 58 -6.76 14.00 4.89
N MET F 59 -6.18 14.40 6.02
CA MET F 59 -5.27 13.56 6.79
C MET F 59 -6.04 12.78 7.85
N ASN F 60 -7.36 12.82 7.76
CA ASN F 60 -8.26 12.35 8.81
C ASN F 60 -8.57 10.86 8.74
N THR F 61 -7.77 10.12 7.98
CA THR F 61 -7.84 8.67 8.01
C THR F 61 -6.51 8.13 8.53
N GLN F 62 -6.51 6.90 8.99
CA GLN F 62 -5.29 6.29 9.51
C GLN F 62 -5.11 4.86 9.02
N PHE F 63 -3.91 4.55 8.53
CA PHE F 63 -3.55 3.15 8.36
C PHE F 63 -3.24 2.60 9.74
N GLU F 64 -3.92 1.53 10.11
CA GLU F 64 -3.71 0.96 11.44
C GLU F 64 -3.06 -0.40 11.37
N ALA F 65 -1.80 -0.45 11.80
CA ALA F 65 -1.10 -1.71 11.95
C ALA F 65 -1.74 -2.53 13.08
N VAL F 66 -1.57 -3.85 13.01
CA VAL F 66 -2.10 -4.73 14.05
C VAL F 66 -1.00 -5.55 14.69
N GLY F 67 -1.30 -6.10 15.85
CA GLY F 67 -0.32 -6.89 16.60
C GLY F 67 -0.45 -8.39 16.41
N HIS F 68 -0.99 -8.79 15.26
CA HIS F 68 -1.14 -10.21 14.94
C HIS F 68 0.22 -10.91 14.97
N GLU F 69 0.22 -12.19 15.34
CA GLU F 69 1.47 -12.93 15.44
C GLU F 69 1.53 -14.03 14.37
N PHE F 70 2.75 -14.42 14.03
CA PHE F 70 2.98 -15.42 12.99
C PHE F 70 4.00 -16.45 13.48
N SER F 71 3.82 -17.70 13.08
CA SER F 71 4.71 -18.76 13.51
C SER F 71 6.03 -18.72 12.75
N ASN F 72 6.96 -19.59 13.13
CA ASN F 72 8.24 -19.66 12.44
C ASN F 72 8.10 -20.31 11.07
N LEU F 73 6.94 -20.92 10.83
CA LEU F 73 6.65 -21.49 9.52
C LEU F 73 5.74 -20.57 8.72
N GLU F 74 5.48 -19.39 9.26
CA GLU F 74 4.70 -18.37 8.56
C GLU F 74 5.55 -17.16 8.13
N ARG F 75 6.87 -17.36 8.02
CA ARG F 75 7.80 -16.29 7.70
C ARG F 75 7.42 -15.45 6.48
N ARG F 76 6.85 -16.06 5.46
CA ARG F 76 6.53 -15.30 4.25
C ARG F 76 5.42 -14.28 4.45
N ILE F 77 4.30 -14.68 5.07
CA ILE F 77 3.18 -13.76 5.26
C ILE F 77 3.47 -12.78 6.41
N ASP F 78 4.37 -13.16 7.30
CA ASP F 78 4.83 -12.26 8.36
C ASP F 78 5.52 -11.08 7.68
N ASN F 79 6.48 -11.38 6.82
CA ASN F 79 7.24 -10.36 6.10
C ASN F 79 6.34 -9.57 5.17
N LEU F 80 5.34 -10.23 4.60
CA LEU F 80 4.37 -9.58 3.73
C LEU F 80 3.62 -8.49 4.50
N ASN F 81 3.15 -8.83 5.69
CA ASN F 81 2.45 -7.89 6.54
C ASN F 81 3.35 -6.73 6.95
N LYS F 82 4.61 -7.05 7.21
CA LYS F 82 5.58 -6.06 7.64
C LYS F 82 5.93 -5.09 6.52
N ARG F 83 6.12 -5.60 5.32
CA ARG F 83 6.44 -4.77 4.15
C ARG F 83 5.25 -3.90 3.76
N MET F 84 4.05 -4.38 4.05
CA MET F 84 2.84 -3.60 3.79
C MET F 84 2.71 -2.45 4.77
N GLU F 85 2.87 -2.75 6.06
CA GLU F 85 2.73 -1.75 7.11
C GLU F 85 3.80 -0.67 6.99
N ASP F 86 5.04 -1.08 6.71
CA ASP F 86 6.12 -0.14 6.45
C ASP F 86 5.85 0.62 5.15
N GLY F 87 5.11 -0.03 4.25
CA GLY F 87 4.81 0.55 2.95
C GLY F 87 3.95 1.79 3.06
N PHE F 88 2.85 1.70 3.80
CA PHE F 88 1.95 2.83 3.96
C PHE F 88 2.56 3.89 4.86
N LEU F 89 3.40 3.46 5.81
CA LEU F 89 4.07 4.39 6.69
C LEU F 89 5.00 5.31 5.91
N ASP F 90 5.72 4.74 4.96
CA ASP F 90 6.63 5.53 4.13
C ASP F 90 5.85 6.43 3.18
N VAL F 91 4.68 5.95 2.74
CA VAL F 91 3.83 6.72 1.83
C VAL F 91 3.25 7.94 2.52
N TRP F 92 2.72 7.75 3.73
CA TRP F 92 2.08 8.83 4.46
C TRP F 92 3.11 9.82 4.99
N THR F 93 4.28 9.32 5.36
CA THR F 93 5.38 10.17 5.79
C THR F 93 5.79 11.06 4.62
N TYR F 94 5.89 10.46 3.44
CA TYR F 94 6.22 11.19 2.22
C TYR F 94 5.18 12.27 1.97
N ASN F 95 3.91 11.86 1.97
CA ASN F 95 2.81 12.77 1.70
C ASN F 95 2.81 13.94 2.69
N ALA F 96 2.95 13.62 3.97
CA ALA F 96 2.90 14.64 5.02
C ALA F 96 4.09 15.59 4.96
N GLU F 97 5.30 15.04 4.91
CA GLU F 97 6.52 15.84 4.93
C GLU F 97 6.67 16.72 3.70
N LEU F 98 6.32 16.20 2.53
CA LEU F 98 6.47 16.95 1.30
C LEU F 98 5.40 18.03 1.17
N LEU F 99 4.19 17.72 1.64
CA LEU F 99 3.10 18.68 1.58
C LEU F 99 3.39 19.90 2.43
N VAL F 100 4.04 19.68 3.58
CA VAL F 100 4.37 20.77 4.49
C VAL F 100 5.38 21.68 3.82
N LEU F 101 6.37 21.10 3.16
CA LEU F 101 7.38 21.86 2.43
C LEU F 101 6.74 22.70 1.33
N LEU F 102 5.94 22.05 0.50
CA LEU F 102 5.34 22.70 -0.67
C LEU F 102 4.34 23.79 -0.31
N GLU F 103 3.45 23.50 0.63
CA GLU F 103 2.39 24.44 0.98
C GLU F 103 2.87 25.59 1.87
N ASN F 104 3.93 25.37 2.63
CA ASN F 104 4.54 26.46 3.38
C ASN F 104 5.07 27.52 2.41
N GLU F 105 5.60 27.05 1.29
CA GLU F 105 6.05 27.94 0.22
C GLU F 105 4.89 28.79 -0.28
N ARG F 106 3.79 28.11 -0.61
CA ARG F 106 2.59 28.75 -1.13
C ARG F 106 1.97 29.76 -0.17
N THR F 107 1.93 29.40 1.11
CA THR F 107 1.33 30.26 2.13
C THR F 107 2.14 31.55 2.29
N LEU F 108 3.46 31.42 2.33
CA LEU F 108 4.33 32.58 2.42
C LEU F 108 4.24 33.45 1.18
N ASP F 109 4.15 32.82 0.02
CA ASP F 109 4.00 33.55 -1.24
C ASP F 109 2.66 34.25 -1.30
N LEU F 110 1.65 33.64 -0.69
CA LEU F 110 0.31 34.22 -0.66
C LEU F 110 0.28 35.56 0.06
N HIS F 111 0.95 35.62 1.21
CA HIS F 111 1.04 36.86 1.98
C HIS F 111 1.74 37.93 1.16
N ASP F 112 2.78 37.53 0.45
CA ASP F 112 3.55 38.42 -0.41
C ASP F 112 2.64 39.04 -1.47
N ALA F 113 1.81 38.21 -2.09
CA ALA F 113 0.87 38.66 -3.11
C ALA F 113 -0.16 39.63 -2.53
N ASN F 114 -0.58 39.38 -1.29
CA ASN F 114 -1.57 40.24 -0.64
C ASN F 114 -1.03 41.62 -0.36
N VAL F 115 0.22 41.69 0.11
CA VAL F 115 0.88 42.96 0.35
C VAL F 115 1.06 43.71 -0.96
N LYS F 116 1.49 42.99 -1.99
CA LYS F 116 1.69 43.58 -3.31
C LYS F 116 0.39 44.17 -3.87
N ASN F 117 -0.68 43.39 -3.80
CA ASN F 117 -1.97 43.81 -4.33
C ASN F 117 -2.56 45.00 -3.58
N LEU F 118 -2.39 45.00 -2.26
CA LEU F 118 -2.86 46.10 -1.43
C LEU F 118 -2.09 47.36 -1.81
N HIS F 119 -0.81 47.18 -2.13
CA HIS F 119 0.06 48.28 -2.52
C HIS F 119 -0.31 48.85 -3.88
N GLU F 120 -0.63 47.97 -4.83
CA GLU F 120 -1.02 48.41 -6.16
C GLU F 120 -2.37 49.11 -6.07
N LYS F 121 -3.18 48.64 -5.13
CA LYS F 121 -4.52 49.17 -4.90
C LYS F 121 -4.45 50.64 -4.51
N VAL F 122 -3.51 50.97 -3.62
CA VAL F 122 -3.31 52.35 -3.19
C VAL F 122 -2.71 53.18 -4.32
N ARG F 123 -1.66 52.64 -4.94
CA ARG F 123 -0.98 53.32 -6.04
C ARG F 123 -1.93 53.69 -7.18
N SER F 124 -2.91 52.83 -7.43
CA SER F 124 -3.84 53.04 -8.54
C SER F 124 -4.74 54.24 -8.32
N GLN F 125 -5.11 54.51 -7.07
CA GLN F 125 -5.96 55.65 -6.77
C GLN F 125 -5.18 56.96 -6.76
N LEU F 126 -3.99 56.93 -6.15
CA LEU F 126 -3.22 58.15 -5.95
C LEU F 126 -2.68 58.68 -7.26
N ARG F 127 -2.31 57.78 -8.16
CA ARG F 127 -1.78 58.14 -9.48
C ARG F 127 -0.65 59.17 -9.36
N ASP F 128 -0.77 60.29 -10.06
CA ASP F 128 0.27 61.31 -10.01
C ASP F 128 0.00 62.36 -8.94
N ASN F 129 -1.04 62.17 -8.14
CA ASN F 129 -1.29 63.04 -6.98
C ASN F 129 -0.34 62.73 -5.83
N ALA F 130 0.45 61.67 -5.98
CA ALA F 130 1.39 61.26 -4.95
C ALA F 130 2.70 60.80 -5.55
N ASN F 131 3.76 60.89 -4.76
CA ASN F 131 5.10 60.52 -5.19
C ASN F 131 5.47 59.12 -4.71
N ASP F 132 5.63 58.20 -5.65
CA ASP F 132 5.95 56.81 -5.32
C ASP F 132 7.43 56.71 -4.97
N LEU F 133 7.72 56.38 -3.71
CA LEU F 133 9.09 56.30 -3.23
C LEU F 133 9.76 54.98 -3.59
N GLY F 134 8.97 54.02 -4.04
CA GLY F 134 9.48 52.72 -4.46
C GLY F 134 9.71 51.77 -3.29
N ASN F 135 9.58 52.28 -2.08
CA ASN F 135 9.75 51.46 -0.87
C ASN F 135 8.42 51.06 -0.23
N GLY F 136 7.32 51.41 -0.89
CA GLY F 136 6.00 51.11 -0.38
C GLY F 136 5.30 52.33 0.20
N CYS F 137 5.98 53.48 0.14
CA CYS F 137 5.43 54.72 0.67
C CYS F 137 5.11 55.71 -0.45
N PHE F 138 4.13 56.56 -0.19
CA PHE F 138 3.74 57.59 -1.14
C PHE F 138 3.73 58.96 -0.47
N GLU F 139 4.50 59.89 -1.02
CA GLU F 139 4.47 61.27 -0.54
C GLU F 139 3.38 62.03 -1.30
N PHE F 140 2.44 62.61 -0.56
CA PHE F 140 1.34 63.32 -1.21
C PHE F 140 1.79 64.67 -1.72
N TRP F 141 1.33 65.02 -2.91
CA TRP F 141 1.61 66.32 -3.51
C TRP F 141 0.61 67.35 -3.01
N HIS F 142 -0.26 66.93 -2.09
CA HIS F 142 -1.25 67.80 -1.48
C HIS F 142 -1.40 67.46 0.01
N LYS F 143 -2.11 68.31 0.74
CA LYS F 143 -2.35 68.05 2.16
C LYS F 143 -3.39 66.95 2.32
N CYS F 144 -3.05 65.93 3.11
CA CYS F 144 -3.96 64.82 3.32
C CYS F 144 -4.24 64.63 4.80
N ASN F 145 -5.41 65.09 5.25
CA ASN F 145 -5.79 64.96 6.65
C ASN F 145 -6.28 63.55 6.96
N ASN F 146 -6.74 63.33 8.18
CA ASN F 146 -7.24 62.02 8.60
C ASN F 146 -8.36 61.50 7.69
N GLU F 147 -9.28 62.38 7.31
CA GLU F 147 -10.37 61.99 6.43
C GLU F 147 -9.85 61.58 5.06
N CYS F 148 -8.82 62.29 4.59
CA CYS F 148 -8.17 61.94 3.34
C CYS F 148 -7.48 60.58 3.46
N MET F 149 -6.79 60.38 4.57
CA MET F 149 -6.12 59.10 4.84
C MET F 149 -7.09 57.93 4.85
N GLU F 150 -8.24 58.14 5.50
CA GLU F 150 -9.25 57.08 5.59
C GLU F 150 -9.71 56.63 4.21
N SER F 151 -9.92 57.58 3.30
CA SER F 151 -10.42 57.27 1.97
C SER F 151 -9.46 56.40 1.17
N VAL F 152 -8.17 56.58 1.40
CA VAL F 152 -7.15 55.81 0.72
C VAL F 152 -7.19 54.33 1.10
N LYS F 153 -7.28 54.07 2.40
CA LYS F 153 -7.29 52.71 2.93
C LYS F 153 -8.58 52.00 2.54
N ASN F 154 -9.67 52.75 2.71
CA ASN F 154 -11.04 52.33 2.45
C ASN F 154 -11.34 52.26 0.93
N GLY F 155 -10.46 52.86 0.13
CA GLY F 155 -10.56 52.81 -1.31
C GLY F 155 -11.52 53.77 -2.00
N THR F 156 -11.87 54.84 -1.29
CA THR F 156 -12.78 55.86 -1.81
C THR F 156 -12.06 57.17 -2.17
N TYR F 157 -10.73 57.12 -2.23
CA TYR F 157 -9.93 58.33 -2.50
C TYR F 157 -10.40 59.09 -3.72
N ASP F 158 -10.61 60.39 -3.54
CA ASP F 158 -11.12 61.25 -4.59
C ASP F 158 -9.95 61.85 -5.35
N TYR F 159 -9.64 61.32 -6.53
CA TYR F 159 -8.49 61.77 -7.28
C TYR F 159 -8.62 63.19 -7.87
N PRO F 160 -9.71 63.46 -8.64
CA PRO F 160 -9.76 64.78 -9.27
C PRO F 160 -9.95 65.92 -8.28
N LYS F 161 -10.45 65.61 -7.08
CA LYS F 161 -10.63 66.62 -6.04
C LYS F 161 -9.30 67.27 -5.67
N TYR F 162 -8.25 66.45 -5.62
CA TYR F 162 -6.94 66.93 -5.22
C TYR F 162 -6.02 67.19 -6.42
N GLN F 163 -6.54 66.96 -7.63
CA GLN F 163 -5.72 67.05 -8.83
C GLN F 163 -5.06 68.42 -9.02
N LYS F 164 -5.83 69.49 -8.83
CA LYS F 164 -5.34 70.84 -9.09
C LYS F 164 -4.26 71.24 -8.09
N GLU F 165 -4.53 71.01 -6.82
CA GLU F 165 -3.58 71.34 -5.76
C GLU F 165 -2.28 70.55 -5.91
N SER F 166 -2.40 69.31 -6.36
CA SER F 166 -1.25 68.43 -6.52
C SER F 166 -0.36 68.87 -7.68
N ARG F 167 -0.97 69.24 -8.80
CA ARG F 167 -0.23 69.57 -10.01
C ARG F 167 0.57 70.87 -9.82
N LEU F 168 0.02 71.80 -9.04
CA LEU F 168 0.73 73.03 -8.76
C LEU F 168 1.94 72.78 -7.88
N ASN F 169 1.86 71.76 -7.02
CA ASN F 169 2.97 71.43 -6.14
C ASN F 169 4.03 70.53 -6.76
N ARG F 170 3.78 69.98 -7.94
CA ARG F 170 4.85 69.30 -8.65
C ARG F 170 5.60 70.33 -9.46
N GLN F 171 4.88 71.35 -9.90
CA GLN F 171 5.47 72.43 -10.68
C GLN F 171 6.35 73.32 -9.81
N LYS F 172 5.85 73.63 -8.61
CA LYS F 172 6.56 74.53 -7.70
C LYS F 172 7.89 73.97 -7.20
N ILE F 173 7.96 72.65 -7.06
CA ILE F 173 9.18 72.01 -6.56
C ILE F 173 10.22 71.78 -7.66
N GLU F 174 9.77 71.60 -8.90
CA GLU F 174 10.72 71.43 -10.00
C GLU F 174 11.39 72.74 -10.39
N SER F 175 12.65 72.63 -10.82
CA SER F 175 13.37 73.79 -11.34
C SER F 175 13.21 73.84 -12.85
N VAL F 176 12.42 72.90 -13.38
CA VAL F 176 12.12 72.81 -14.82
C VAL F 176 13.37 72.55 -15.65
C1 NAG G . -16.88 13.24 -21.26
C2 NAG G . -15.88 14.34 -20.92
C3 NAG G . -16.56 15.71 -20.93
C4 NAG G . -17.34 15.93 -22.22
C5 NAG G . -18.27 14.75 -22.49
C6 NAG G . -18.96 14.82 -23.83
C7 NAG G . -14.02 13.62 -19.48
C8 NAG G . -13.55 13.42 -18.07
N2 NAG G . -15.26 14.09 -19.62
O3 NAG G . -15.58 16.72 -20.76
O4 NAG G . -18.13 17.11 -22.03
O5 NAG G . -17.51 13.53 -22.49
O6 NAG G . -20.36 14.60 -23.70
O7 NAG G . -13.31 13.35 -20.44
C1 NAG G . -18.13 18.07 -23.10
C2 NAG G . -19.30 18.98 -22.78
C3 NAG G . -19.45 20.04 -23.86
C4 NAG G . -18.14 20.79 -24.06
C5 NAG G . -17.00 19.80 -24.32
C6 NAG G . -15.65 20.47 -24.40
C7 NAG G . -21.07 17.93 -21.44
C8 NAG G . -20.34 18.45 -20.24
N2 NAG G . -20.53 18.22 -22.63
O3 NAG G . -20.47 20.97 -23.48
O4 NAG G . -18.25 21.68 -25.17
O5 NAG G . -16.93 18.84 -23.25
O6 NAG G . -15.42 21.33 -23.31
O7 NAG G . -22.11 17.28 -21.34
C1 NAG H . -0.25 42.21 -36.31
C2 NAG H . 0.03 43.15 -37.47
C3 NAG H . 1.01 42.51 -38.44
C4 NAG H . 2.29 42.09 -37.72
C5 NAG H . 1.93 41.18 -36.54
C6 NAG H . 3.12 40.82 -35.69
C7 NAG H . -1.57 44.81 -38.31
C8 NAG H . -2.87 45.01 -39.03
N2 NAG H . -1.20 43.53 -38.15
O3 NAG H . 1.33 43.45 -39.48
O4 NAG H . 3.15 41.42 -38.63
O5 NAG H . 0.98 41.83 -35.68
O6 NAG H . 2.73 40.34 -34.40
O7 NAG H . -0.90 45.74 -37.88
C1 NAG H . 4.45 42.00 -38.63
C2 NAG H . 5.46 40.90 -38.97
C3 NAG H . 6.88 41.45 -38.92
C4 NAG H . 7.00 42.69 -39.81
C5 NAG H . 5.91 43.71 -39.46
C6 NAG H . 5.90 44.89 -40.41
C7 NAG H . 5.24 38.51 -38.47
C8 NAG H . 5.08 37.47 -37.40
N2 NAG H . 5.31 39.78 -38.05
O3 NAG H . 7.79 40.46 -39.36
O4 NAG H . 8.28 43.29 -39.63
O5 NAG H . 4.62 43.10 -39.54
O6 NAG H . 5.39 46.06 -39.79
O7 NAG H . 5.28 38.21 -39.66
C1 NAG I . 25.31 13.66 -9.28
C2 NAG I . 26.39 14.77 -8.97
C3 NAG I . 26.43 15.86 -10.08
C4 NAG I . 26.03 15.38 -11.47
C5 NAG I . 24.96 14.30 -11.42
C6 NAG I . 24.74 13.62 -12.75
C7 NAG I . 26.88 16.43 -7.20
C8 NAG I . 26.48 16.94 -5.85
N2 NAG I . 26.16 15.40 -7.67
O3 NAG I . 27.76 16.39 -10.15
O4 NAG I . 25.49 16.49 -12.19
O5 NAG I . 25.41 13.28 -10.54
O6 NAG I . 25.43 12.37 -12.78
O7 NAG I . 27.82 16.93 -7.82
C1 NAG I . 26.10 17.75 -12.45
C2 NAG I . 26.05 18.12 -13.93
C3 NAG I . 27.23 19.00 -14.29
C4 NAG I . 27.28 20.21 -13.37
C5 NAG I . 27.27 19.76 -11.92
C6 NAG I . 27.23 20.92 -10.94
C7 NAG I . 25.39 16.89 -15.95
C8 NAG I . 25.45 15.59 -16.69
N2 NAG I . 26.02 16.93 -14.78
O3 NAG I . 27.11 19.44 -15.65
O4 NAG I . 28.46 20.98 -13.62
O5 NAG I . 26.12 18.95 -11.67
O6 NAG I . 28.36 21.75 -11.07
O7 NAG I . 24.81 17.87 -16.41
C1 NAG J . 18.52 24.90 10.39
C2 NAG J . 20.02 25.04 10.14
C3 NAG J . 20.82 24.01 10.95
C4 NAG J . 20.39 24.02 12.42
C5 NAG J . 18.88 23.91 12.53
C6 NAG J . 18.38 24.06 13.95
C7 NAG J . 20.28 24.04 7.82
C8 NAG J . 19.64 22.74 8.27
N2 NAG J . 20.40 25.02 8.73
O3 NAG J . 22.21 24.31 10.84
O4 NAG J . 20.91 22.87 13.08
O5 NAG J . 18.25 24.96 11.77
O6 NAG J . 18.57 22.87 14.70
O7 NAG J . 20.66 24.19 6.66
C1 NAG J . 22.20 23.02 13.65
C2 NAG J . 22.30 21.89 14.66
C3 NAG J . 22.95 20.67 14.00
C4 NAG J . 24.39 20.98 13.61
C5 NAG J . 24.50 22.41 13.10
C6 NAG J . 25.46 22.56 11.93
C7 NAG J . 22.45 22.46 17.04
C8 NAG J . 20.96 22.23 17.09
N2 NAG J . 23.04 22.28 15.85
O3 NAG J . 22.19 20.30 12.86
O4 NAG J . 25.24 20.80 14.73
O5 NAG J . 23.22 22.86 12.62
O6 NAG J . 25.09 23.63 11.09
O7 NAG J . 23.09 22.78 18.03
C1 NAG K . -15.14 55.21 3.08
C2 NAG K . -16.08 55.37 4.28
C3 NAG K . -16.99 56.56 4.08
C4 NAG K . -16.16 57.84 4.05
C5 NAG K . -14.92 57.67 3.17
C6 NAG K . -13.63 57.64 3.95
C7 NAG K . -16.80 53.45 5.63
C8 NAG K . -15.91 54.00 6.71
N2 NAG K . -16.85 54.15 4.49
O3 NAG K . -17.93 56.63 5.14
O4 NAG K . -16.93 58.90 3.50
O5 NAG K . -15.02 56.48 2.38
O6 NAG K . -13.60 58.64 4.97
O7 NAG K . -17.45 52.42 5.79
C1 NAG K . -16.63 60.03 4.33
C2 NAG K . -17.51 61.25 3.84
C3 NAG K . -18.62 61.75 4.82
C4 NAG K . -18.49 61.26 6.27
C5 NAG K . -17.08 60.83 6.53
C6 NAG K . -16.89 60.34 7.94
C7 NAG K . -16.54 62.59 2.04
C8 NAG K . -15.68 63.76 1.68
N2 NAG K . -16.70 62.35 3.35
O3 NAG K . -19.90 61.41 4.29
O4 NAG K . -18.85 62.23 7.24
O5 NAG K . -16.88 59.71 5.67
O6 NAG K . -18.00 59.59 8.40
O7 NAG K . -17.08 61.89 1.18
C1 NAG K . -19.67 63.30 6.75
C2 NAG K . -21.00 63.36 7.49
C3 NAG K . -20.91 64.26 8.73
C4 NAG K . -19.46 64.37 9.21
C5 NAG K . -18.60 65.01 8.12
C6 NAG K . -17.13 64.67 8.24
C7 NAG K . -22.12 65.04 6.05
C8 NAG K . -23.30 65.29 5.16
N2 NAG K . -22.08 63.81 6.60
O3 NAG K . -21.71 63.74 9.78
O4 NAG K . -19.40 65.17 10.38
O5 NAG K . -19.03 64.59 6.80
O6 NAG K . -16.33 65.60 7.51
O7 NAG K . -21.27 65.88 6.25
C1 NAG L . -29.31 34.08 -17.99
C2 NAG L . -29.53 35.43 -17.28
C3 NAG L . -29.31 36.59 -18.27
C4 NAG L . -30.29 36.49 -19.44
C5 NAG L . -30.48 35.03 -19.85
C6 NAG L . -30.61 34.82 -21.34
C7 NAG L . -31.14 36.02 -15.51
C8 NAG L . -32.58 36.00 -15.10
N2 NAG L . -30.88 35.50 -16.72
O3 NAG L . -27.98 36.58 -18.76
O4 NAG L . -31.54 37.07 -19.07
O5 NAG L . -29.34 34.27 -19.41
O6 NAG L . -29.49 35.31 -22.05
O7 NAG L . -30.25 36.47 -14.79
C1 NAG M . -20.84 24.68 1.06
C2 NAG M . -21.25 25.11 2.46
C3 NAG M . -21.44 23.88 3.35
C4 NAG M . -21.86 22.65 2.53
C5 NAG M . -22.61 23.00 1.25
C6 NAG M . -24.03 23.50 1.48
C7 NAG M . -18.99 25.76 3.25
C8 NAG M . -18.18 26.87 3.85
N2 NAG M . -20.29 26.03 3.04
O3 NAG M . -22.41 24.16 4.35
O4 NAG M . -20.73 21.83 2.24
O5 NAG M . -21.93 23.97 0.43
O6 NAG M . -24.75 22.67 2.38
O7 NAG M . -18.49 24.68 2.96
C1 NAG N . 1.01 -41.63 -20.91
C2 NAG N . 2.20 -42.52 -20.56
C3 NAG N . 3.40 -42.16 -21.45
C4 NAG N . 3.01 -42.25 -22.92
C5 NAG N . 1.79 -41.38 -23.19
C6 NAG N . 1.24 -41.57 -24.60
C7 NAG N . 2.38 -43.42 -18.28
C8 NAG N . 1.75 -44.67 -18.83
N2 NAG N . 2.56 -42.42 -19.16
O3 NAG N . 4.47 -43.05 -21.17
O4 NAG N . 4.09 -41.81 -23.74
O5 NAG N . 0.72 -41.74 -22.30
O6 NAG N . 1.58 -40.47 -25.44
O7 NAG N . 2.69 -43.31 -17.11
C1 NAG O . 26.75 23.92 -26.06
C2 NAG O . 27.53 22.67 -26.44
C3 NAG O . 29.02 22.88 -26.19
C4 NAG O . 29.26 23.49 -24.81
C5 NAG O . 28.46 24.77 -24.63
C6 NAG O . 29.31 26.00 -24.45
C7 NAG O . 26.84 20.32 -26.27
C8 NAG O . 26.34 19.23 -25.37
N2 NAG O . 27.05 21.51 -25.70
O3 NAG O . 29.57 23.74 -27.19
O4 NAG O . 28.90 22.56 -23.80
O5 NAG O . 27.64 24.98 -25.79
O6 NAG O . 30.30 26.10 -25.47
O7 NAG O . 27.04 20.13 -27.47
C1 NAG P . 6.61 14.96 -26.68
C2 NAG P . 6.00 14.44 -27.99
C3 NAG P . 6.25 12.95 -28.13
C4 NAG P . 7.75 12.68 -28.22
C5 NAG P . 8.47 13.27 -27.02
C6 NAG P . 9.57 14.26 -27.39
C7 NAG P . 4.00 15.43 -29.02
C8 NAG P . 2.51 15.62 -28.90
N2 NAG P . 4.58 14.72 -28.04
O3 NAG P . 5.61 12.47 -29.30
O4 NAG P . 8.00 11.28 -28.27
O5 NAG P . 7.57 13.94 -26.12
O6 NAG P . 10.83 13.62 -27.42
O7 NAG P . 4.63 15.89 -29.97
C1 NAG Q . 22.24 -30.41 26.71
C2 NAG Q . 21.41 -31.12 27.79
C3 NAG Q . 21.13 -30.17 28.95
C4 NAG Q . 22.43 -29.55 29.46
C5 NAG Q . 23.15 -28.90 28.29
C6 NAG Q . 24.47 -28.30 28.70
C7 NAG Q . 19.73 -32.88 27.49
C8 NAG Q . 18.43 -33.25 26.87
N2 NAG Q . 20.17 -31.63 27.25
O3 NAG Q . 20.52 -30.93 29.99
O4 NAG Q . 22.17 -28.61 30.49
O5 NAG Q . 23.41 -29.88 27.29
O6 NAG Q . 24.32 -26.90 28.85
O7 NAG Q . 20.38 -33.68 28.17
C1 NAG R . 7.78 37.28 23.08
C2 NAG R . 6.28 36.94 23.21
C3 NAG R . 6.04 35.72 24.11
C4 NAG R . 6.94 34.56 23.70
C5 NAG R . 8.38 35.03 23.69
C6 NAG R . 9.36 33.96 23.23
C7 NAG R . 5.45 38.76 24.79
C8 NAG R . 6.44 38.34 25.85
N2 NAG R . 5.44 38.08 23.62
O3 NAG R . 4.67 35.33 24.06
O4 NAG R . 6.80 33.47 24.61
O5 NAG R . 8.51 36.11 22.76
O6 NAG R . 10.16 34.44 22.16
O7 NAG R . 4.67 39.69 24.99
C1 NAG S . -30.35 -30.10 20.67
C2 NAG S . -31.39 -29.01 20.43
C3 NAG S . -32.00 -29.15 19.03
C4 NAG S . -32.22 -30.61 18.66
C5 NAG S . -30.95 -31.45 18.87
C6 NAG S . -30.38 -32.03 17.60
C7 NAG S . -33.13 -27.98 21.84
C8 NAG S . -34.15 -28.22 22.91
N2 NAG S . -32.41 -29.05 21.46
O3 NAG S . -31.18 -28.51 18.07
O4 NAG S . -33.28 -31.17 19.43
O5 NAG S . -29.93 -30.62 19.43
O6 NAG S . -29.30 -32.89 17.87
O7 NAG S . -32.96 -26.88 21.33
#